data_2OVL
#
_entry.id   2OVL
#
_cell.length_a   177.603
_cell.length_b   177.603
_cell.length_c   111.812
_cell.angle_alpha   90.00
_cell.angle_beta   90.00
_cell.angle_gamma   90.00
#
_symmetry.space_group_name_H-M   'P 4 21 2'
#
loop_
_entity.id
_entity.type
_entity.pdbx_description
1 polymer 'Putative racemase'
2 non-polymer 'SODIUM ION'
3 water water
#
_entity_poly.entity_id   1
_entity_poly.type   'polypeptide(L)'
_entity_poly.pdbx_seq_one_letter_code
;(MSE)SLIERVRTDLYRIPLPTRLTDSTHGA(MSE)(MSE)DFELITVRIEDSDGATGLGYTYTVNHGGAAVAT(MSE)V
DKDLRGCLLGADAEQIEKIWQS(MSE)WWRLHYAGRGGHATSAISAVDIALWDLKGIRARTPLWKLFGGYDPVVPVYAGG
IDLELPVADLKTQADRFLAGGFRAIK(MSE)KVGRPDLKEDVDRVSALREHLGDSFPL(MSE)VDAN(MSE)KWTVDGAI
RAARALAPFDLHWIEEPTIPDDLVGNARIVRESGHTIAGGENLHTLYDFHNAVRAGSLTLPEPDVSNIGGYTTFRKVAAL
AEANN(MSE)LLTSHGVHDLTVHALASVPHRTY(MSE)EAHGFGLHAY(MSE)AEP(MSE)AVTDGCVSAPDRPGHGVVL
DFERLGRLAVGEGHHHHHH
;
_entity_poly.pdbx_strand_id   A,B,C,D
#
loop_
_chem_comp.id
_chem_comp.type
_chem_comp.name
_chem_comp.formula
NA non-polymer 'SODIUM ION' 'Na 1'
#
# COMPACT_ATOMS: atom_id res chain seq x y z
N LEU A 3 -35.52 8.28 8.55
CA LEU A 3 -34.40 9.23 8.84
C LEU A 3 -33.05 8.54 8.76
N ILE A 4 -32.06 9.27 8.25
CA ILE A 4 -30.71 8.75 8.12
C ILE A 4 -30.00 8.89 9.46
N GLU A 5 -29.46 7.80 9.97
CA GLU A 5 -28.79 7.85 11.26
C GLU A 5 -27.27 7.70 11.20
N ARG A 6 -26.77 7.11 10.12
CA ARG A 6 -25.33 6.93 9.98
C ARG A 6 -24.85 6.94 8.55
N VAL A 7 -23.71 7.58 8.33
CA VAL A 7 -23.09 7.65 7.02
C VAL A 7 -21.62 7.26 7.16
N ARG A 8 -21.24 6.13 6.57
CA ARG A 8 -19.86 5.67 6.63
C ARG A 8 -19.14 5.81 5.30
N THR A 9 -18.04 6.57 5.29
CA THR A 9 -17.27 6.76 4.08
C THR A 9 -15.92 6.03 4.21
N ASP A 10 -15.55 5.30 3.17
CA ASP A 10 -14.28 4.58 3.19
C ASP A 10 -13.55 4.73 1.87
N LEU A 11 -12.23 4.82 1.95
CA LEU A 11 -11.37 4.98 0.78
C LEU A 11 -10.40 3.82 0.63
N TYR A 12 -10.47 3.14 -0.51
CA TYR A 12 -9.58 2.00 -0.77
C TYR A 12 -8.80 2.19 -2.06
N ARG A 13 -7.63 1.56 -2.12
CA ARG A 13 -6.79 1.62 -3.29
C ARG A 13 -6.72 0.21 -3.84
N ILE A 14 -7.58 -0.10 -4.80
CA ILE A 14 -7.61 -1.42 -5.39
C ILE A 14 -6.55 -1.52 -6.48
N PRO A 15 -5.65 -2.51 -6.35
CA PRO A 15 -4.59 -2.69 -7.34
C PRO A 15 -5.12 -3.44 -8.56
N LEU A 16 -4.64 -3.05 -9.74
CA LEU A 16 -5.06 -3.70 -10.97
C LEU A 16 -4.18 -4.92 -11.22
N PRO A 17 -4.79 -6.03 -11.66
CA PRO A 17 -4.06 -7.28 -11.94
C PRO A 17 -2.97 -7.12 -13.01
N THR A 18 -3.19 -6.16 -13.91
CA THR A 18 -2.25 -5.88 -14.98
C THR A 18 -2.15 -4.38 -15.14
N ARG A 19 -1.05 -3.90 -15.72
CA ARG A 19 -0.90 -2.47 -15.92
C ARG A 19 -1.66 -2.03 -17.16
N LEU A 20 -2.84 -1.48 -16.93
CA LEU A 20 -3.70 -1.00 -18.00
C LEU A 20 -3.18 0.35 -18.49
N THR A 21 -3.43 0.67 -19.75
CA THR A 21 -2.96 1.93 -20.31
C THR A 21 -3.88 2.51 -21.39
N ASP A 22 -3.96 3.84 -21.42
CA ASP A 22 -4.75 4.53 -22.44
C ASP A 22 -3.89 5.71 -22.91
N SER A 23 -4.42 6.48 -23.85
CA SER A 23 -3.67 7.62 -24.40
C SER A 23 -3.51 8.83 -23.49
N THR A 24 -4.39 8.99 -22.51
CA THR A 24 -4.34 10.15 -21.63
C THR A 24 -3.67 10.00 -20.26
N HIS A 25 -3.90 8.89 -19.58
CA HIS A 25 -3.30 8.66 -18.27
C HIS A 25 -2.74 7.25 -18.12
N GLY A 26 -2.50 6.62 -19.27
CA GLY A 26 -1.97 5.27 -19.32
C GLY A 26 -1.52 4.59 -18.04
N ALA A 27 -0.56 5.16 -17.34
CA ALA A 27 0.01 4.57 -16.14
C ALA A 27 -1.07 4.29 -15.09
N MSE A 28 -1.76 3.16 -15.21
CA MSE A 28 -2.77 2.76 -14.24
C MSE A 28 -2.38 1.46 -13.57
O MSE A 28 -2.48 0.38 -14.16
CB MSE A 28 -4.13 2.62 -14.90
CG MSE A 28 -4.73 3.93 -15.32
SE MSE A 28 -6.33 3.68 -16.33
CE MSE A 28 -5.58 3.81 -18.11
N MSE A 29 -1.93 1.57 -12.33
CA MSE A 29 -1.51 0.42 -11.54
C MSE A 29 -2.57 0.12 -10.49
O MSE A 29 -2.67 -1.00 -10.00
CB MSE A 29 -0.17 0.75 -10.88
CG MSE A 29 -0.15 2.11 -10.19
SE MSE A 29 1.63 2.88 -10.08
CE MSE A 29 2.07 2.43 -8.24
N ASP A 30 -3.37 1.14 -10.17
CA ASP A 30 -4.40 0.99 -9.17
C ASP A 30 -5.42 2.13 -9.28
N PHE A 31 -6.60 1.92 -8.72
CA PHE A 31 -7.62 2.94 -8.75
C PHE A 31 -8.19 3.11 -7.35
N GLU A 32 -8.66 4.32 -7.05
CA GLU A 32 -9.21 4.64 -5.75
C GLU A 32 -10.71 4.37 -5.73
N LEU A 33 -11.17 3.72 -4.67
CA LEU A 33 -12.58 3.39 -4.50
C LEU A 33 -13.12 4.08 -3.28
N ILE A 34 -14.21 4.82 -3.45
CA ILE A 34 -14.85 5.50 -2.32
C ILE A 34 -16.22 4.85 -2.16
N THR A 35 -16.44 4.22 -1.02
CA THR A 35 -17.71 3.57 -0.73
C THR A 35 -18.47 4.42 0.26
N VAL A 36 -19.79 4.40 0.16
CA VAL A 36 -20.64 5.15 1.06
C VAL A 36 -21.75 4.22 1.53
N ARG A 37 -21.85 4.06 2.85
CA ARG A 37 -22.89 3.21 3.44
C ARG A 37 -23.81 4.09 4.28
N ILE A 38 -25.09 4.11 3.90
CA ILE A 38 -26.08 4.93 4.58
C ILE A 38 -27.10 4.09 5.31
N GLU A 39 -27.20 4.29 6.62
CA GLU A 39 -28.12 3.53 7.46
C GLU A 39 -29.30 4.37 7.91
N ASP A 40 -30.51 3.86 7.72
CA ASP A 40 -31.68 4.61 8.17
C ASP A 40 -32.09 4.15 9.58
N SER A 41 -33.12 4.80 10.13
CA SER A 41 -33.59 4.50 11.47
C SER A 41 -34.16 3.09 11.67
N ASP A 42 -34.36 2.35 10.59
CA ASP A 42 -34.88 0.99 10.72
C ASP A 42 -33.77 -0.03 10.57
N GLY A 43 -32.52 0.45 10.53
CA GLY A 43 -31.38 -0.44 10.43
C GLY A 43 -30.98 -0.89 9.04
N ALA A 44 -31.75 -0.50 8.02
CA ALA A 44 -31.40 -0.88 6.66
C ALA A 44 -30.22 -0.01 6.21
N THR A 45 -29.28 -0.60 5.47
CA THR A 45 -28.12 0.12 4.99
C THR A 45 -27.99 0.08 3.48
N GLY A 46 -27.85 1.24 2.86
CA GLY A 46 -27.71 1.32 1.42
C GLY A 46 -26.25 1.51 1.07
N LEU A 47 -25.83 0.87 -0.02
CA LEU A 47 -24.46 0.96 -0.48
C LEU A 47 -24.33 1.77 -1.76
N GLY A 48 -23.31 2.61 -1.81
CA GLY A 48 -23.05 3.41 -2.99
C GLY A 48 -21.53 3.56 -3.09
N TYR A 49 -21.03 3.73 -4.30
CA TYR A 49 -19.60 3.92 -4.47
C TYR A 49 -19.24 4.56 -5.80
N THR A 50 -18.07 5.20 -5.81
CA THR A 50 -17.55 5.85 -7.01
C THR A 50 -16.04 5.60 -6.98
N TYR A 51 -15.34 6.02 -8.02
CA TYR A 51 -13.90 5.81 -8.06
C TYR A 51 -13.21 6.86 -8.91
N THR A 52 -11.89 6.86 -8.87
CA THR A 52 -11.08 7.77 -9.67
C THR A 52 -9.92 6.93 -10.14
N VAL A 53 -9.12 7.46 -11.06
CA VAL A 53 -7.97 6.73 -11.53
C VAL A 53 -6.72 7.44 -11.05
N ASN A 54 -5.98 6.78 -10.17
CA ASN A 54 -4.74 7.32 -9.65
C ASN A 54 -4.81 8.55 -8.74
N HIS A 55 -5.73 9.48 -8.99
CA HIS A 55 -5.80 10.69 -8.14
C HIS A 55 -7.19 11.22 -7.82
N GLY A 56 -7.26 12.01 -6.75
CA GLY A 56 -8.52 12.62 -6.34
C GLY A 56 -9.41 11.81 -5.43
N GLY A 57 -9.01 10.57 -5.13
CA GLY A 57 -9.83 9.72 -4.28
C GLY A 57 -10.07 10.30 -2.90
N ALA A 58 -9.00 10.73 -2.23
CA ALA A 58 -9.12 11.30 -0.89
C ALA A 58 -10.00 12.55 -0.89
N ALA A 59 -9.90 13.34 -1.95
CA ALA A 59 -10.71 14.55 -2.06
C ALA A 59 -12.19 14.18 -2.11
N VAL A 60 -12.53 13.19 -2.92
CA VAL A 60 -13.92 12.75 -3.04
C VAL A 60 -14.44 12.24 -1.70
N ALA A 61 -13.66 11.37 -1.06
CA ALA A 61 -14.04 10.80 0.23
C ALA A 61 -14.25 11.91 1.24
N THR A 62 -13.42 12.94 1.17
CA THR A 62 -13.50 14.08 2.09
C THR A 62 -14.78 14.89 1.88
N MSE A 63 -15.21 15.01 0.62
CA MSE A 63 -16.43 15.75 0.32
C MSE A 63 -17.62 15.02 0.92
O MSE A 63 -18.50 15.65 1.52
CB MSE A 63 -16.59 15.90 -1.18
CG MSE A 63 -15.49 16.70 -1.82
SE MSE A 63 -15.68 16.82 -3.72
CE MSE A 63 -15.72 14.96 -4.16
N VAL A 64 -17.66 13.71 0.77
CA VAL A 64 -18.77 12.95 1.35
C VAL A 64 -18.75 13.11 2.87
N ASP A 65 -17.63 12.74 3.49
CA ASP A 65 -17.48 12.77 4.94
C ASP A 65 -17.59 14.13 5.63
N LYS A 66 -16.96 15.17 5.09
CA LYS A 66 -17.01 16.47 5.73
C LYS A 66 -18.09 17.42 5.22
N ASP A 67 -18.44 17.32 3.95
CA ASP A 67 -19.43 18.23 3.38
C ASP A 67 -20.85 17.68 3.25
N LEU A 68 -21.01 16.54 2.60
CA LEU A 68 -22.35 15.99 2.40
C LEU A 68 -23.00 15.34 3.62
N ARG A 69 -22.18 14.81 4.52
CA ARG A 69 -22.69 14.18 5.73
C ARG A 69 -23.78 15.01 6.40
N GLY A 70 -23.52 16.32 6.53
CA GLY A 70 -24.47 17.22 7.14
C GLY A 70 -25.81 17.38 6.42
N CYS A 71 -25.87 17.00 5.15
CA CYS A 71 -27.12 17.08 4.40
C CYS A 71 -27.89 15.77 4.57
N LEU A 72 -27.19 14.77 5.07
CA LEU A 72 -27.78 13.45 5.22
C LEU A 72 -28.31 13.10 6.60
N LEU A 73 -27.46 13.26 7.62
CA LEU A 73 -27.85 12.93 8.98
C LEU A 73 -29.10 13.67 9.42
N GLY A 74 -30.12 12.92 9.82
CA GLY A 74 -31.37 13.53 10.25
C GLY A 74 -32.36 13.82 9.14
N ALA A 75 -31.97 13.57 7.89
CA ALA A 75 -32.88 13.81 6.78
C ALA A 75 -33.62 12.54 6.43
N ASP A 76 -34.79 12.68 5.81
CA ASP A 76 -35.57 11.51 5.42
C ASP A 76 -34.96 10.96 4.14
N ALA A 77 -34.40 9.75 4.22
CA ALA A 77 -33.76 9.13 3.06
C ALA A 77 -34.70 8.85 1.89
N GLU A 78 -36.00 8.86 2.14
CA GLU A 78 -36.97 8.57 1.08
C GLU A 78 -37.12 9.75 0.11
N GLN A 79 -36.65 10.93 0.50
CA GLN A 79 -36.72 12.11 -0.35
C GLN A 79 -35.38 12.29 -1.07
N ILE A 80 -35.10 11.38 -2.00
CA ILE A 80 -33.84 11.40 -2.74
C ILE A 80 -33.58 12.67 -3.56
N GLU A 81 -34.60 13.12 -4.29
CA GLU A 81 -34.45 14.32 -5.12
C GLU A 81 -34.15 15.53 -4.24
N LYS A 82 -34.87 15.63 -3.12
CA LYS A 82 -34.66 16.73 -2.20
C LYS A 82 -33.22 16.69 -1.69
N ILE A 83 -32.74 15.50 -1.35
CA ILE A 83 -31.36 15.38 -0.85
C ILE A 83 -30.36 15.73 -1.96
N TRP A 84 -30.61 15.25 -3.17
CA TRP A 84 -29.73 15.52 -4.30
C TRP A 84 -29.53 17.03 -4.48
N GLN A 85 -30.63 17.77 -4.50
CA GLN A 85 -30.54 19.21 -4.68
C GLN A 85 -29.79 19.88 -3.53
N SER A 86 -30.03 19.42 -2.30
CA SER A 86 -29.33 20.02 -1.17
C SER A 86 -27.83 19.79 -1.29
N MSE A 87 -27.43 18.62 -1.78
CA MSE A 87 -26.02 18.29 -1.93
C MSE A 87 -25.39 19.08 -3.08
O MSE A 87 -24.26 19.57 -2.96
CB MSE A 87 -25.84 16.80 -2.18
CG MSE A 87 -26.03 15.97 -0.92
SE MSE A 87 -25.69 14.11 -1.20
CE MSE A 87 -24.32 14.20 -2.51
N TRP A 88 -26.13 19.21 -4.18
CA TRP A 88 -25.67 19.97 -5.33
C TRP A 88 -25.37 21.40 -4.89
N TRP A 89 -26.28 22.00 -4.14
CA TRP A 89 -26.06 23.36 -3.67
C TRP A 89 -25.05 23.48 -2.54
N ARG A 90 -24.89 22.43 -1.75
CA ARG A 90 -23.91 22.47 -0.68
C ARG A 90 -22.48 22.58 -1.22
N LEU A 91 -22.21 21.91 -2.33
CA LEU A 91 -20.88 21.96 -2.94
C LEU A 91 -20.86 22.80 -4.22
N HIS A 92 -21.85 23.68 -4.38
CA HIS A 92 -21.92 24.50 -5.58
C HIS A 92 -20.80 25.53 -5.70
N TYR A 93 -20.52 26.22 -4.61
CA TYR A 93 -19.44 27.21 -4.63
C TYR A 93 -18.15 26.48 -4.98
N ALA A 94 -17.51 26.88 -6.08
CA ALA A 94 -16.28 26.26 -6.56
C ALA A 94 -16.51 24.87 -7.12
N GLY A 95 -17.75 24.40 -7.06
CA GLY A 95 -18.08 23.08 -7.57
C GLY A 95 -18.81 23.13 -8.91
N ARG A 96 -20.10 22.79 -8.90
CA ARG A 96 -20.92 22.81 -10.11
C ARG A 96 -20.17 22.07 -11.22
N GLY A 97 -19.88 20.80 -10.95
CA GLY A 97 -19.13 19.96 -11.85
C GLY A 97 -17.94 19.48 -11.04
N GLY A 98 -17.01 18.76 -11.68
CA GLY A 98 -15.84 18.29 -10.94
C GLY A 98 -16.07 17.14 -9.98
N HIS A 99 -15.10 16.91 -9.10
CA HIS A 99 -15.16 15.82 -8.12
C HIS A 99 -16.40 15.80 -7.24
N ALA A 100 -17.01 16.95 -7.00
CA ALA A 100 -18.22 17.02 -6.19
C ALA A 100 -19.34 16.15 -6.75
N THR A 101 -19.40 16.01 -8.08
CA THR A 101 -20.45 15.21 -8.70
C THR A 101 -20.26 13.72 -8.47
N SER A 102 -19.01 13.28 -8.27
CA SER A 102 -18.72 11.87 -8.00
C SER A 102 -19.14 11.57 -6.56
N ALA A 103 -18.87 12.52 -5.66
CA ALA A 103 -19.24 12.38 -4.26
C ALA A 103 -20.75 12.25 -4.19
N ILE A 104 -21.44 13.09 -4.96
CA ILE A 104 -22.90 13.08 -4.98
C ILE A 104 -23.44 11.77 -5.55
N SER A 105 -22.77 11.27 -6.59
CA SER A 105 -23.18 10.02 -7.21
C SER A 105 -23.18 8.85 -6.22
N ALA A 106 -22.10 8.74 -5.43
CA ALA A 106 -21.98 7.67 -4.44
C ALA A 106 -23.13 7.71 -3.44
N VAL A 107 -23.42 8.90 -2.93
CA VAL A 107 -24.51 9.09 -1.99
C VAL A 107 -25.85 8.74 -2.65
N ASP A 108 -26.10 9.33 -3.82
CA ASP A 108 -27.34 9.10 -4.56
C ASP A 108 -27.59 7.60 -4.76
N ILE A 109 -26.55 6.90 -5.20
CA ILE A 109 -26.61 5.47 -5.44
C ILE A 109 -27.00 4.71 -4.17
N ALA A 110 -26.46 5.13 -3.03
CA ALA A 110 -26.76 4.48 -1.75
C ALA A 110 -28.21 4.74 -1.34
N LEU A 111 -28.71 5.94 -1.63
CA LEU A 111 -30.08 6.28 -1.27
C LEU A 111 -31.07 5.46 -2.10
N TRP A 112 -30.77 5.24 -3.37
CA TRP A 112 -31.66 4.44 -4.20
C TRP A 112 -31.62 2.98 -3.74
N ASP A 113 -30.44 2.51 -3.38
CA ASP A 113 -30.25 1.14 -2.91
C ASP A 113 -31.17 0.96 -1.70
N LEU A 114 -31.13 1.96 -0.82
CA LEU A 114 -31.92 1.97 0.41
C LEU A 114 -33.42 1.98 0.08
N LYS A 115 -33.81 2.76 -0.92
CA LYS A 115 -35.22 2.81 -1.30
C LYS A 115 -35.67 1.46 -1.85
N GLY A 116 -34.80 0.80 -2.61
CA GLY A 116 -35.13 -0.49 -3.18
C GLY A 116 -35.25 -1.58 -2.14
N ILE A 117 -34.38 -1.50 -1.14
CA ILE A 117 -34.40 -2.46 -0.05
C ILE A 117 -35.71 -2.33 0.72
N ARG A 118 -36.06 -1.10 1.11
CA ARG A 118 -37.30 -0.88 1.84
C ARG A 118 -38.53 -1.30 1.03
N ALA A 119 -38.50 -1.07 -0.29
CA ALA A 119 -39.61 -1.44 -1.15
C ALA A 119 -39.53 -2.92 -1.53
N ARG A 120 -38.45 -3.57 -1.11
CA ARG A 120 -38.24 -4.97 -1.40
C ARG A 120 -38.32 -5.28 -2.89
N THR A 121 -37.62 -4.48 -3.70
CA THR A 121 -37.64 -4.68 -5.13
C THR A 121 -36.33 -4.25 -5.78
N PRO A 122 -35.88 -4.96 -6.83
CA PRO A 122 -34.62 -4.58 -7.49
C PRO A 122 -34.80 -3.22 -8.16
N LEU A 123 -33.73 -2.45 -8.26
CA LEU A 123 -33.82 -1.13 -8.86
C LEU A 123 -34.37 -1.06 -10.28
N TRP A 124 -34.02 -2.03 -11.13
CA TRP A 124 -34.51 -1.97 -12.50
C TRP A 124 -36.04 -1.98 -12.57
N LYS A 125 -36.69 -2.63 -11.61
CA LYS A 125 -38.15 -2.66 -11.57
C LYS A 125 -38.65 -1.38 -10.90
N LEU A 126 -37.93 -0.94 -9.88
CA LEU A 126 -38.31 0.28 -9.18
C LEU A 126 -38.31 1.47 -10.13
N PHE A 127 -37.36 1.49 -11.07
CA PHE A 127 -37.25 2.57 -12.05
C PHE A 127 -38.32 2.53 -13.14
N GLY A 128 -38.98 1.38 -13.30
CA GLY A 128 -39.99 1.26 -14.33
C GLY A 128 -39.99 -0.13 -14.91
N GLY A 129 -38.81 -0.66 -15.19
CA GLY A 129 -38.69 -2.00 -15.72
C GLY A 129 -38.88 -2.20 -17.22
N TYR A 130 -37.80 -2.51 -17.92
CA TYR A 130 -37.90 -2.74 -19.35
C TYR A 130 -37.53 -4.19 -19.69
N ASP A 131 -36.26 -4.53 -19.46
CA ASP A 131 -35.76 -5.87 -19.72
C ASP A 131 -34.48 -6.04 -18.91
N PRO A 132 -34.44 -7.02 -17.99
CA PRO A 132 -33.27 -7.26 -17.14
C PRO A 132 -32.04 -7.79 -17.86
N VAL A 133 -32.23 -8.32 -19.07
CA VAL A 133 -31.11 -8.84 -19.85
C VAL A 133 -30.52 -7.68 -20.65
N VAL A 134 -29.31 -7.27 -20.29
CA VAL A 134 -28.62 -6.15 -20.93
C VAL A 134 -27.38 -6.59 -21.70
N PRO A 135 -27.28 -6.21 -22.98
CA PRO A 135 -26.11 -6.57 -23.79
C PRO A 135 -24.89 -5.83 -23.25
N VAL A 136 -23.72 -6.46 -23.34
CA VAL A 136 -22.50 -5.82 -22.84
C VAL A 136 -21.33 -5.89 -23.81
N TYR A 137 -20.29 -5.12 -23.52
CA TYR A 137 -19.09 -5.15 -24.34
C TYR A 137 -17.92 -5.07 -23.37
N ALA A 138 -16.82 -5.73 -23.73
CA ALA A 138 -15.62 -5.73 -22.88
C ALA A 138 -14.79 -4.50 -23.19
N GLY A 139 -14.60 -3.66 -22.18
CA GLY A 139 -13.82 -2.45 -22.37
C GLY A 139 -12.36 -2.66 -21.98
N GLY A 140 -11.52 -2.95 -22.97
CA GLY A 140 -10.12 -3.17 -22.69
C GLY A 140 -9.35 -1.87 -22.53
N ILE A 141 -8.41 -1.86 -21.59
CA ILE A 141 -7.55 -0.69 -21.33
C ILE A 141 -6.19 -1.27 -21.74
N ASP A 142 -6.00 -1.33 -23.04
CA ASP A 142 -4.84 -1.97 -23.67
C ASP A 142 -4.04 -1.18 -24.69
N LEU A 143 -3.93 0.13 -24.57
CA LEU A 143 -3.20 0.88 -25.60
C LEU A 143 -1.76 0.43 -25.84
N GLU A 144 -1.02 0.17 -24.76
CA GLU A 144 0.37 -0.27 -24.87
C GLU A 144 0.53 -1.79 -24.95
N LEU A 145 -0.58 -2.49 -25.16
CA LEU A 145 -0.55 -3.94 -25.23
C LEU A 145 -0.10 -4.40 -26.61
N PRO A 146 0.88 -5.34 -26.66
CA PRO A 146 1.36 -5.83 -27.94
C PRO A 146 0.21 -6.48 -28.69
N VAL A 147 0.19 -6.29 -30.02
CA VAL A 147 -0.87 -6.85 -30.85
C VAL A 147 -1.15 -8.31 -30.54
N ALA A 148 -0.08 -9.07 -30.32
CA ALA A 148 -0.21 -10.50 -30.01
C ALA A 148 -1.05 -10.70 -28.75
N ASP A 149 -0.75 -9.93 -27.72
CA ASP A 149 -1.48 -10.04 -26.47
C ASP A 149 -2.88 -9.43 -26.60
N LEU A 150 -3.04 -8.52 -27.55
CA LEU A 150 -4.35 -7.89 -27.76
C LEU A 150 -5.31 -8.96 -28.26
N LYS A 151 -4.82 -9.82 -29.15
CA LYS A 151 -5.62 -10.90 -29.70
C LYS A 151 -5.92 -11.93 -28.63
N THR A 152 -4.94 -12.19 -27.78
CA THR A 152 -5.10 -13.15 -26.69
C THR A 152 -6.18 -12.63 -25.75
N GLN A 153 -6.07 -11.37 -25.38
CA GLN A 153 -7.03 -10.75 -24.48
C GLN A 153 -8.41 -10.91 -25.09
N ALA A 154 -8.50 -10.69 -26.39
CA ALA A 154 -9.77 -10.82 -27.10
C ALA A 154 -10.30 -12.24 -26.94
N ASP A 155 -9.42 -13.22 -27.07
CA ASP A 155 -9.83 -14.61 -26.93
C ASP A 155 -10.40 -14.84 -25.53
N ARG A 156 -9.82 -14.21 -24.53
CA ARG A 156 -10.32 -14.35 -23.16
C ARG A 156 -11.71 -13.71 -23.02
N PHE A 157 -11.92 -12.57 -23.68
CA PHE A 157 -13.22 -11.90 -23.61
C PHE A 157 -14.27 -12.82 -24.24
N LEU A 158 -13.90 -13.42 -25.37
CA LEU A 158 -14.79 -14.33 -26.07
C LEU A 158 -15.15 -15.51 -25.18
N ALA A 159 -14.13 -16.18 -24.66
CA ALA A 159 -14.35 -17.32 -23.78
C ALA A 159 -15.18 -16.89 -22.59
N GLY A 160 -15.06 -15.61 -22.22
CA GLY A 160 -15.82 -15.10 -21.09
C GLY A 160 -17.28 -14.79 -21.38
N GLY A 161 -17.70 -14.93 -22.62
CA GLY A 161 -19.09 -14.66 -22.97
C GLY A 161 -19.36 -13.39 -23.76
N PHE A 162 -18.37 -12.52 -23.87
CA PHE A 162 -18.52 -11.26 -24.60
C PHE A 162 -18.65 -11.42 -26.10
N ARG A 163 -19.59 -10.69 -26.69
CA ARG A 163 -19.81 -10.73 -28.13
C ARG A 163 -19.63 -9.34 -28.73
N ALA A 164 -18.84 -8.52 -28.05
CA ALA A 164 -18.55 -7.16 -28.48
C ALA A 164 -17.32 -6.74 -27.69
N ILE A 165 -16.37 -6.10 -28.35
CA ILE A 165 -15.14 -5.67 -27.69
C ILE A 165 -14.70 -4.26 -28.07
N LYS A 166 -14.20 -3.52 -27.10
CA LYS A 166 -13.68 -2.17 -27.32
C LYS A 166 -12.19 -2.20 -27.01
N MSE A 167 -11.39 -1.59 -27.89
CA MSE A 167 -9.95 -1.52 -27.71
C MSE A 167 -9.55 -0.05 -27.71
O MSE A 167 -10.30 0.80 -28.17
CB MSE A 167 -9.22 -2.26 -28.84
CG MSE A 167 -9.55 -1.71 -30.21
SE MSE A 167 -8.61 -2.63 -31.62
CE MSE A 167 -6.94 -1.65 -31.49
N LYS A 168 -8.36 0.25 -27.19
CA LYS A 168 -7.89 1.64 -27.14
C LYS A 168 -7.15 2.03 -28.41
N VAL A 169 -7.26 3.30 -28.78
CA VAL A 169 -6.54 3.84 -29.92
C VAL A 169 -5.98 5.16 -29.41
N GLY A 170 -5.26 5.87 -30.26
CA GLY A 170 -4.68 7.13 -29.82
C GLY A 170 -3.17 7.02 -29.67
N ARG A 171 -2.57 6.09 -30.42
CA ARG A 171 -1.11 5.92 -30.38
C ARG A 171 -0.50 7.15 -31.07
N PRO A 172 0.75 7.48 -30.73
CA PRO A 172 1.42 8.64 -31.33
C PRO A 172 1.32 8.66 -32.87
N ASP A 173 1.50 7.50 -33.48
CA ASP A 173 1.45 7.35 -34.94
C ASP A 173 0.14 6.66 -35.33
N LEU A 174 -0.69 7.33 -36.12
CA LEU A 174 -1.96 6.77 -36.56
C LEU A 174 -1.76 5.39 -37.18
N LYS A 175 -0.65 5.25 -37.91
CA LYS A 175 -0.30 3.99 -38.56
C LYS A 175 -0.38 2.80 -37.58
N GLU A 176 0.04 3.02 -36.35
CA GLU A 176 0.02 1.98 -35.34
C GLU A 176 -1.40 1.58 -34.94
N ASP A 177 -2.30 2.56 -34.86
CA ASP A 177 -3.69 2.27 -34.52
C ASP A 177 -4.32 1.51 -35.68
N VAL A 178 -4.01 1.95 -36.91
CA VAL A 178 -4.55 1.31 -38.11
C VAL A 178 -4.16 -0.17 -38.19
N ASP A 179 -2.92 -0.50 -37.85
CA ASP A 179 -2.47 -1.88 -37.92
C ASP A 179 -3.09 -2.73 -36.83
N ARG A 180 -3.24 -2.15 -35.63
CA ARG A 180 -3.83 -2.86 -34.51
C ARG A 180 -5.32 -3.12 -34.72
N VAL A 181 -6.05 -2.12 -35.19
CA VAL A 181 -7.49 -2.27 -35.43
C VAL A 181 -7.68 -3.29 -36.56
N SER A 182 -6.85 -3.18 -37.58
CA SER A 182 -6.90 -4.10 -38.72
C SER A 182 -6.65 -5.52 -38.23
N ALA A 183 -5.66 -5.68 -37.36
CA ALA A 183 -5.32 -6.99 -36.82
C ALA A 183 -6.46 -7.60 -36.01
N LEU A 184 -7.05 -6.80 -35.13
CA LEU A 184 -8.13 -7.30 -34.30
C LEU A 184 -9.40 -7.56 -35.09
N ARG A 185 -9.62 -6.79 -36.16
CA ARG A 185 -10.81 -6.96 -36.98
C ARG A 185 -10.76 -8.30 -37.72
N GLU A 186 -9.64 -8.60 -38.36
CA GLU A 186 -9.54 -9.87 -39.08
C GLU A 186 -9.54 -11.04 -38.10
N HIS A 187 -9.08 -10.78 -36.89
CA HIS A 187 -9.04 -11.81 -35.86
C HIS A 187 -10.44 -12.13 -35.35
N LEU A 188 -11.20 -11.09 -34.99
CA LEU A 188 -12.55 -11.25 -34.48
C LEU A 188 -13.58 -11.59 -35.54
N GLY A 189 -13.31 -11.21 -36.79
CA GLY A 189 -14.25 -11.49 -37.84
C GLY A 189 -15.00 -10.26 -38.33
N ASP A 190 -15.56 -10.39 -39.53
CA ASP A 190 -16.29 -9.32 -40.20
C ASP A 190 -17.47 -8.68 -39.47
N SER A 191 -18.39 -9.50 -38.96
CA SER A 191 -19.58 -8.96 -38.30
C SER A 191 -19.49 -8.78 -36.80
N PHE A 192 -18.30 -8.90 -36.24
CA PHE A 192 -18.12 -8.76 -34.80
C PHE A 192 -18.08 -7.28 -34.39
N PRO A 193 -18.91 -6.88 -33.41
CA PRO A 193 -18.94 -5.49 -32.95
C PRO A 193 -17.61 -5.11 -32.31
N LEU A 194 -16.91 -4.16 -32.91
CA LEU A 194 -15.63 -3.69 -32.40
C LEU A 194 -15.65 -2.17 -32.30
N MSE A 195 -15.47 -1.65 -31.10
CA MSE A 195 -15.45 -0.21 -30.92
C MSE A 195 -14.05 0.24 -30.51
O MSE A 195 -13.23 -0.58 -30.09
CB MSE A 195 -16.49 0.24 -29.87
CG MSE A 195 -17.01 -0.83 -28.91
SE MSE A 195 -18.21 -2.19 -29.65
CE MSE A 195 -17.79 -3.61 -28.44
N VAL A 196 -13.76 1.53 -30.68
CA VAL A 196 -12.45 2.06 -30.28
C VAL A 196 -12.64 3.25 -29.37
N ASP A 197 -11.66 3.47 -28.49
CA ASP A 197 -11.69 4.56 -27.53
C ASP A 197 -10.38 5.33 -27.61
N ALA A 198 -10.46 6.58 -28.05
CA ALA A 198 -9.25 7.42 -28.18
C ALA A 198 -8.96 8.19 -26.89
N ASN A 199 -9.89 8.13 -25.95
CA ASN A 199 -9.75 8.81 -24.66
C ASN A 199 -9.28 10.27 -24.76
N MSE A 200 -9.89 11.01 -25.69
CA MSE A 200 -9.60 12.43 -25.90
C MSE A 200 -8.22 12.74 -26.46
O MSE A 200 -7.81 13.90 -26.47
CB MSE A 200 -9.72 13.20 -24.58
CG MSE A 200 -10.98 12.93 -23.77
SE MSE A 200 -10.81 13.77 -22.04
CE MSE A 200 -9.76 12.40 -21.15
N LYS A 201 -7.51 11.73 -26.96
CA LYS A 201 -6.16 11.92 -27.46
C LYS A 201 -5.95 12.78 -28.70
N TRP A 202 -6.87 12.72 -29.66
CA TRP A 202 -6.71 13.47 -30.91
C TRP A 202 -7.18 14.93 -30.92
N THR A 203 -6.64 15.68 -31.87
CA THR A 203 -7.06 17.05 -32.07
C THR A 203 -8.28 16.85 -32.96
N VAL A 204 -9.02 17.91 -33.22
CA VAL A 204 -10.20 17.77 -34.07
C VAL A 204 -9.82 17.26 -35.46
N ASP A 205 -8.81 17.86 -36.05
CA ASP A 205 -8.36 17.45 -37.39
C ASP A 205 -7.81 16.02 -37.36
N GLY A 206 -7.08 15.69 -36.31
CA GLY A 206 -6.49 14.36 -36.19
C GLY A 206 -7.53 13.26 -36.04
N ALA A 207 -8.61 13.57 -35.33
CA ALA A 207 -9.70 12.61 -35.12
C ALA A 207 -10.35 12.27 -36.44
N ILE A 208 -10.67 13.30 -37.22
CA ILE A 208 -11.30 13.12 -38.52
C ILE A 208 -10.34 12.34 -39.44
N ARG A 209 -9.07 12.68 -39.40
CA ARG A 209 -8.07 11.98 -40.20
C ARG A 209 -8.04 10.50 -39.78
N ALA A 210 -8.12 10.25 -38.47
CA ALA A 210 -8.11 8.88 -37.95
C ALA A 210 -9.37 8.14 -38.38
N ALA A 211 -10.51 8.84 -38.33
CA ALA A 211 -11.78 8.25 -38.74
C ALA A 211 -11.73 7.76 -40.18
N ARG A 212 -11.14 8.55 -41.07
CA ARG A 212 -11.03 8.16 -42.48
C ARG A 212 -10.18 6.90 -42.61
N ALA A 213 -9.07 6.85 -41.88
CA ALA A 213 -8.17 5.70 -41.93
C ALA A 213 -8.77 4.43 -41.32
N LEU A 214 -9.70 4.58 -40.37
CA LEU A 214 -10.31 3.41 -39.73
C LEU A 214 -11.65 3.00 -40.34
N ALA A 215 -12.13 3.79 -41.30
CA ALA A 215 -13.41 3.50 -41.94
C ALA A 215 -13.51 2.07 -42.51
N PRO A 216 -12.46 1.62 -43.22
CA PRO A 216 -12.48 0.27 -43.81
C PRO A 216 -12.84 -0.86 -42.85
N PHE A 217 -12.61 -0.65 -41.56
CA PHE A 217 -12.86 -1.70 -40.57
C PHE A 217 -14.25 -1.73 -39.94
N ASP A 218 -15.15 -0.88 -40.42
CA ASP A 218 -16.53 -0.84 -39.94
C ASP A 218 -16.63 -0.90 -38.41
N LEU A 219 -16.00 0.06 -37.73
CA LEU A 219 -16.03 0.10 -36.27
C LEU A 219 -17.42 0.47 -35.81
N HIS A 220 -17.86 -0.14 -34.72
CA HIS A 220 -19.19 0.11 -34.17
C HIS A 220 -19.30 1.56 -33.69
N TRP A 221 -18.21 2.08 -33.14
CA TRP A 221 -18.16 3.47 -32.72
C TRP A 221 -16.78 3.91 -32.28
N ILE A 222 -16.59 5.23 -32.28
CA ILE A 222 -15.35 5.85 -31.86
C ILE A 222 -15.73 6.67 -30.64
N GLU A 223 -15.06 6.39 -29.53
CA GLU A 223 -15.33 7.07 -28.27
C GLU A 223 -14.32 8.15 -27.93
N GLU A 224 -14.83 9.28 -27.45
CA GLU A 224 -14.01 10.42 -27.04
C GLU A 224 -12.83 10.73 -27.97
N PRO A 225 -13.12 11.12 -29.22
CA PRO A 225 -12.06 11.43 -30.18
C PRO A 225 -11.15 12.58 -29.72
N THR A 226 -11.73 13.60 -29.09
CA THR A 226 -10.94 14.72 -28.59
C THR A 226 -11.49 15.13 -27.22
N ILE A 227 -11.03 16.25 -26.66
CA ILE A 227 -11.55 16.65 -25.35
C ILE A 227 -13.04 16.97 -25.45
N PRO A 228 -13.80 16.67 -24.40
CA PRO A 228 -15.25 16.90 -24.36
C PRO A 228 -15.71 18.35 -24.24
N ASP A 229 -14.86 19.21 -23.71
CA ASP A 229 -15.21 20.62 -23.52
C ASP A 229 -15.49 21.36 -24.83
N ASP A 230 -14.90 20.87 -25.91
CA ASP A 230 -15.03 21.50 -27.22
C ASP A 230 -16.28 21.08 -28.00
N LEU A 231 -17.39 21.76 -27.74
CA LEU A 231 -18.64 21.43 -28.42
C LEU A 231 -18.55 21.63 -29.93
N VAL A 232 -17.99 22.77 -30.36
CA VAL A 232 -17.85 23.08 -31.78
C VAL A 232 -17.03 22.02 -32.53
N GLY A 233 -15.83 21.75 -32.02
CA GLY A 233 -14.96 20.77 -32.65
C GLY A 233 -15.53 19.36 -32.70
N ASN A 234 -16.17 18.93 -31.62
CA ASN A 234 -16.76 17.59 -31.61
C ASN A 234 -17.90 17.51 -32.62
N ALA A 235 -18.66 18.59 -32.74
CA ALA A 235 -19.78 18.64 -33.70
C ALA A 235 -19.18 18.46 -35.10
N ARG A 236 -17.99 19.02 -35.29
CA ARG A 236 -17.33 18.92 -36.59
C ARG A 236 -16.88 17.46 -36.82
N ILE A 237 -16.40 16.80 -35.77
CA ILE A 237 -15.99 15.41 -35.89
C ILE A 237 -17.23 14.56 -36.23
N VAL A 238 -18.36 14.88 -35.60
CA VAL A 238 -19.61 14.15 -35.86
C VAL A 238 -20.03 14.32 -37.31
N ARG A 239 -19.94 15.56 -37.80
CA ARG A 239 -20.33 15.86 -39.17
C ARG A 239 -19.46 15.22 -40.25
N GLU A 240 -18.17 15.05 -39.98
CA GLU A 240 -17.24 14.52 -40.97
C GLU A 240 -16.61 13.15 -40.76
N SER A 241 -16.79 12.52 -39.61
CA SER A 241 -16.13 11.22 -39.38
C SER A 241 -16.80 9.98 -39.95
N GLY A 242 -18.09 10.05 -40.26
CA GLY A 242 -18.78 8.89 -40.80
C GLY A 242 -18.82 7.74 -39.81
N HIS A 243 -18.88 8.05 -38.51
CA HIS A 243 -18.92 7.04 -37.45
C HIS A 243 -19.85 7.47 -36.32
N THR A 244 -20.24 6.50 -35.50
CA THR A 244 -21.03 6.80 -34.33
C THR A 244 -19.98 7.40 -33.40
N ILE A 245 -20.29 8.53 -32.77
CA ILE A 245 -19.35 9.18 -31.86
C ILE A 245 -19.92 9.10 -30.44
N ALA A 246 -19.29 8.27 -29.62
CA ALA A 246 -19.70 8.06 -28.24
C ALA A 246 -18.90 8.94 -27.29
N GLY A 247 -19.60 9.52 -26.31
CA GLY A 247 -18.95 10.38 -25.34
C GLY A 247 -19.83 10.63 -24.13
N GLY A 248 -19.22 10.99 -23.01
CA GLY A 248 -20.00 11.26 -21.83
C GLY A 248 -19.41 10.83 -20.50
N GLU A 249 -18.42 9.93 -20.51
CA GLU A 249 -17.84 9.48 -19.25
C GLU A 249 -17.15 10.63 -18.53
N ASN A 250 -16.80 11.67 -19.27
CA ASN A 250 -16.16 12.83 -18.66
C ASN A 250 -17.08 14.03 -18.47
N LEU A 251 -18.34 13.87 -18.85
CA LEU A 251 -19.34 14.93 -18.66
C LEU A 251 -19.86 14.68 -17.25
N HIS A 252 -20.09 15.75 -16.49
CA HIS A 252 -20.50 15.57 -15.10
C HIS A 252 -21.79 16.19 -14.61
N THR A 253 -22.53 16.83 -15.50
CA THR A 253 -23.80 17.42 -15.12
C THR A 253 -24.80 17.17 -16.23
N LEU A 254 -26.07 17.27 -15.88
CA LEU A 254 -27.14 17.11 -16.85
C LEU A 254 -26.95 18.18 -17.93
N TYR A 255 -26.51 19.37 -17.52
CA TYR A 255 -26.29 20.46 -18.49
C TYR A 255 -25.22 20.14 -19.53
N ASP A 256 -24.16 19.42 -19.12
CA ASP A 256 -23.09 19.05 -20.05
C ASP A 256 -23.68 18.21 -21.18
N PHE A 257 -24.53 17.25 -20.81
CA PHE A 257 -25.16 16.36 -21.79
C PHE A 257 -26.15 17.13 -22.66
N HIS A 258 -26.84 18.08 -22.05
CA HIS A 258 -27.80 18.91 -22.76
C HIS A 258 -27.05 19.69 -23.83
N ASN A 259 -25.94 20.32 -23.45
CA ASN A 259 -25.11 21.09 -24.39
C ASN A 259 -24.64 20.22 -25.54
N ALA A 260 -24.05 19.06 -25.21
CA ALA A 260 -23.54 18.16 -26.24
C ALA A 260 -24.62 17.71 -27.20
N VAL A 261 -25.76 17.30 -26.65
CA VAL A 261 -26.88 16.84 -27.48
C VAL A 261 -27.40 17.97 -28.36
N ARG A 262 -27.62 19.13 -27.76
CA ARG A 262 -28.12 20.28 -28.49
C ARG A 262 -27.15 20.72 -29.57
N ALA A 263 -25.85 20.62 -29.31
CA ALA A 263 -24.84 21.00 -30.30
C ALA A 263 -24.55 19.89 -31.31
N GLY A 264 -25.10 18.70 -31.08
CA GLY A 264 -24.83 17.59 -31.98
C GLY A 264 -23.35 17.24 -31.95
N SER A 265 -22.75 17.34 -30.77
CA SER A 265 -21.35 17.06 -30.62
C SER A 265 -21.06 15.58 -30.28
N LEU A 266 -22.11 14.76 -30.29
CA LEU A 266 -21.98 13.33 -30.06
C LEU A 266 -23.25 12.66 -30.59
N THR A 267 -23.16 11.40 -31.01
CA THR A 267 -24.33 10.70 -31.52
C THR A 267 -24.81 9.60 -30.57
N LEU A 268 -23.99 9.25 -29.59
CA LEU A 268 -24.33 8.23 -28.61
C LEU A 268 -23.84 8.61 -27.21
N PRO A 269 -24.75 9.05 -26.35
CA PRO A 269 -24.34 9.43 -24.99
C PRO A 269 -23.89 8.26 -24.10
N GLU A 270 -22.81 8.48 -23.35
CA GLU A 270 -22.25 7.46 -22.45
C GLU A 270 -22.10 7.98 -21.03
N PRO A 271 -23.20 8.12 -20.29
CA PRO A 271 -22.99 8.63 -18.93
C PRO A 271 -22.41 7.54 -18.02
N ASP A 272 -21.79 7.99 -16.92
CA ASP A 272 -21.23 7.09 -15.92
C ASP A 272 -22.00 7.40 -14.64
N VAL A 273 -22.86 6.48 -14.24
CA VAL A 273 -23.68 6.67 -13.05
C VAL A 273 -22.86 7.08 -11.82
N SER A 274 -21.57 6.72 -11.81
CA SER A 274 -20.74 7.06 -10.66
C SER A 274 -20.16 8.46 -10.66
N ASN A 275 -20.38 9.24 -11.72
CA ASN A 275 -19.88 10.62 -11.71
C ASN A 275 -20.88 11.62 -12.30
N ILE A 276 -21.93 11.13 -12.94
CA ILE A 276 -22.94 12.01 -13.54
C ILE A 276 -23.94 12.52 -12.51
N GLY A 277 -23.92 11.93 -11.32
CA GLY A 277 -24.83 12.35 -10.26
C GLY A 277 -25.66 11.21 -9.70
N GLY A 278 -25.32 9.98 -10.07
CA GLY A 278 -26.06 8.82 -9.59
C GLY A 278 -27.22 8.45 -10.49
N TYR A 279 -28.04 7.50 -10.03
CA TYR A 279 -29.20 7.07 -10.79
C TYR A 279 -30.13 8.26 -11.08
N THR A 280 -30.23 9.17 -10.11
CA THR A 280 -31.09 10.33 -10.27
C THR A 280 -30.78 11.11 -11.56
N THR A 281 -29.52 11.50 -11.74
CA THR A 281 -29.15 12.25 -12.93
C THR A 281 -29.04 11.35 -14.16
N PHE A 282 -28.57 10.12 -13.95
CA PHE A 282 -28.43 9.18 -15.05
C PHE A 282 -29.75 9.02 -15.79
N ARG A 283 -30.83 8.78 -15.03
CA ARG A 283 -32.14 8.61 -15.64
C ARG A 283 -32.60 9.87 -16.41
N LYS A 284 -32.18 11.05 -15.95
CA LYS A 284 -32.54 12.29 -16.63
C LYS A 284 -31.79 12.40 -17.97
N VAL A 285 -30.54 11.96 -17.98
CA VAL A 285 -29.74 11.98 -19.20
C VAL A 285 -30.39 10.97 -20.16
N ALA A 286 -30.86 9.86 -19.61
CA ALA A 286 -31.51 8.81 -20.41
C ALA A 286 -32.76 9.38 -21.10
N ALA A 287 -33.51 10.22 -20.38
CA ALA A 287 -34.71 10.82 -20.95
C ALA A 287 -34.34 11.77 -22.10
N LEU A 288 -33.24 12.50 -21.95
CA LEU A 288 -32.78 13.42 -23.00
C LEU A 288 -32.46 12.64 -24.26
N ALA A 289 -31.75 11.52 -24.09
CA ALA A 289 -31.37 10.68 -25.21
C ALA A 289 -32.60 10.12 -25.92
N GLU A 290 -33.58 9.67 -25.14
CA GLU A 290 -34.80 9.10 -25.69
C GLU A 290 -35.56 10.15 -26.49
N ALA A 291 -35.61 11.36 -25.97
CA ALA A 291 -36.31 12.45 -26.64
C ALA A 291 -35.64 12.79 -27.98
N ASN A 292 -34.32 12.65 -28.02
CA ASN A 292 -33.56 12.96 -29.23
C ASN A 292 -33.37 11.77 -30.16
N ASN A 293 -34.13 10.71 -29.95
CA ASN A 293 -34.04 9.50 -30.77
C ASN A 293 -32.60 8.97 -30.80
N MSE A 294 -32.01 8.83 -29.63
CA MSE A 294 -30.65 8.31 -29.52
C MSE A 294 -30.67 7.04 -28.66
O MSE A 294 -31.56 6.86 -27.84
CB MSE A 294 -29.73 9.32 -28.83
CG MSE A 294 -29.53 10.64 -29.55
SE MSE A 294 -28.41 11.83 -28.49
CE MSE A 294 -29.71 12.59 -27.31
N LEU A 295 -29.67 6.19 -28.85
CA LEU A 295 -29.53 4.99 -28.03
C LEU A 295 -28.79 5.48 -26.80
N LEU A 296 -28.59 4.60 -25.82
CA LEU A 296 -27.90 4.98 -24.60
C LEU A 296 -26.94 3.89 -24.15
N THR A 297 -25.68 4.25 -23.94
CA THR A 297 -24.70 3.29 -23.47
C THR A 297 -24.17 3.82 -22.14
N SER A 298 -23.10 3.24 -21.64
CA SER A 298 -22.58 3.70 -20.36
C SER A 298 -21.12 3.35 -20.16
N HIS A 299 -20.56 3.89 -19.10
CA HIS A 299 -19.17 3.64 -18.76
C HIS A 299 -19.06 3.40 -17.26
N GLY A 300 -18.31 2.36 -16.89
CA GLY A 300 -18.08 2.07 -15.50
C GLY A 300 -19.16 1.35 -14.69
N VAL A 301 -18.69 0.79 -13.57
CA VAL A 301 -19.52 0.08 -12.60
C VAL A 301 -20.78 -0.55 -13.17
N HIS A 302 -20.63 -1.49 -14.10
CA HIS A 302 -21.79 -2.11 -14.72
C HIS A 302 -22.68 -2.87 -13.73
N ASP A 303 -22.13 -3.25 -12.59
CA ASP A 303 -22.88 -3.97 -11.57
C ASP A 303 -23.97 -3.07 -10.99
N LEU A 304 -23.71 -1.76 -11.01
CA LEU A 304 -24.68 -0.80 -10.52
C LEU A 304 -25.49 -0.30 -11.70
N THR A 305 -24.78 -0.05 -12.80
CA THR A 305 -25.37 0.46 -14.02
C THR A 305 -26.41 -0.44 -14.68
N VAL A 306 -26.26 -1.76 -14.54
CA VAL A 306 -27.20 -2.69 -15.15
C VAL A 306 -28.65 -2.34 -14.83
N HIS A 307 -28.90 -1.85 -13.61
CA HIS A 307 -30.26 -1.48 -13.21
C HIS A 307 -30.83 -0.31 -14.00
N ALA A 308 -29.98 0.66 -14.29
CA ALA A 308 -30.41 1.82 -15.07
C ALA A 308 -30.71 1.43 -16.53
N LEU A 309 -29.84 0.63 -17.14
CA LEU A 309 -30.04 0.25 -18.53
C LEU A 309 -31.11 -0.82 -18.73
N ALA A 310 -31.49 -1.48 -17.64
CA ALA A 310 -32.52 -2.51 -17.70
C ALA A 310 -33.90 -1.83 -17.56
N SER A 311 -33.89 -0.55 -17.26
CA SER A 311 -35.14 0.18 -17.10
C SER A 311 -35.43 1.17 -18.22
N VAL A 312 -34.57 1.22 -19.24
CA VAL A 312 -34.79 2.12 -20.37
C VAL A 312 -34.88 1.30 -21.65
N PRO A 313 -35.73 1.74 -22.59
CA PRO A 313 -35.90 1.02 -23.85
C PRO A 313 -34.82 1.17 -24.91
N HIS A 314 -34.10 2.30 -24.90
CA HIS A 314 -33.08 2.58 -25.91
C HIS A 314 -31.64 2.21 -25.57
N ARG A 315 -31.46 1.39 -24.54
CA ARG A 315 -30.12 0.98 -24.15
C ARG A 315 -29.42 0.15 -25.23
N THR A 316 -28.10 0.22 -25.27
CA THR A 316 -27.32 -0.59 -26.21
C THR A 316 -26.15 -1.17 -25.41
N TYR A 317 -25.20 -1.80 -26.07
CA TYR A 317 -24.04 -2.39 -25.40
C TYR A 317 -23.53 -1.62 -24.19
N MSE A 318 -23.53 -2.26 -23.03
CA MSE A 318 -23.07 -1.64 -21.77
C MSE A 318 -21.64 -2.06 -21.47
O MSE A 318 -21.29 -3.23 -21.59
CB MSE A 318 -23.99 -2.06 -20.60
CG MSE A 318 -23.50 -1.59 -19.23
SE MSE A 318 -24.65 -2.15 -17.74
CE MSE A 318 -24.34 -4.06 -17.84
N GLU A 319 -20.80 -1.10 -21.10
CA GLU A 319 -19.41 -1.41 -20.81
C GLU A 319 -19.31 -2.27 -19.55
N ALA A 320 -18.71 -3.45 -19.70
CA ALA A 320 -18.54 -4.35 -18.57
C ALA A 320 -17.07 -4.70 -18.37
N HIS A 321 -16.20 -3.70 -18.49
CA HIS A 321 -14.77 -3.92 -18.33
C HIS A 321 -14.44 -4.48 -16.95
N LEU A 325 -13.81 -4.99 -9.27
CA LEU A 325 -14.32 -5.23 -7.92
C LEU A 325 -15.00 -6.57 -7.77
N HIS A 326 -15.16 -7.29 -8.88
CA HIS A 326 -15.81 -8.59 -8.86
C HIS A 326 -15.18 -9.57 -7.88
N ALA A 327 -13.89 -9.43 -7.67
CA ALA A 327 -13.17 -10.31 -6.75
C ALA A 327 -13.65 -10.06 -5.32
N TYR A 328 -14.22 -8.88 -5.10
CA TYR A 328 -14.69 -8.49 -3.78
C TYR A 328 -16.21 -8.52 -3.66
N MSE A 329 -16.88 -9.10 -4.65
CA MSE A 329 -18.33 -9.15 -4.66
C MSE A 329 -18.90 -10.52 -4.33
O MSE A 329 -18.37 -11.55 -4.75
CB MSE A 329 -18.87 -8.72 -6.02
CG MSE A 329 -18.96 -7.22 -6.21
SE MSE A 329 -19.71 -6.83 -7.93
CE MSE A 329 -21.50 -7.49 -7.62
N ALA A 330 -20.02 -10.52 -3.60
CA ALA A 330 -20.69 -11.75 -3.20
C ALA A 330 -21.03 -12.59 -4.43
N GLU A 331 -21.93 -12.08 -5.25
CA GLU A 331 -22.32 -12.79 -6.46
C GLU A 331 -22.41 -11.89 -7.67
N PRO A 332 -21.28 -11.68 -8.36
CA PRO A 332 -21.24 -10.82 -9.54
C PRO A 332 -21.96 -11.52 -10.70
N MSE A 333 -22.54 -10.72 -11.59
CA MSE A 333 -23.26 -11.27 -12.73
C MSE A 333 -22.32 -11.99 -13.69
O MSE A 333 -21.18 -11.56 -13.87
CB MSE A 333 -23.97 -10.17 -13.50
CG MSE A 333 -25.05 -9.45 -12.72
SE MSE A 333 -25.78 -8.05 -13.83
CE MSE A 333 -24.35 -6.75 -13.64
N ALA A 334 -22.80 -13.05 -14.30
CA ALA A 334 -22.00 -13.80 -15.26
C ALA A 334 -22.45 -13.36 -16.64
N VAL A 335 -21.51 -13.32 -17.58
CA VAL A 335 -21.83 -12.93 -18.95
C VAL A 335 -22.20 -14.18 -19.73
N THR A 336 -23.41 -14.19 -20.30
CA THR A 336 -23.88 -15.33 -21.08
C THR A 336 -24.42 -14.86 -22.43
N ASP A 337 -23.83 -15.39 -23.49
CA ASP A 337 -24.24 -15.04 -24.84
C ASP A 337 -24.26 -13.52 -25.07
N GLY A 338 -23.22 -12.85 -24.61
CA GLY A 338 -23.12 -11.41 -24.78
C GLY A 338 -23.98 -10.53 -23.90
N CYS A 339 -24.55 -11.08 -22.82
CA CYS A 339 -25.40 -10.29 -21.94
C CYS A 339 -25.25 -10.67 -20.47
N VAL A 340 -25.77 -9.79 -19.60
CA VAL A 340 -25.80 -10.01 -18.16
C VAL A 340 -27.27 -9.79 -17.77
N SER A 341 -27.68 -10.33 -16.63
CA SER A 341 -29.06 -10.14 -16.18
C SER A 341 -29.07 -9.41 -14.85
N ALA A 342 -29.82 -8.31 -14.80
CA ALA A 342 -29.90 -7.53 -13.56
C ALA A 342 -30.47 -8.48 -12.51
N PRO A 343 -29.89 -8.50 -11.30
CA PRO A 343 -30.41 -9.40 -10.27
C PRO A 343 -31.76 -8.92 -9.74
N ASP A 344 -32.51 -9.80 -9.10
CA ASP A 344 -33.82 -9.44 -8.58
C ASP A 344 -33.91 -9.14 -7.09
N ARG A 345 -32.75 -9.10 -6.42
CA ARG A 345 -32.74 -8.81 -4.99
C ARG A 345 -33.11 -7.35 -4.79
N PRO A 346 -33.62 -6.99 -3.60
CA PRO A 346 -33.98 -5.60 -3.31
C PRO A 346 -32.75 -4.69 -3.47
N GLY A 347 -32.96 -3.48 -3.99
CA GLY A 347 -31.83 -2.57 -4.19
C GLY A 347 -31.08 -2.92 -5.46
N HIS A 348 -29.78 -2.65 -5.49
CA HIS A 348 -29.01 -2.96 -6.69
C HIS A 348 -28.43 -4.37 -6.60
N GLY A 349 -28.55 -4.98 -5.42
CA GLY A 349 -28.08 -6.34 -5.22
C GLY A 349 -26.57 -6.54 -5.12
N VAL A 350 -25.81 -5.45 -5.05
CA VAL A 350 -24.36 -5.59 -4.94
C VAL A 350 -23.94 -5.63 -3.48
N VAL A 351 -23.08 -6.58 -3.15
CA VAL A 351 -22.58 -6.74 -1.80
C VAL A 351 -21.06 -6.84 -1.88
N LEU A 352 -20.37 -5.95 -1.19
CA LEU A 352 -18.90 -5.97 -1.19
C LEU A 352 -18.39 -6.63 0.08
N ASP A 353 -17.24 -7.28 -0.04
CA ASP A 353 -16.63 -7.93 1.11
C ASP A 353 -15.75 -6.89 1.77
N PHE A 354 -16.33 -6.12 2.68
CA PHE A 354 -15.60 -5.06 3.36
C PHE A 354 -14.47 -5.57 4.25
N GLU A 355 -14.55 -6.81 4.70
CA GLU A 355 -13.47 -7.33 5.53
C GLU A 355 -12.24 -7.43 4.64
N ARG A 356 -12.43 -8.06 3.49
CA ARG A 356 -11.35 -8.24 2.53
C ARG A 356 -10.84 -6.90 2.00
N LEU A 357 -11.73 -5.91 1.89
CA LEU A 357 -11.34 -4.59 1.40
C LEU A 357 -10.55 -3.82 2.46
N GLY A 358 -10.80 -4.13 3.73
CA GLY A 358 -10.12 -3.44 4.81
C GLY A 358 -8.61 -3.41 4.60
N ARG A 359 -8.09 -4.48 4.01
CA ARG A 359 -6.67 -4.61 3.73
C ARG A 359 -6.14 -3.56 2.75
N LEU A 360 -7.03 -3.06 1.89
CA LEU A 360 -6.64 -2.07 0.89
C LEU A 360 -7.06 -0.65 1.28
N ALA A 361 -7.51 -0.49 2.52
CA ALA A 361 -7.94 0.81 3.01
C ALA A 361 -6.78 1.79 3.07
N VAL A 362 -7.07 3.04 2.71
CA VAL A 362 -6.07 4.11 2.73
C VAL A 362 -6.52 5.23 3.67
N LEU B 3 14.25 24.78 -9.19
CA LEU B 3 13.50 23.57 -8.74
C LEU B 3 12.75 23.81 -7.44
N ILE B 4 11.56 23.27 -7.35
CA ILE B 4 10.71 23.39 -6.17
C ILE B 4 11.15 22.33 -5.15
N GLU B 5 11.44 22.77 -3.94
CA GLU B 5 11.88 21.84 -2.89
C GLU B 5 10.87 21.70 -1.74
N ARG B 6 9.99 22.69 -1.59
CA ARG B 6 8.99 22.64 -0.53
C ARG B 6 7.63 23.18 -0.95
N VAL B 7 6.59 22.49 -0.50
CA VAL B 7 5.20 22.89 -0.78
C VAL B 7 4.39 22.72 0.50
N ARG B 8 4.03 23.84 1.12
CA ARG B 8 3.25 23.84 2.35
C ARG B 8 1.81 24.26 2.10
N THR B 9 0.87 23.35 2.39
CA THR B 9 -0.54 23.63 2.22
C THR B 9 -1.20 23.71 3.59
N ASP B 10 -1.97 24.77 3.83
CA ASP B 10 -2.66 24.94 5.09
C ASP B 10 -4.12 25.34 4.87
N LEU B 11 -4.99 24.91 5.78
CA LEU B 11 -6.40 25.21 5.70
C LEU B 11 -6.86 25.98 6.93
N TYR B 12 -7.47 27.13 6.72
CA TYR B 12 -7.95 27.94 7.82
C TYR B 12 -9.44 28.19 7.73
N ARG B 13 -10.09 28.23 8.89
CA ARG B 13 -11.51 28.49 8.98
C ARG B 13 -11.68 29.91 9.44
N ILE B 14 -11.85 30.82 8.49
CA ILE B 14 -12.03 32.21 8.88
C ILE B 14 -13.50 32.45 9.16
N PRO B 15 -13.83 32.73 10.42
CA PRO B 15 -15.21 32.98 10.84
C PRO B 15 -15.77 34.25 10.19
N LEU B 16 -17.04 34.18 9.80
CA LEU B 16 -17.69 35.32 9.17
C LEU B 16 -18.84 35.80 10.05
N PRO B 17 -19.03 37.13 10.11
CA PRO B 17 -20.10 37.72 10.91
C PRO B 17 -21.46 37.27 10.38
N THR B 18 -22.50 37.39 11.19
CA THR B 18 -23.83 37.01 10.77
C THR B 18 -24.28 38.13 9.83
N ARG B 19 -25.42 37.94 9.17
CA ARG B 19 -25.96 38.94 8.25
C ARG B 19 -25.31 39.03 6.87
N LEU B 20 -24.38 38.12 6.57
CA LEU B 20 -23.75 38.10 5.26
C LEU B 20 -24.53 37.05 4.48
N THR B 21 -25.50 37.50 3.69
CA THR B 21 -26.33 36.58 2.95
C THR B 21 -26.67 36.98 1.52
N ASP B 22 -26.89 35.98 0.68
CA ASP B 22 -27.28 36.21 -0.70
C ASP B 22 -28.44 35.26 -1.00
N SER B 23 -28.98 35.35 -2.21
CA SER B 23 -30.14 34.54 -2.58
C SER B 23 -30.01 33.02 -2.58
N THR B 24 -28.87 32.49 -3.02
CA THR B 24 -28.72 31.04 -3.12
C THR B 24 -27.74 30.34 -2.20
N HIS B 25 -26.69 31.03 -1.77
CA HIS B 25 -25.71 30.40 -0.89
C HIS B 25 -26.21 30.46 0.54
N GLY B 26 -27.15 31.36 0.80
CA GLY B 26 -27.69 31.50 2.14
C GLY B 26 -26.72 32.22 3.06
N ALA B 27 -26.83 31.93 4.35
CA ALA B 27 -25.96 32.57 5.32
C ALA B 27 -24.54 32.01 5.25
N MSE B 28 -23.57 32.91 5.16
CA MSE B 28 -22.17 32.52 5.10
C MSE B 28 -21.57 32.56 6.50
O MSE B 28 -21.32 33.64 7.04
CB MSE B 28 -21.42 33.42 4.14
CG MSE B 28 -21.76 33.10 2.71
SE MSE B 28 -21.53 34.58 1.54
CE MSE B 28 -23.38 34.80 1.01
N MSE B 29 -21.34 31.37 7.05
CA MSE B 29 -20.79 31.25 8.38
C MSE B 29 -19.28 31.46 8.40
O MSE B 29 -18.73 31.97 9.36
CB MSE B 29 -21.12 29.87 8.94
CG MSE B 29 -22.42 29.32 8.40
SE MSE B 29 -22.99 27.72 9.27
CE MSE B 29 -24.70 28.37 9.93
N ASP B 30 -18.64 31.04 7.31
CA ASP B 30 -17.19 31.18 7.23
C ASP B 30 -16.68 30.79 5.87
N PHE B 31 -15.50 31.27 5.52
CA PHE B 31 -14.93 30.86 4.25
C PHE B 31 -13.65 30.10 4.59
N GLU B 32 -13.47 28.97 3.92
CA GLU B 32 -12.33 28.12 4.15
C GLU B 32 -11.17 28.49 3.25
N LEU B 33 -10.15 29.10 3.87
CA LEU B 33 -8.96 29.57 3.18
C LEU B 33 -7.89 28.50 3.04
N ILE B 34 -7.48 28.23 1.80
CA ILE B 34 -6.44 27.25 1.52
C ILE B 34 -5.23 28.04 1.02
N THR B 35 -4.13 27.98 1.77
CA THR B 35 -2.89 28.68 1.41
C THR B 35 -1.86 27.70 0.90
N VAL B 36 -1.07 28.14 -0.07
CA VAL B 36 -0.01 27.32 -0.64
C VAL B 36 1.25 28.16 -0.66
N ARG B 37 2.30 27.63 -0.05
CA ARG B 37 3.58 28.31 0.00
C ARG B 37 4.59 27.39 -0.67
N ILE B 38 5.18 27.88 -1.75
CA ILE B 38 6.15 27.10 -2.51
C ILE B 38 7.56 27.68 -2.40
N GLU B 39 8.52 26.83 -2.09
CA GLU B 39 9.91 27.25 -1.95
C GLU B 39 10.80 26.56 -2.99
N ASP B 40 11.63 27.35 -3.69
CA ASP B 40 12.52 26.77 -4.69
C ASP B 40 13.92 26.57 -4.10
N SER B 41 14.80 25.94 -4.87
CA SER B 41 16.16 25.65 -4.42
C SER B 41 17.01 26.85 -4.02
N ASP B 42 16.53 28.06 -4.26
CA ASP B 42 17.28 29.26 -3.90
C ASP B 42 16.72 29.90 -2.64
N GLY B 43 15.73 29.27 -2.03
CA GLY B 43 15.15 29.81 -0.81
C GLY B 43 14.04 30.82 -1.00
N ALA B 44 13.68 31.11 -2.24
CA ALA B 44 12.60 32.05 -2.51
C ALA B 44 11.28 31.32 -2.34
N THR B 45 10.29 32.00 -1.75
CA THR B 45 8.98 31.40 -1.52
C THR B 45 7.86 32.20 -2.15
N GLY B 46 6.92 31.50 -2.78
CA GLY B 46 5.79 32.17 -3.41
C GLY B 46 4.53 31.84 -2.64
N LEU B 47 3.66 32.83 -2.48
CA LEU B 47 2.41 32.63 -1.77
C LEU B 47 1.20 32.62 -2.70
N GLY B 48 0.35 31.61 -2.52
CA GLY B 48 -0.85 31.50 -3.31
C GLY B 48 -2.00 31.00 -2.45
N TYR B 49 -3.23 31.40 -2.77
CA TYR B 49 -4.38 30.94 -2.01
C TYR B 49 -5.70 31.05 -2.73
N THR B 50 -6.68 30.34 -2.20
CA THR B 50 -8.03 30.33 -2.72
C THR B 50 -8.91 30.04 -1.50
N TYR B 51 -10.22 30.18 -1.67
CA TYR B 51 -11.15 29.98 -0.58
C TYR B 51 -12.47 29.43 -1.09
N THR B 52 -13.28 28.90 -0.17
CA THR B 52 -14.60 28.40 -0.49
C THR B 52 -15.49 29.01 0.56
N VAL B 53 -16.79 28.97 0.32
CA VAL B 53 -17.74 29.49 1.29
C VAL B 53 -18.45 28.31 1.95
N ASN B 54 -18.31 28.21 3.26
CA ASN B 54 -18.94 27.16 4.06
C ASN B 54 -18.44 25.73 3.89
N HIS B 55 -18.37 25.23 2.65
CA HIS B 55 -17.91 23.85 2.45
C HIS B 55 -16.94 23.67 1.30
N GLY B 56 -16.30 22.50 1.28
CA GLY B 56 -15.36 22.15 0.23
C GLY B 56 -13.90 22.49 0.46
N GLY B 57 -13.62 23.27 1.49
CA GLY B 57 -12.24 23.67 1.77
C GLY B 57 -11.27 22.52 1.99
N ALA B 58 -11.64 21.59 2.87
CA ALA B 58 -10.79 20.45 3.18
C ALA B 58 -10.50 19.66 1.90
N ALA B 59 -11.49 19.55 1.03
CA ALA B 59 -11.32 18.83 -0.22
C ALA B 59 -10.27 19.54 -1.10
N VAL B 60 -10.36 20.86 -1.17
CA VAL B 60 -9.41 21.64 -1.97
C VAL B 60 -7.98 21.46 -1.46
N ALA B 61 -7.80 21.60 -0.15
CA ALA B 61 -6.49 21.46 0.49
C ALA B 61 -5.96 20.04 0.24
N THR B 62 -6.86 19.07 0.28
CA THR B 62 -6.49 17.68 0.07
C THR B 62 -5.98 17.47 -1.36
N MSE B 63 -6.59 18.15 -2.32
CA MSE B 63 -6.16 18.02 -3.71
C MSE B 63 -4.75 18.57 -3.91
O MSE B 63 -3.91 17.95 -4.55
CB MSE B 63 -7.14 18.76 -4.63
CG MSE B 63 -8.49 18.09 -4.73
SE MSE B 63 -9.76 19.14 -5.75
CE MSE B 63 -10.35 20.32 -4.41
N VAL B 64 -4.48 19.74 -3.34
CA VAL B 64 -3.16 20.35 -3.46
C VAL B 64 -2.13 19.48 -2.75
N ASP B 65 -2.39 19.20 -1.48
CA ASP B 65 -1.48 18.42 -0.66
C ASP B 65 -1.27 16.96 -1.08
N LYS B 66 -2.33 16.28 -1.47
CA LYS B 66 -2.20 14.88 -1.86
C LYS B 66 -2.03 14.63 -3.36
N ASP B 67 -2.77 15.36 -4.21
CA ASP B 67 -2.67 15.12 -5.64
C ASP B 67 -1.70 15.99 -6.44
N LEU B 68 -1.67 17.28 -6.17
CA LEU B 68 -0.80 18.19 -6.91
C LEU B 68 0.66 18.27 -6.44
N ARG B 69 0.88 18.04 -5.15
CA ARG B 69 2.23 18.07 -4.59
C ARG B 69 3.22 17.34 -5.48
N GLY B 70 2.80 16.19 -6.03
CA GLY B 70 3.66 15.40 -6.90
C GLY B 70 3.99 16.04 -8.24
N CYS B 71 3.23 17.06 -8.63
CA CYS B 71 3.46 17.76 -9.88
C CYS B 71 4.40 18.93 -9.61
N LEU B 72 4.58 19.25 -8.33
CA LEU B 72 5.41 20.38 -7.91
C LEU B 72 6.83 20.04 -7.48
N LEU B 73 6.96 19.17 -6.47
CA LEU B 73 8.27 18.80 -5.96
C LEU B 73 9.21 18.31 -7.06
N GLY B 74 10.37 18.97 -7.16
CA GLY B 74 11.36 18.57 -8.15
C GLY B 74 11.15 19.19 -9.52
N ALA B 75 10.07 19.96 -9.67
CA ALA B 75 9.79 20.60 -10.95
C ALA B 75 10.37 22.01 -10.96
N ASP B 76 10.69 22.52 -12.14
CA ASP B 76 11.23 23.87 -12.27
C ASP B 76 10.05 24.83 -12.19
N ALA B 77 9.98 25.59 -11.10
CA ALA B 77 8.90 26.54 -10.89
C ALA B 77 8.76 27.55 -12.02
N GLU B 78 9.83 27.79 -12.76
CA GLU B 78 9.80 28.75 -13.85
C GLU B 78 8.91 28.31 -15.02
N GLN B 79 8.57 27.03 -15.09
CA GLN B 79 7.72 26.53 -16.16
C GLN B 79 6.25 26.45 -15.69
N ILE B 80 5.70 27.61 -15.35
CA ILE B 80 4.33 27.72 -14.86
C ILE B 80 3.30 27.05 -15.77
N GLU B 81 3.38 27.32 -17.06
CA GLU B 81 2.43 26.75 -18.02
C GLU B 81 2.53 25.21 -18.09
N LYS B 82 3.75 24.68 -18.02
CA LYS B 82 3.93 23.23 -18.07
C LYS B 82 3.35 22.61 -16.81
N ILE B 83 3.59 23.23 -15.67
CA ILE B 83 3.07 22.73 -14.41
C ILE B 83 1.53 22.85 -14.40
N TRP B 84 1.00 23.93 -14.96
CA TRP B 84 -0.46 24.14 -15.01
C TRP B 84 -1.10 22.95 -15.72
N GLN B 85 -0.61 22.62 -16.91
CA GLN B 85 -1.15 21.51 -17.69
C GLN B 85 -1.06 20.15 -16.98
N SER B 86 0.07 19.87 -16.34
CA SER B 86 0.23 18.59 -15.65
C SER B 86 -0.75 18.48 -14.48
N MSE B 87 -1.05 19.60 -13.83
CA MSE B 87 -2.00 19.60 -12.72
C MSE B 87 -3.43 19.40 -13.25
O MSE B 87 -4.23 18.67 -12.66
CB MSE B 87 -1.92 20.90 -11.94
CG MSE B 87 -0.66 21.03 -11.07
SE MSE B 87 -0.67 22.59 -9.93
CE MSE B 87 -2.55 22.71 -9.58
N TRP B 88 -3.73 20.04 -14.38
CA TRP B 88 -5.05 19.92 -15.03
C TRP B 88 -5.30 18.46 -15.36
N TRP B 89 -4.29 17.81 -15.93
CA TRP B 89 -4.43 16.41 -16.30
C TRP B 89 -4.39 15.45 -15.11
N ARG B 90 -3.61 15.77 -14.09
CA ARG B 90 -3.56 14.89 -12.93
C ARG B 90 -4.92 14.74 -12.25
N LEU B 91 -5.70 15.83 -12.21
CA LEU B 91 -7.03 15.81 -11.59
C LEU B 91 -8.16 15.82 -12.63
N HIS B 92 -7.85 15.46 -13.87
CA HIS B 92 -8.85 15.46 -14.93
C HIS B 92 -9.96 14.40 -14.79
N TYR B 93 -9.62 13.20 -14.38
CA TYR B 93 -10.66 12.18 -14.24
C TYR B 93 -11.53 12.58 -13.05
N ALA B 94 -12.84 12.73 -13.30
CA ALA B 94 -13.82 13.14 -12.27
C ALA B 94 -13.69 14.63 -11.96
N GLY B 95 -12.73 15.29 -12.62
CA GLY B 95 -12.52 16.70 -12.40
C GLY B 95 -12.91 17.51 -13.64
N ARG B 96 -11.94 18.07 -14.35
CA ARG B 96 -12.21 18.88 -15.55
C ARG B 96 -13.27 19.94 -15.19
N GLY B 97 -12.97 20.68 -14.13
CA GLY B 97 -13.85 21.70 -13.62
C GLY B 97 -13.99 21.41 -12.13
N GLY B 98 -14.89 22.10 -11.45
CA GLY B 98 -15.07 21.86 -10.04
C GLY B 98 -13.94 22.36 -9.15
N HIS B 99 -13.92 21.85 -7.92
CA HIS B 99 -12.94 22.23 -6.90
C HIS B 99 -11.49 22.09 -7.32
N ALA B 100 -11.20 21.11 -8.17
CA ALA B 100 -9.83 20.95 -8.66
C ALA B 100 -9.32 22.26 -9.27
N THR B 101 -10.20 23.08 -9.85
CA THR B 101 -9.73 24.32 -10.47
C THR B 101 -9.31 25.37 -9.45
N SER B 102 -9.86 25.28 -8.25
CA SER B 102 -9.51 26.23 -7.17
C SER B 102 -8.17 25.78 -6.59
N ALA B 103 -7.97 24.47 -6.50
CA ALA B 103 -6.73 23.92 -5.99
C ALA B 103 -5.63 24.37 -6.96
N ILE B 104 -5.91 24.20 -8.25
CA ILE B 104 -4.97 24.59 -9.30
C ILE B 104 -4.64 26.09 -9.25
N SER B 105 -5.65 26.92 -9.05
CA SER B 105 -5.48 28.38 -8.98
C SER B 105 -4.53 28.79 -7.85
N ALA B 106 -4.71 28.19 -6.68
CA ALA B 106 -3.86 28.49 -5.52
C ALA B 106 -2.40 28.25 -5.90
N VAL B 107 -2.13 27.08 -6.46
CA VAL B 107 -0.77 26.73 -6.86
C VAL B 107 -0.24 27.70 -7.92
N ASP B 108 -1.05 27.96 -8.95
CA ASP B 108 -0.67 28.88 -10.03
C ASP B 108 -0.31 30.27 -9.50
N ILE B 109 -1.13 30.80 -8.59
CA ILE B 109 -0.89 32.11 -8.00
C ILE B 109 0.46 32.15 -7.25
N ALA B 110 0.77 31.06 -6.55
CA ALA B 110 2.02 30.97 -5.81
C ALA B 110 3.22 30.91 -6.78
N LEU B 111 3.03 30.21 -7.90
CA LEU B 111 4.09 30.10 -8.89
C LEU B 111 4.38 31.45 -9.54
N TRP B 112 3.33 32.21 -9.83
CA TRP B 112 3.54 33.53 -10.42
C TRP B 112 4.20 34.47 -9.42
N ASP B 113 3.75 34.40 -8.17
CA ASP B 113 4.30 35.22 -7.10
C ASP B 113 5.81 34.98 -7.01
N LEU B 114 6.20 33.71 -7.03
CA LEU B 114 7.60 33.30 -6.95
C LEU B 114 8.38 33.85 -8.15
N LYS B 115 7.78 33.82 -9.34
CA LYS B 115 8.43 34.31 -10.54
C LYS B 115 8.64 35.82 -10.45
N GLY B 116 7.67 36.53 -9.88
CA GLY B 116 7.77 37.96 -9.73
C GLY B 116 8.81 38.34 -8.70
N ILE B 117 8.88 37.55 -7.62
CA ILE B 117 9.86 37.79 -6.58
C ILE B 117 11.26 37.60 -7.15
N ARG B 118 11.45 36.56 -7.94
CA ARG B 118 12.75 36.27 -8.53
C ARG B 118 13.14 37.28 -9.60
N ALA B 119 12.15 37.88 -10.26
CA ALA B 119 12.43 38.88 -11.29
C ALA B 119 12.47 40.26 -10.64
N ARG B 120 12.24 40.28 -9.32
CA ARG B 120 12.22 41.53 -8.57
C ARG B 120 11.25 42.54 -9.17
N THR B 121 10.08 42.08 -9.57
CA THR B 121 9.10 43.00 -10.16
C THR B 121 7.66 42.66 -9.77
N PRO B 122 6.80 43.68 -9.62
CA PRO B 122 5.40 43.44 -9.27
C PRO B 122 4.70 42.74 -10.43
N LEU B 123 3.76 41.86 -10.12
CA LEU B 123 3.08 41.10 -11.16
C LEU B 123 2.41 41.92 -12.27
N TRP B 124 1.84 43.08 -11.96
CA TRP B 124 1.19 43.85 -13.01
C TRP B 124 2.16 44.30 -14.11
N LYS B 125 3.43 44.43 -13.76
CA LYS B 125 4.45 44.83 -14.72
C LYS B 125 4.95 43.58 -15.43
N LEU B 126 5.09 42.49 -14.69
CA LEU B 126 5.55 41.23 -15.28
C LEU B 126 4.57 40.81 -16.39
N PHE B 127 3.27 41.00 -16.16
CA PHE B 127 2.23 40.62 -17.13
C PHE B 127 2.16 41.50 -18.37
N GLY B 128 2.84 42.65 -18.35
CA GLY B 128 2.79 43.53 -19.50
C GLY B 128 2.75 44.97 -19.07
N GLY B 129 1.80 45.28 -18.19
CA GLY B 129 1.68 46.63 -17.67
C GLY B 129 0.78 47.61 -18.38
N TYR B 130 -0.35 47.93 -17.75
CA TYR B 130 -1.28 48.90 -18.32
C TYR B 130 -1.36 50.14 -17.44
N ASP B 131 -1.95 49.99 -16.25
CA ASP B 131 -2.11 51.08 -15.31
C ASP B 131 -2.39 50.45 -13.93
N PRO B 132 -1.53 50.74 -12.93
CA PRO B 132 -1.69 50.19 -11.59
C PRO B 132 -2.90 50.73 -10.82
N VAL B 133 -3.44 51.85 -11.26
CA VAL B 133 -4.60 52.44 -10.60
C VAL B 133 -5.86 51.77 -11.16
N VAL B 134 -6.46 50.89 -10.36
CA VAL B 134 -7.65 50.15 -10.77
C VAL B 134 -8.91 50.59 -10.03
N PRO B 135 -9.98 50.93 -10.78
CA PRO B 135 -11.23 51.36 -10.14
C PRO B 135 -11.91 50.16 -9.49
N VAL B 136 -12.58 50.40 -8.37
CA VAL B 136 -13.25 49.31 -7.65
C VAL B 136 -14.68 49.66 -7.30
N TYR B 137 -15.41 48.66 -6.80
CA TYR B 137 -16.77 48.85 -6.36
C TYR B 137 -16.94 47.99 -5.11
N ALA B 138 -17.78 48.45 -4.18
CA ALA B 138 -18.01 47.70 -2.95
C ALA B 138 -19.10 46.65 -3.18
N GLY B 139 -18.74 45.40 -2.98
CA GLY B 139 -19.71 44.32 -3.16
C GLY B 139 -20.30 43.85 -1.86
N GLY B 140 -21.50 44.31 -1.54
CA GLY B 140 -22.15 43.91 -0.30
C GLY B 140 -22.85 42.56 -0.40
N ILE B 141 -22.89 41.84 0.72
CA ILE B 141 -23.57 40.54 0.79
C ILE B 141 -24.65 40.89 1.81
N ASP B 142 -25.61 41.68 1.33
CA ASP B 142 -26.67 42.25 2.15
C ASP B 142 -28.13 41.94 1.78
N LEU B 143 -28.42 40.79 1.21
CA LEU B 143 -29.80 40.51 0.81
C LEU B 143 -30.85 40.65 1.92
N GLU B 144 -30.59 40.08 3.08
CA GLU B 144 -31.55 40.14 4.19
C GLU B 144 -31.40 41.38 5.07
N LEU B 145 -30.44 42.23 4.72
CA LEU B 145 -30.18 43.46 5.46
C LEU B 145 -31.35 44.43 5.29
N PRO B 146 -31.84 45.03 6.39
CA PRO B 146 -32.96 45.97 6.31
C PRO B 146 -32.58 47.20 5.49
N VAL B 147 -33.54 47.73 4.74
CA VAL B 147 -33.28 48.91 3.91
C VAL B 147 -32.50 50.01 4.63
N ALA B 148 -32.90 50.33 5.86
CA ALA B 148 -32.22 51.37 6.63
C ALA B 148 -30.73 51.04 6.77
N ASP B 149 -30.44 49.77 7.07
CA ASP B 149 -29.08 49.32 7.23
C ASP B 149 -28.36 49.26 5.86
N LEU B 150 -29.15 49.09 4.80
CA LEU B 150 -28.56 49.03 3.46
C LEU B 150 -27.97 50.40 3.11
N LYS B 151 -28.70 51.46 3.40
CA LYS B 151 -28.23 52.81 3.14
C LYS B 151 -27.04 53.11 4.06
N THR B 152 -27.15 52.67 5.31
CA THR B 152 -26.10 52.87 6.30
C THR B 152 -24.81 52.28 5.77
N GLN B 153 -24.89 51.04 5.29
CA GLN B 153 -23.73 50.35 4.74
C GLN B 153 -23.17 51.14 3.57
N ALA B 154 -24.06 51.75 2.80
CA ALA B 154 -23.68 52.55 1.64
C ALA B 154 -22.86 53.77 2.07
N ASP B 155 -23.25 54.39 3.18
CA ASP B 155 -22.53 55.55 3.69
C ASP B 155 -21.12 55.15 4.10
N ARG B 156 -21.01 53.98 4.72
CA ARG B 156 -19.72 53.46 5.15
C ARG B 156 -18.83 53.20 3.93
N PHE B 157 -19.43 52.71 2.84
CA PHE B 157 -18.67 52.45 1.62
C PHE B 157 -18.14 53.77 1.07
N LEU B 158 -19.00 54.77 1.03
CA LEU B 158 -18.61 56.08 0.53
C LEU B 158 -17.48 56.63 1.41
N ALA B 159 -17.65 56.51 2.71
CA ALA B 159 -16.63 56.98 3.66
C ALA B 159 -15.34 56.25 3.35
N GLY B 160 -15.46 55.01 2.89
CA GLY B 160 -14.29 54.21 2.57
C GLY B 160 -13.61 54.56 1.26
N GLY B 161 -14.17 55.52 0.51
CA GLY B 161 -13.56 55.92 -0.75
C GLY B 161 -14.20 55.33 -2.01
N PHE B 162 -15.17 54.44 -1.84
CA PHE B 162 -15.86 53.80 -2.96
C PHE B 162 -16.79 54.74 -3.73
N ARG B 163 -16.77 54.64 -5.06
CA ARG B 163 -17.61 55.45 -5.90
C ARG B 163 -18.52 54.59 -6.77
N ALA B 164 -18.67 53.33 -6.37
CA ALA B 164 -19.49 52.36 -7.07
C ALA B 164 -19.87 51.30 -6.04
N ILE B 165 -21.14 50.92 -6.01
CA ILE B 165 -21.60 49.94 -5.04
C ILE B 165 -22.50 48.88 -5.66
N LYS B 166 -22.36 47.64 -5.18
CA LYS B 166 -23.19 46.56 -5.67
C LYS B 166 -24.00 46.05 -4.48
N MSE B 167 -25.27 45.75 -4.70
CA MSE B 167 -26.13 45.23 -3.64
C MSE B 167 -26.74 43.91 -4.11
O MSE B 167 -26.78 43.64 -5.32
CB MSE B 167 -27.24 46.21 -3.30
CG MSE B 167 -28.09 46.60 -4.50
SE MSE B 167 -29.55 47.81 -4.06
CE MSE B 167 -30.79 46.50 -3.41
N LYS B 168 -27.22 43.09 -3.18
CA LYS B 168 -27.83 41.82 -3.54
C LYS B 168 -29.32 41.95 -3.86
N VAL B 169 -29.78 41.14 -4.81
CA VAL B 169 -31.20 41.10 -5.18
C VAL B 169 -31.57 39.62 -5.22
N GLY B 170 -32.82 39.32 -5.54
CA GLY B 170 -33.23 37.94 -5.59
C GLY B 170 -34.11 37.54 -4.42
N ARG B 171 -34.77 38.53 -3.82
CA ARG B 171 -35.68 38.27 -2.70
C ARG B 171 -36.85 37.46 -3.27
N PRO B 172 -37.58 36.73 -2.40
CA PRO B 172 -38.71 35.92 -2.86
C PRO B 172 -39.73 36.74 -3.65
N ASP B 173 -39.86 38.02 -3.32
CA ASP B 173 -40.80 38.90 -4.01
C ASP B 173 -40.10 40.06 -4.70
N LEU B 174 -40.22 40.09 -6.03
CA LEU B 174 -39.58 41.14 -6.83
C LEU B 174 -39.83 42.54 -6.26
N LYS B 175 -41.06 42.78 -5.83
CA LYS B 175 -41.46 44.06 -5.26
C LYS B 175 -40.47 44.54 -4.18
N GLU B 176 -39.95 43.62 -3.38
CA GLU B 176 -39.00 43.97 -2.35
C GLU B 176 -37.70 44.48 -2.95
N ASP B 177 -37.21 43.75 -3.96
CA ASP B 177 -35.97 44.16 -4.62
C ASP B 177 -36.14 45.54 -5.25
N VAL B 178 -37.28 45.78 -5.88
CA VAL B 178 -37.55 47.06 -6.51
C VAL B 178 -37.53 48.21 -5.50
N ASP B 179 -38.19 48.03 -4.36
CA ASP B 179 -38.23 49.09 -3.35
C ASP B 179 -36.83 49.34 -2.79
N ARG B 180 -36.06 48.28 -2.60
CA ARG B 180 -34.71 48.43 -2.06
C ARG B 180 -33.79 49.12 -3.06
N VAL B 181 -33.85 48.72 -4.33
CA VAL B 181 -33.04 49.33 -5.36
C VAL B 181 -33.41 50.80 -5.50
N SER B 182 -34.71 51.07 -5.48
CA SER B 182 -35.20 52.44 -5.60
C SER B 182 -34.70 53.31 -4.43
N ALA B 183 -34.73 52.75 -3.22
CA ALA B 183 -34.27 53.52 -2.05
C ALA B 183 -32.78 53.80 -2.15
N LEU B 184 -32.01 52.82 -2.62
CA LEU B 184 -30.58 53.02 -2.74
C LEU B 184 -30.25 53.99 -3.86
N ARG B 185 -31.00 53.91 -4.97
CA ARG B 185 -30.79 54.81 -6.09
C ARG B 185 -31.07 56.23 -5.62
N GLU B 186 -32.17 56.37 -4.89
CA GLU B 186 -32.59 57.67 -4.35
C GLU B 186 -31.50 58.19 -3.40
N HIS B 187 -31.03 57.30 -2.54
CA HIS B 187 -30.00 57.63 -1.56
C HIS B 187 -28.67 58.08 -2.17
N LEU B 188 -28.26 57.43 -3.26
CA LEU B 188 -26.98 57.73 -3.89
C LEU B 188 -26.99 58.73 -5.05
N GLY B 189 -28.17 59.03 -5.60
CA GLY B 189 -28.23 59.96 -6.72
C GLY B 189 -28.12 59.15 -8.00
N ASP B 190 -28.88 59.53 -9.03
CA ASP B 190 -28.86 58.76 -10.27
C ASP B 190 -27.59 58.82 -11.12
N SER B 191 -26.51 59.32 -10.56
CA SER B 191 -25.25 59.38 -11.30
C SER B 191 -24.27 58.37 -10.70
N PHE B 192 -24.67 57.79 -9.56
CA PHE B 192 -23.83 56.83 -8.86
C PHE B 192 -23.96 55.42 -9.45
N PRO B 193 -22.82 54.77 -9.78
CA PRO B 193 -22.86 53.42 -10.34
C PRO B 193 -23.42 52.43 -9.32
N LEU B 194 -24.62 51.91 -9.58
CA LEU B 194 -25.25 50.94 -8.69
C LEU B 194 -25.46 49.66 -9.47
N MSE B 195 -24.93 48.55 -8.96
CA MSE B 195 -25.09 47.27 -9.62
C MSE B 195 -25.79 46.29 -8.70
O MSE B 195 -25.81 46.48 -7.48
CB MSE B 195 -23.72 46.73 -10.05
CG MSE B 195 -22.56 47.29 -9.23
SE MSE B 195 -21.68 48.90 -9.91
CE MSE B 195 -23.08 49.84 -10.66
N VAL B 196 -26.41 45.27 -9.27
CA VAL B 196 -27.12 44.27 -8.47
C VAL B 196 -26.65 42.88 -8.81
N ASP B 197 -26.67 42.00 -7.80
CA ASP B 197 -26.24 40.63 -7.95
C ASP B 197 -27.37 39.72 -7.49
N ALA B 198 -27.87 38.88 -8.40
CA ALA B 198 -28.95 37.96 -8.07
C ALA B 198 -28.44 36.60 -7.63
N ASN B 199 -27.14 36.38 -7.80
CA ASN B 199 -26.51 35.11 -7.42
C ASN B 199 -27.30 33.89 -7.93
N MSE B 200 -27.68 33.92 -9.19
CA MSE B 200 -28.39 32.82 -9.86
C MSE B 200 -29.80 32.54 -9.35
O MSE B 200 -30.40 31.52 -9.71
CB MSE B 200 -27.58 31.54 -9.75
CG MSE B 200 -26.09 31.70 -10.01
SE MSE B 200 -25.13 30.08 -9.59
CE MSE B 200 -24.93 30.36 -7.67
N LYS B 201 -30.35 33.43 -8.55
CA LYS B 201 -31.69 33.22 -7.99
C LYS B 201 -32.87 33.10 -8.96
N TRP B 202 -32.95 33.98 -9.94
CA TRP B 202 -34.08 33.98 -10.86
C TRP B 202 -34.15 32.93 -11.96
N THR B 203 -35.37 32.72 -12.46
CA THR B 203 -35.60 31.82 -13.57
C THR B 203 -35.36 32.74 -14.76
N VAL B 204 -35.26 32.19 -15.96
CA VAL B 204 -35.06 33.01 -17.14
C VAL B 204 -36.18 34.05 -17.26
N ASP B 205 -37.43 33.58 -17.23
CA ASP B 205 -38.57 34.50 -17.33
C ASP B 205 -38.53 35.48 -16.16
N GLY B 206 -38.24 34.97 -14.97
CA GLY B 206 -38.19 35.81 -13.79
C GLY B 206 -37.15 36.91 -13.89
N ALA B 207 -36.00 36.57 -14.47
CA ALA B 207 -34.92 37.53 -14.64
C ALA B 207 -35.30 38.66 -15.60
N ILE B 208 -35.99 38.31 -16.68
CA ILE B 208 -36.39 39.31 -17.66
C ILE B 208 -37.43 40.22 -17.01
N ARG B 209 -38.34 39.62 -16.25
CA ARG B 209 -39.36 40.39 -15.56
C ARG B 209 -38.71 41.33 -14.55
N ALA B 210 -37.71 40.84 -13.82
CA ALA B 210 -37.02 41.67 -12.84
C ALA B 210 -36.34 42.85 -13.54
N ALA B 211 -35.62 42.57 -14.62
CA ALA B 211 -34.92 43.61 -15.39
C ALA B 211 -35.86 44.71 -15.87
N ARG B 212 -37.06 44.34 -16.31
CA ARG B 212 -38.02 45.34 -16.77
C ARG B 212 -38.41 46.23 -15.59
N ALA B 213 -38.64 45.61 -14.44
CA ALA B 213 -39.02 46.35 -13.24
C ALA B 213 -37.92 47.28 -12.72
N LEU B 214 -36.66 46.87 -12.89
CA LEU B 214 -35.54 47.66 -12.40
C LEU B 214 -34.97 48.68 -13.40
N ALA B 215 -35.40 48.61 -14.65
CA ALA B 215 -34.93 49.51 -15.70
C ALA B 215 -34.99 51.00 -15.35
N PRO B 216 -36.00 51.42 -14.57
CA PRO B 216 -36.09 52.84 -14.21
C PRO B 216 -34.89 53.40 -13.43
N PHE B 217 -34.19 52.52 -12.72
CA PHE B 217 -33.06 52.95 -11.89
C PHE B 217 -31.69 52.97 -12.53
N ASP B 218 -31.63 52.68 -13.82
CA ASP B 218 -30.38 52.70 -14.58
C ASP B 218 -29.22 51.99 -13.87
N LEU B 219 -29.39 50.69 -13.62
CA LEU B 219 -28.37 49.89 -12.98
C LEU B 219 -27.19 49.70 -13.93
N HIS B 220 -25.97 49.79 -13.40
CA HIS B 220 -24.76 49.62 -14.20
C HIS B 220 -24.72 48.19 -14.75
N TRP B 221 -25.22 47.23 -13.99
CA TRP B 221 -25.31 45.86 -14.46
C TRP B 221 -26.04 44.92 -13.52
N ILE B 222 -26.50 43.80 -14.09
CA ILE B 222 -27.19 42.78 -13.33
C ILE B 222 -26.26 41.57 -13.42
N GLU B 223 -25.87 41.05 -12.27
CA GLU B 223 -24.95 39.94 -12.17
C GLU B 223 -25.67 38.63 -11.91
N GLU B 224 -25.26 37.59 -12.62
CA GLU B 224 -25.83 36.24 -12.49
C GLU B 224 -27.34 36.18 -12.29
N PRO B 225 -28.12 36.55 -13.32
CA PRO B 225 -29.58 36.51 -13.21
C PRO B 225 -30.14 35.12 -12.92
N THR B 226 -29.53 34.09 -13.53
CA THR B 226 -29.97 32.71 -13.31
C THR B 226 -28.74 31.79 -13.28
N ILE B 227 -28.93 30.48 -13.31
CA ILE B 227 -27.76 29.59 -13.26
C ILE B 227 -26.89 29.76 -14.50
N PRO B 228 -25.55 29.67 -14.32
CA PRO B 228 -24.60 29.80 -15.41
C PRO B 228 -24.58 28.69 -16.45
N ASP B 229 -25.03 27.51 -16.06
CA ASP B 229 -25.04 26.35 -16.94
C ASP B 229 -25.94 26.50 -18.16
N ASP B 230 -26.95 27.36 -18.05
CA ASP B 230 -27.92 27.55 -19.11
C ASP B 230 -27.51 28.62 -20.13
N LEU B 231 -26.78 28.20 -21.16
CA LEU B 231 -26.32 29.12 -22.20
C LEU B 231 -27.48 29.75 -22.98
N VAL B 232 -28.44 28.92 -23.38
CA VAL B 232 -29.60 29.38 -24.13
C VAL B 232 -30.44 30.39 -23.36
N GLY B 233 -30.81 30.03 -22.13
CA GLY B 233 -31.60 30.91 -21.30
C GLY B 233 -30.88 32.22 -21.00
N ASN B 234 -29.59 32.14 -20.71
CA ASN B 234 -28.83 33.35 -20.41
C ASN B 234 -28.72 34.27 -21.63
N ALA B 235 -28.61 33.67 -22.81
CA ALA B 235 -28.53 34.45 -24.04
C ALA B 235 -29.86 35.17 -24.26
N ARG B 236 -30.94 34.53 -23.82
CA ARG B 236 -32.26 35.13 -23.96
C ARG B 236 -32.39 36.33 -23.00
N ILE B 237 -31.83 36.19 -21.80
CA ILE B 237 -31.87 37.30 -20.84
C ILE B 237 -31.06 38.47 -21.43
N VAL B 238 -29.92 38.17 -22.03
CA VAL B 238 -29.10 39.21 -22.64
C VAL B 238 -29.91 39.96 -23.70
N ARG B 239 -30.57 39.22 -24.58
CA ARG B 239 -31.38 39.80 -25.64
C ARG B 239 -32.59 40.61 -25.18
N GLU B 240 -33.20 40.21 -24.06
CA GLU B 240 -34.40 40.88 -23.58
C GLU B 240 -34.34 41.80 -22.37
N SER B 241 -33.28 41.74 -21.59
CA SER B 241 -33.22 42.55 -20.36
C SER B 241 -32.85 44.03 -20.45
N GLY B 242 -32.20 44.44 -21.54
CA GLY B 242 -31.81 45.83 -21.65
C GLY B 242 -30.79 46.26 -20.60
N HIS B 243 -30.00 45.30 -20.13
CA HIS B 243 -28.97 45.58 -19.12
C HIS B 243 -27.65 44.90 -19.43
N THR B 244 -26.58 45.42 -18.84
CA THR B 244 -25.30 44.78 -18.96
C THR B 244 -25.49 43.52 -18.10
N ILE B 245 -25.16 42.35 -18.64
CA ILE B 245 -25.29 41.10 -17.89
C ILE B 245 -23.90 40.58 -17.55
N ALA B 246 -23.55 40.65 -16.26
CA ALA B 246 -22.24 40.21 -15.81
C ALA B 246 -22.33 38.78 -15.31
N GLY B 247 -21.28 38.01 -15.53
CA GLY B 247 -21.25 36.64 -15.06
C GLY B 247 -19.86 36.08 -15.19
N GLY B 248 -19.59 35.00 -14.45
CA GLY B 248 -18.28 34.38 -14.52
C GLY B 248 -17.69 33.86 -13.22
N GLU B 249 -18.17 34.31 -12.07
CA GLU B 249 -17.59 33.84 -10.82
C GLU B 249 -17.78 32.35 -10.62
N ASN B 250 -18.80 31.77 -11.27
CA ASN B 250 -19.05 30.35 -11.12
C ASN B 250 -18.59 29.52 -12.32
N LEU B 251 -17.94 30.18 -13.28
CA LEU B 251 -17.39 29.47 -14.44
C LEU B 251 -15.97 29.10 -13.99
N HIS B 252 -15.56 27.87 -14.25
CA HIS B 252 -14.26 27.42 -13.76
C HIS B 252 -13.23 26.96 -14.77
N THR B 253 -13.52 27.13 -16.05
CA THR B 253 -12.57 26.75 -17.08
C THR B 253 -12.61 27.76 -18.21
N LEU B 254 -11.53 27.81 -18.97
CA LEU B 254 -11.45 28.73 -20.11
C LEU B 254 -12.58 28.36 -21.05
N TYR B 255 -12.88 27.06 -21.15
CA TYR B 255 -13.94 26.61 -22.03
C TYR B 255 -15.31 27.14 -21.63
N ASP B 256 -15.57 27.23 -20.32
CA ASP B 256 -16.85 27.76 -19.85
C ASP B 256 -17.01 29.18 -20.37
N PHE B 257 -15.95 29.98 -20.24
CA PHE B 257 -15.99 31.37 -20.71
C PHE B 257 -16.12 31.41 -22.22
N HIS B 258 -15.43 30.49 -22.90
CA HIS B 258 -15.51 30.41 -24.35
C HIS B 258 -16.98 30.18 -24.75
N ASN B 259 -17.62 29.19 -24.12
CA ASN B 259 -19.02 28.87 -24.40
C ASN B 259 -19.94 30.06 -24.21
N ALA B 260 -19.86 30.67 -23.03
CA ALA B 260 -20.70 31.80 -22.69
C ALA B 260 -20.53 32.96 -23.66
N VAL B 261 -19.28 33.29 -23.96
CA VAL B 261 -19.03 34.38 -24.89
C VAL B 261 -19.54 34.06 -26.29
N ARG B 262 -19.25 32.85 -26.77
CA ARG B 262 -19.69 32.45 -28.11
C ARG B 262 -21.21 32.47 -28.26
N ALA B 263 -21.92 32.01 -27.23
CA ALA B 263 -23.38 31.99 -27.29
C ALA B 263 -23.99 33.34 -26.92
N GLY B 264 -23.16 34.30 -26.51
CA GLY B 264 -23.65 35.61 -26.12
C GLY B 264 -24.53 35.53 -24.88
N SER B 265 -24.16 34.64 -23.94
CA SER B 265 -24.95 34.47 -22.73
C SER B 265 -24.60 35.46 -21.61
N LEU B 266 -23.70 36.39 -21.89
CA LEU B 266 -23.31 37.42 -20.94
C LEU B 266 -22.65 38.54 -21.74
N THR B 267 -22.65 39.76 -21.21
CA THR B 267 -22.03 40.88 -21.92
C THR B 267 -20.78 41.39 -21.21
N LEU B 268 -20.56 40.95 -19.98
CA LEU B 268 -19.41 41.37 -19.18
C LEU B 268 -18.83 40.20 -18.38
N PRO B 269 -17.69 39.65 -18.81
CA PRO B 269 -17.16 38.52 -18.04
C PRO B 269 -16.55 38.92 -16.69
N GLU B 270 -16.78 38.05 -15.68
CA GLU B 270 -16.28 38.26 -14.32
C GLU B 270 -15.51 37.05 -13.79
N PRO B 271 -14.30 36.83 -14.29
CA PRO B 271 -13.57 35.67 -13.77
C PRO B 271 -13.09 35.92 -12.33
N ASP B 272 -12.81 34.83 -11.61
CA ASP B 272 -12.30 34.90 -10.24
C ASP B 272 -10.97 34.18 -10.33
N VAL B 273 -9.89 34.92 -10.19
CA VAL B 273 -8.55 34.34 -10.28
C VAL B 273 -8.33 33.16 -9.35
N SER B 274 -9.07 33.12 -8.23
CA SER B 274 -8.91 32.03 -7.27
C SER B 274 -9.64 30.73 -7.63
N ASN B 275 -10.42 30.72 -8.70
CA ASN B 275 -11.09 29.47 -9.09
C ASN B 275 -11.03 29.22 -10.60
N ILE B 276 -10.66 30.23 -11.37
CA ILE B 276 -10.63 30.04 -12.82
C ILE B 276 -9.35 29.38 -13.32
N GLY B 277 -8.36 29.23 -12.45
CA GLY B 277 -7.12 28.60 -12.85
C GLY B 277 -5.89 29.43 -12.53
N GLY B 278 -6.07 30.49 -11.75
CA GLY B 278 -4.97 31.35 -11.40
C GLY B 278 -4.79 32.47 -12.41
N TYR B 279 -3.63 33.13 -12.34
CA TYR B 279 -3.33 34.22 -13.28
C TYR B 279 -3.22 33.66 -14.69
N THR B 280 -2.65 32.47 -14.81
CA THR B 280 -2.49 31.84 -16.11
C THR B 280 -3.79 31.80 -16.92
N THR B 281 -4.85 31.25 -16.33
CA THR B 281 -6.12 31.16 -17.02
C THR B 281 -6.85 32.48 -17.06
N PHE B 282 -6.73 33.26 -15.99
CA PHE B 282 -7.39 34.55 -15.92
C PHE B 282 -6.99 35.43 -17.11
N ARG B 283 -5.71 35.44 -17.43
CA ARG B 283 -5.23 36.27 -18.55
C ARG B 283 -5.72 35.79 -19.91
N LYS B 284 -5.96 34.48 -20.02
CA LYS B 284 -6.46 33.89 -21.27
C LYS B 284 -7.93 34.30 -21.44
N VAL B 285 -8.66 34.35 -20.33
CA VAL B 285 -10.06 34.78 -20.35
C VAL B 285 -10.10 36.27 -20.72
N ALA B 286 -9.15 37.05 -20.20
CA ALA B 286 -9.09 38.47 -20.51
C ALA B 286 -8.88 38.67 -22.00
N ALA B 287 -8.06 37.81 -22.61
CA ALA B 287 -7.78 37.87 -24.04
C ALA B 287 -9.06 37.61 -24.82
N LEU B 288 -9.89 36.67 -24.36
CA LEU B 288 -11.16 36.38 -25.04
C LEU B 288 -12.05 37.59 -24.95
N ALA B 289 -12.07 38.25 -23.78
CA ALA B 289 -12.90 39.44 -23.61
C ALA B 289 -12.47 40.57 -24.54
N GLU B 290 -11.16 40.78 -24.63
CA GLU B 290 -10.64 41.84 -25.49
C GLU B 290 -10.96 41.53 -26.96
N ALA B 291 -10.80 40.27 -27.36
CA ALA B 291 -11.08 39.87 -28.72
C ALA B 291 -12.55 40.10 -29.09
N ASN B 292 -13.43 39.98 -28.10
CA ASN B 292 -14.86 40.16 -28.29
C ASN B 292 -15.37 41.56 -28.01
N ASN B 293 -14.46 42.52 -27.91
CA ASN B 293 -14.84 43.91 -27.64
C ASN B 293 -15.68 44.03 -26.37
N MSE B 294 -15.26 43.34 -25.32
CA MSE B 294 -15.96 43.40 -24.04
C MSE B 294 -15.03 43.97 -22.96
O MSE B 294 -13.81 43.89 -23.09
CB MSE B 294 -16.37 42.00 -23.57
CG MSE B 294 -17.27 41.25 -24.51
SE MSE B 294 -17.62 39.45 -23.85
CE MSE B 294 -15.97 38.60 -24.25
N LEU B 295 -15.61 44.53 -21.92
CA LEU B 295 -14.82 45.04 -20.80
C LEU B 295 -14.52 43.81 -19.95
N LEU B 296 -13.77 43.99 -18.87
CA LEU B 296 -13.46 42.86 -18.00
C LEU B 296 -13.51 43.28 -16.54
N THR B 297 -14.25 42.51 -15.75
CA THR B 297 -14.35 42.79 -14.32
C THR B 297 -13.90 41.53 -13.59
N SER B 298 -14.13 41.46 -12.29
CA SER B 298 -13.69 40.30 -11.54
C SER B 298 -14.44 40.15 -10.25
N HIS B 299 -14.19 39.02 -9.59
CA HIS B 299 -14.83 38.74 -8.32
C HIS B 299 -13.82 38.08 -7.39
N GLY B 300 -13.83 38.51 -6.13
CA GLY B 300 -12.95 37.92 -5.14
C GLY B 300 -11.49 38.34 -5.13
N VAL B 301 -10.87 38.16 -3.95
CA VAL B 301 -9.46 38.45 -3.68
C VAL B 301 -8.86 39.59 -4.51
N HIS B 302 -9.41 40.80 -4.38
CA HIS B 302 -8.90 41.92 -5.14
C HIS B 302 -7.44 42.21 -4.84
N ASP B 303 -6.96 41.72 -3.69
CA ASP B 303 -5.57 41.92 -3.31
C ASP B 303 -4.66 41.22 -4.32
N LEU B 304 -5.10 40.07 -4.80
CA LEU B 304 -4.34 39.31 -5.80
C LEU B 304 -4.73 39.77 -7.20
N THR B 305 -6.02 39.88 -7.43
CA THR B 305 -6.60 40.28 -8.71
C THR B 305 -6.16 41.64 -9.25
N VAL B 306 -5.84 42.58 -8.36
CA VAL B 306 -5.43 43.91 -8.78
C VAL B 306 -4.32 43.86 -9.85
N HIS B 307 -3.38 42.93 -9.73
CA HIS B 307 -2.30 42.84 -10.71
C HIS B 307 -2.79 42.43 -12.09
N ALA B 308 -3.82 41.59 -12.13
CA ALA B 308 -4.37 41.14 -13.40
C ALA B 308 -5.06 42.31 -14.11
N LEU B 309 -5.99 42.98 -13.43
CA LEU B 309 -6.70 44.09 -14.06
C LEU B 309 -5.84 45.31 -14.31
N ALA B 310 -4.70 45.38 -13.62
CA ALA B 310 -3.79 46.50 -13.81
C ALA B 310 -2.95 46.26 -15.06
N SER B 311 -3.05 45.06 -15.62
CA SER B 311 -2.29 44.71 -16.81
C SER B 311 -3.13 44.58 -18.08
N VAL B 312 -4.44 44.85 -17.99
CA VAL B 312 -5.29 44.75 -19.16
C VAL B 312 -5.93 46.11 -19.43
N PRO B 313 -6.07 46.47 -20.71
CA PRO B 313 -6.66 47.76 -21.09
C PRO B 313 -8.17 47.91 -20.96
N HIS B 314 -8.89 46.80 -21.01
CA HIS B 314 -10.36 46.84 -20.96
C HIS B 314 -10.98 46.55 -19.61
N ARG B 315 -10.21 46.70 -18.54
CA ARG B 315 -10.73 46.45 -17.20
C ARG B 315 -11.75 47.52 -16.81
N THR B 316 -12.67 47.17 -15.93
CA THR B 316 -13.66 48.11 -15.43
C THR B 316 -13.69 47.87 -13.92
N TYR B 317 -14.66 48.46 -13.21
CA TYR B 317 -14.77 48.30 -11.75
C TYR B 317 -14.47 46.89 -11.23
N MSE B 318 -13.50 46.80 -10.33
CA MSE B 318 -13.10 45.53 -9.72
C MSE B 318 -13.79 45.35 -8.35
O MSE B 318 -13.84 46.27 -7.54
CB MSE B 318 -11.59 45.49 -9.51
CG MSE B 318 -11.09 44.29 -8.74
SE MSE B 318 -9.15 44.21 -8.62
CE MSE B 318 -8.90 45.74 -7.45
N GLU B 319 -14.31 44.15 -8.11
CA GLU B 319 -14.99 43.90 -6.84
C GLU B 319 -14.01 43.88 -5.68
N ALA B 320 -14.31 44.68 -4.66
CA ALA B 320 -13.47 44.74 -3.46
C ALA B 320 -14.34 44.64 -2.21
N HIS B 321 -13.78 44.10 -1.13
CA HIS B 321 -14.49 43.96 0.13
C HIS B 321 -13.52 43.52 1.23
N LEU B 325 -10.45 38.93 5.02
CA LEU B 325 -9.07 38.43 5.08
C LEU B 325 -8.06 39.57 5.33
N HIS B 326 -8.52 40.81 5.18
CA HIS B 326 -7.65 41.97 5.41
C HIS B 326 -7.11 42.00 6.83
N ALA B 327 -7.91 41.49 7.77
CA ALA B 327 -7.51 41.45 9.17
C ALA B 327 -6.26 40.61 9.34
N TYR B 328 -5.96 39.81 8.32
CA TYR B 328 -4.78 38.94 8.35
C TYR B 328 -3.72 39.39 7.37
N MSE B 329 -3.83 40.61 6.87
CA MSE B 329 -2.87 41.15 5.92
C MSE B 329 -2.03 42.28 6.49
O MSE B 329 -2.48 43.04 7.34
CB MSE B 329 -3.58 41.67 4.68
CG MSE B 329 -3.80 40.63 3.60
SE MSE B 329 -4.41 41.49 1.99
CE MSE B 329 -2.71 42.19 1.37
N ALA B 330 -0.80 42.38 5.99
CA ALA B 330 0.15 43.39 6.42
C ALA B 330 -0.17 44.77 5.86
N GLU B 331 0.06 44.95 4.56
CA GLU B 331 -0.19 46.25 3.94
C GLU B 331 -1.35 46.22 2.95
N PRO B 332 -2.59 46.23 3.47
CA PRO B 332 -3.77 46.20 2.58
C PRO B 332 -3.87 47.53 1.82
N MSE B 333 -4.23 47.46 0.55
CA MSE B 333 -4.37 48.67 -0.25
C MSE B 333 -5.52 49.49 0.30
O MSE B 333 -6.52 48.95 0.75
CB MSE B 333 -4.66 48.33 -1.71
CG MSE B 333 -3.55 47.64 -2.47
SE MSE B 333 -4.17 47.14 -4.23
CE MSE B 333 -5.26 45.63 -3.69
N ALA B 334 -5.35 50.81 0.27
CA ALA B 334 -6.39 51.71 0.74
C ALA B 334 -7.17 52.13 -0.51
N VAL B 335 -8.44 52.42 -0.33
CA VAL B 335 -9.27 52.86 -1.44
C VAL B 335 -9.23 54.38 -1.43
N THR B 336 -8.85 54.97 -2.55
CA THR B 336 -8.78 56.42 -2.63
C THR B 336 -9.40 56.90 -3.94
N ASP B 337 -10.32 57.86 -3.83
CA ASP B 337 -11.00 58.40 -5.00
C ASP B 337 -11.54 57.28 -5.90
N GLY B 338 -12.11 56.26 -5.29
CA GLY B 338 -12.70 55.15 -6.03
C GLY B 338 -11.77 54.12 -6.66
N CYS B 339 -10.49 54.12 -6.28
CA CYS B 339 -9.54 53.17 -6.85
C CYS B 339 -8.54 52.67 -5.84
N VAL B 340 -7.81 51.61 -6.21
CA VAL B 340 -6.76 51.06 -5.38
C VAL B 340 -5.53 51.03 -6.29
N SER B 341 -4.35 50.96 -5.71
CA SER B 341 -3.12 50.94 -6.49
C SER B 341 -2.36 49.65 -6.29
N ALA B 342 -2.07 48.96 -7.38
CA ALA B 342 -1.31 47.73 -7.30
C ALA B 342 0.05 48.13 -6.74
N PRO B 343 0.49 47.49 -5.64
CA PRO B 343 1.80 47.83 -5.06
C PRO B 343 2.94 47.43 -5.98
N ASP B 344 4.07 48.13 -5.87
CA ASP B 344 5.23 47.84 -6.72
C ASP B 344 6.25 46.86 -6.14
N ARG B 345 5.86 46.14 -5.10
CA ARG B 345 6.75 45.15 -4.50
C ARG B 345 6.83 43.93 -5.39
N PRO B 346 7.93 43.18 -5.33
CA PRO B 346 8.11 41.98 -6.15
C PRO B 346 6.97 40.97 -5.93
N GLY B 347 6.46 40.40 -7.02
CA GLY B 347 5.36 39.45 -6.91
C GLY B 347 4.04 40.18 -6.76
N HIS B 348 3.09 39.57 -6.05
CA HIS B 348 1.78 40.20 -5.87
C HIS B 348 1.77 41.15 -4.67
N GLY B 349 2.79 41.04 -3.83
CA GLY B 349 2.91 41.92 -2.68
C GLY B 349 2.02 41.64 -1.48
N VAL B 350 1.28 40.52 -1.52
CA VAL B 350 0.41 40.18 -0.40
C VAL B 350 1.20 39.43 0.67
N VAL B 351 1.00 39.81 1.93
CA VAL B 351 1.67 39.16 3.05
C VAL B 351 0.63 38.85 4.12
N LEU B 352 0.51 37.57 4.47
CA LEU B 352 -0.46 37.15 5.47
C LEU B 352 0.20 36.88 6.82
N ASP B 353 -0.50 37.17 7.90
CA ASP B 353 0.00 36.93 9.25
C ASP B 353 -0.30 35.48 9.59
N PHE B 354 0.61 34.58 9.23
CA PHE B 354 0.41 33.16 9.48
C PHE B 354 0.37 32.79 10.97
N GLU B 355 0.87 33.67 11.82
CA GLU B 355 0.84 33.40 13.26
C GLU B 355 -0.61 33.55 13.71
N ARG B 356 -1.24 34.63 13.28
CA ARG B 356 -2.63 34.89 13.61
C ARG B 356 -3.54 33.85 12.97
N LEU B 357 -3.26 33.51 11.71
CA LEU B 357 -4.04 32.51 11.01
C LEU B 357 -3.88 31.14 11.66
N GLY B 358 -2.69 30.88 12.20
CA GLY B 358 -2.44 29.61 12.85
C GLY B 358 -3.53 29.28 13.87
N ARG B 359 -4.07 30.32 14.49
CA ARG B 359 -5.12 30.21 15.48
C ARG B 359 -6.41 29.63 14.90
N LEU B 360 -6.62 29.83 13.61
CA LEU B 360 -7.82 29.35 12.93
C LEU B 360 -7.57 28.13 12.07
N ALA B 361 -6.38 27.55 12.20
CA ALA B 361 -6.02 26.37 11.42
C ALA B 361 -6.95 25.22 11.77
N VAL B 362 -7.29 24.41 10.79
CA VAL B 362 -8.18 23.28 11.06
C VAL B 362 -7.42 21.98 10.91
N LEU C 3 19.77 -7.06 39.92
CA LEU C 3 18.56 -7.71 39.33
C LEU C 3 17.94 -6.83 38.26
N ILE C 4 17.28 -7.47 37.30
CA ILE C 4 16.62 -6.76 36.20
C ILE C 4 15.21 -6.38 36.64
N GLU C 5 14.89 -5.10 36.52
CA GLU C 5 13.57 -4.61 36.92
C GLU C 5 12.70 -4.17 35.77
N ARG C 6 13.32 -3.74 34.68
CA ARG C 6 12.55 -3.30 33.52
C ARG C 6 13.16 -3.76 32.21
N VAL C 7 12.29 -4.19 31.30
CA VAL C 7 12.70 -4.63 29.99
C VAL C 7 11.76 -4.00 28.97
N ARG C 8 12.29 -3.12 28.13
CA ARG C 8 11.46 -2.46 27.14
C ARG C 8 11.82 -2.83 25.70
N THR C 9 10.85 -3.41 25.00
CA THR C 9 11.05 -3.83 23.61
C THR C 9 10.27 -2.92 22.68
N ASP C 10 10.95 -2.43 21.64
CA ASP C 10 10.32 -1.56 20.66
C ASP C 10 10.65 -1.98 19.25
N LEU C 11 9.72 -1.73 18.33
CA LEU C 11 9.88 -2.07 16.93
C LEU C 11 9.73 -0.82 16.06
N TYR C 12 10.73 -0.53 15.24
CA TYR C 12 10.69 0.63 14.36
C TYR C 12 10.97 0.22 12.93
N ARG C 13 10.47 1.02 11.99
CA ARG C 13 10.70 0.77 10.57
C ARG C 13 11.52 1.93 10.02
N ILE C 14 12.81 1.67 9.83
CA ILE C 14 13.73 2.68 9.33
C ILE C 14 13.80 2.69 7.81
N PRO C 15 13.44 3.84 7.20
CA PRO C 15 13.46 3.96 5.74
C PRO C 15 14.90 4.14 5.24
N LEU C 16 15.16 3.68 4.03
CA LEU C 16 16.49 3.80 3.45
C LEU C 16 16.54 5.00 2.49
N PRO C 17 17.56 5.86 2.64
CA PRO C 17 17.71 7.05 1.79
C PRO C 17 17.64 6.80 0.30
N THR C 18 17.92 5.56 -0.11
CA THR C 18 17.88 5.21 -1.53
C THR C 18 17.38 3.78 -1.69
N ARG C 19 17.27 3.34 -2.95
CA ARG C 19 16.84 1.97 -3.24
C ARG C 19 18.04 1.05 -3.26
N LEU C 20 18.09 0.13 -2.31
CA LEU C 20 19.18 -0.83 -2.23
C LEU C 20 18.71 -2.14 -2.82
N THR C 21 19.62 -2.89 -3.43
CA THR C 21 19.26 -4.15 -4.06
C THR C 21 20.37 -5.20 -4.01
N ASP C 22 19.98 -6.47 -4.08
CA ASP C 22 20.94 -7.58 -4.08
C ASP C 22 20.33 -8.78 -4.80
N SER C 23 21.16 -9.77 -5.10
CA SER C 23 20.74 -10.98 -5.82
C SER C 23 19.46 -11.65 -5.32
N THR C 24 19.40 -11.92 -4.02
CA THR C 24 18.23 -12.59 -3.46
C THR C 24 17.37 -11.64 -2.62
N HIS C 25 16.16 -11.37 -3.12
CA HIS C 25 15.23 -10.45 -2.45
C HIS C 25 15.91 -9.13 -2.17
N GLY C 26 16.25 -8.41 -3.24
CA GLY C 26 16.93 -7.13 -3.11
C GLY C 26 16.06 -5.91 -2.90
N ALA C 27 14.75 -6.07 -3.08
CA ALA C 27 13.85 -4.94 -2.89
C ALA C 27 13.88 -4.44 -1.46
N MSE C 28 14.68 -3.40 -1.20
CA MSE C 28 14.80 -2.86 0.15
C MSE C 28 14.68 -1.35 0.23
O MSE C 28 15.54 -0.62 -0.26
CB MSE C 28 16.13 -3.30 0.76
CG MSE C 28 16.30 -4.81 0.85
SE MSE C 28 18.10 -5.37 1.26
CE MSE C 28 18.79 -5.49 -0.55
N MSE C 29 13.60 -0.88 0.85
CA MSE C 29 13.35 0.54 1.02
C MSE C 29 13.39 0.87 2.52
O MSE C 29 13.33 2.04 2.91
CB MSE C 29 11.99 0.94 0.47
CG MSE C 29 10.81 0.34 1.24
SE MSE C 29 9.09 1.17 0.84
CE MSE C 29 9.11 2.59 2.16
N ASP C 30 13.48 -0.17 3.34
CA ASP C 30 13.52 0.00 4.78
C ASP C 30 13.74 -1.33 5.50
N PHE C 31 14.11 -1.24 6.78
CA PHE C 31 14.35 -2.43 7.58
C PHE C 31 13.72 -2.27 8.95
N GLU C 32 13.46 -3.41 9.60
CA GLU C 32 12.84 -3.42 10.92
C GLU C 32 13.86 -3.46 12.05
N LEU C 33 13.87 -2.41 12.86
CA LEU C 33 14.78 -2.32 13.99
C LEU C 33 14.07 -2.73 15.26
N ILE C 34 14.68 -3.62 16.02
CA ILE C 34 14.14 -4.06 17.28
C ILE C 34 15.15 -3.66 18.35
N THR C 35 14.75 -2.76 19.24
CA THR C 35 15.63 -2.31 20.31
C THR C 35 15.16 -2.95 21.60
N VAL C 36 16.10 -3.16 22.51
CA VAL C 36 15.79 -3.76 23.80
C VAL C 36 16.53 -2.95 24.86
N ARG C 37 15.79 -2.47 25.86
CA ARG C 37 16.38 -1.67 26.93
C ARG C 37 16.16 -2.34 28.28
N ILE C 38 17.27 -2.71 28.94
CA ILE C 38 17.21 -3.37 30.24
C ILE C 38 17.75 -2.50 31.35
N GLU C 39 16.96 -2.33 32.40
CA GLU C 39 17.34 -1.52 33.55
C GLU C 39 17.41 -2.40 34.80
N ASP C 40 18.48 -2.25 35.57
CA ASP C 40 18.63 -3.04 36.78
C ASP C 40 18.13 -2.25 38.00
N SER C 41 18.22 -2.87 39.18
CA SER C 41 17.77 -2.26 40.42
C SER C 41 18.53 -1.02 40.85
N ASP C 42 19.61 -0.68 40.15
CA ASP C 42 20.38 0.50 40.51
C ASP C 42 20.19 1.64 39.52
N GLY C 43 19.20 1.49 38.63
CA GLY C 43 18.90 2.54 37.67
C GLY C 43 19.64 2.54 36.33
N ALA C 44 20.66 1.70 36.20
CA ALA C 44 21.43 1.64 34.96
C ALA C 44 20.66 0.89 33.87
N THR C 45 20.73 1.41 32.64
CA THR C 45 20.04 0.79 31.51
C THR C 45 20.99 0.39 30.39
N GLY C 46 20.87 -0.86 29.94
CA GLY C 46 21.70 -1.33 28.84
C GLY C 46 20.90 -1.38 27.56
N LEU C 47 21.50 -0.95 26.45
CA LEU C 47 20.82 -0.96 25.17
C LEU C 47 21.29 -2.11 24.28
N GLY C 48 20.33 -2.77 23.65
CA GLY C 48 20.65 -3.86 22.76
C GLY C 48 19.70 -3.80 21.59
N TYR C 49 20.12 -4.26 20.42
CA TYR C 49 19.25 -4.25 19.26
C TYR C 49 19.66 -5.18 18.13
N THR C 50 18.69 -5.48 17.28
CA THR C 50 18.90 -6.32 16.11
C THR C 50 17.99 -5.78 15.02
N TYR C 51 18.03 -6.38 13.83
CA TYR C 51 17.21 -5.91 12.72
C TYR C 51 16.95 -7.03 11.74
N THR C 52 15.95 -6.83 10.89
CA THR C 52 15.61 -7.80 9.85
C THR C 52 15.44 -7.03 8.55
N VAL C 53 15.46 -7.75 7.45
CA VAL C 53 15.30 -7.13 6.14
C VAL C 53 13.89 -7.35 5.60
N ASN C 54 13.06 -6.32 5.71
CA ASN C 54 11.68 -6.37 5.21
C ASN C 54 10.67 -7.18 6.01
N HIS C 55 11.06 -8.33 6.57
CA HIS C 55 10.12 -9.14 7.34
C HIS C 55 10.70 -9.77 8.60
N GLY C 56 9.82 -10.38 9.40
CA GLY C 56 10.23 -11.03 10.63
C GLY C 56 10.41 -10.12 11.83
N GLY C 57 10.35 -8.81 11.60
CA GLY C 57 10.53 -7.86 12.67
C GLY C 57 9.59 -8.00 13.85
N ALA C 58 8.30 -8.05 13.56
CA ALA C 58 7.28 -8.17 14.58
C ALA C 58 7.48 -9.44 15.39
N ALA C 59 7.85 -10.52 14.70
CA ALA C 59 8.09 -11.80 15.34
C ALA C 59 9.21 -11.67 16.38
N VAL C 60 10.35 -11.13 15.95
CA VAL C 60 11.49 -10.96 16.85
C VAL C 60 11.11 -10.15 18.09
N ALA C 61 10.38 -9.06 17.89
CA ALA C 61 9.95 -8.22 19.00
C ALA C 61 9.04 -9.02 19.93
N THR C 62 8.15 -9.81 19.33
CA THR C 62 7.22 -10.64 20.10
C THR C 62 7.95 -11.66 20.97
N MSE C 63 8.99 -12.28 20.42
CA MSE C 63 9.75 -13.26 21.17
C MSE C 63 10.41 -12.63 22.38
O MSE C 63 10.43 -13.21 23.46
CB MSE C 63 10.82 -13.91 20.28
CG MSE C 63 10.26 -14.76 19.17
SE MSE C 63 11.66 -15.31 17.94
CE MSE C 63 11.31 -14.11 16.49
N VAL C 64 10.96 -11.44 22.20
CA VAL C 64 11.63 -10.75 23.29
C VAL C 64 10.64 -10.37 24.38
N ASP C 65 9.66 -9.57 24.00
CA ASP C 65 8.65 -9.08 24.94
C ASP C 65 7.77 -10.14 25.58
N LYS C 66 7.33 -11.13 24.80
CA LYS C 66 6.46 -12.16 25.36
C LYS C 66 7.09 -13.47 25.81
N ASP C 67 8.20 -13.87 25.20
CA ASP C 67 8.83 -15.13 25.58
C ASP C 67 10.04 -14.96 26.49
N LEU C 68 10.99 -14.13 26.08
CA LEU C 68 12.21 -13.93 26.85
C LEU C 68 12.06 -13.09 28.10
N ARG C 69 11.07 -12.19 28.09
CA ARG C 69 10.81 -11.31 29.24
C ARG C 69 10.85 -12.10 30.55
N GLY C 70 10.15 -13.23 30.57
CA GLY C 70 10.12 -14.06 31.77
C GLY C 70 11.49 -14.50 32.24
N CYS C 71 12.47 -14.52 31.33
CA CYS C 71 13.83 -14.93 31.68
C CYS C 71 14.65 -13.79 32.26
N LEU C 72 14.19 -12.56 32.03
CA LEU C 72 14.93 -11.39 32.49
C LEU C 72 14.45 -10.75 33.79
N LEU C 73 13.17 -10.39 33.85
CA LEU C 73 12.60 -9.76 35.04
C LEU C 73 12.87 -10.55 36.31
N GLY C 74 13.60 -9.95 37.23
CA GLY C 74 13.90 -10.60 38.50
C GLY C 74 15.18 -11.40 38.50
N ALA C 75 15.89 -11.40 37.37
CA ALA C 75 17.13 -12.15 37.25
C ALA C 75 18.32 -11.21 37.44
N ASP C 76 19.45 -11.78 37.87
CA ASP C 76 20.66 -10.98 38.06
C ASP C 76 21.29 -10.76 36.69
N ALA C 77 21.27 -9.51 36.25
CA ALA C 77 21.82 -9.15 34.94
C ALA C 77 23.32 -9.41 34.81
N GLU C 78 23.99 -9.71 35.91
CA GLU C 78 25.43 -9.95 35.86
C GLU C 78 25.78 -11.36 35.38
N GLN C 79 24.80 -12.25 35.37
CA GLN C 79 25.02 -13.62 34.91
C GLN C 79 24.56 -13.77 33.48
N ILE C 80 25.28 -13.11 32.57
CA ILE C 80 24.94 -13.12 31.14
C ILE C 80 24.86 -14.54 30.57
N GLU C 81 25.84 -15.38 30.90
CA GLU C 81 25.88 -16.75 30.38
C GLU C 81 24.69 -17.59 30.84
N LYS C 82 24.32 -17.46 32.12
CA LYS C 82 23.19 -18.21 32.63
C LYS C 82 21.92 -17.74 31.95
N ILE C 83 21.82 -16.43 31.70
CA ILE C 83 20.65 -15.85 31.05
C ILE C 83 20.60 -16.32 29.60
N TRP C 84 21.76 -16.37 28.95
CA TRP C 84 21.84 -16.81 27.56
C TRP C 84 21.27 -18.23 27.43
N GLN C 85 21.77 -19.16 28.24
CA GLN C 85 21.29 -20.54 28.18
C GLN C 85 19.80 -20.66 28.47
N SER C 86 19.31 -19.91 29.46
CA SER C 86 17.90 -19.96 29.82
C SER C 86 17.04 -19.50 28.63
N MSE C 87 17.53 -18.52 27.89
CA MSE C 87 16.79 -18.00 26.73
C MSE C 87 16.87 -18.99 25.57
O MSE C 87 15.87 -19.22 24.87
CB MSE C 87 17.36 -16.64 26.32
CG MSE C 87 16.90 -15.49 27.19
SE MSE C 87 17.54 -13.79 26.58
CE MSE C 87 17.07 -13.94 24.75
N TRP C 88 18.05 -19.57 25.36
CA TRP C 88 18.25 -20.54 24.30
C TRP C 88 17.26 -21.69 24.48
N TRP C 89 17.13 -22.18 25.71
CA TRP C 89 16.21 -23.28 25.95
C TRP C 89 14.74 -22.88 26.00
N ARG C 90 14.45 -21.65 26.40
CA ARG C 90 13.05 -21.22 26.43
C ARG C 90 12.42 -21.24 25.04
N LEU C 91 13.22 -20.94 24.01
CA LEU C 91 12.72 -20.92 22.65
C LEU C 91 13.26 -22.07 21.81
N HIS C 92 13.80 -23.09 22.47
CA HIS C 92 14.37 -24.24 21.79
C HIS C 92 13.33 -25.04 21.01
N TYR C 93 12.14 -25.19 21.58
CA TYR C 93 11.07 -25.92 20.91
C TYR C 93 10.71 -25.17 19.63
N ALA C 94 10.87 -25.82 18.49
CA ALA C 94 10.56 -25.19 17.20
C ALA C 94 11.56 -24.09 16.86
N GLY C 95 12.52 -23.86 17.76
CA GLY C 95 13.53 -22.83 17.52
C GLY C 95 14.87 -23.45 17.14
N ARG C 96 15.84 -23.40 18.05
CA ARG C 96 17.18 -23.94 17.83
C ARG C 96 17.72 -23.41 16.52
N GLY C 97 17.71 -22.09 16.40
CA GLY C 97 18.15 -21.39 15.21
C GLY C 97 17.01 -20.45 14.83
N GLY C 98 17.11 -19.80 13.68
CA GLY C 98 16.05 -18.90 13.27
C GLY C 98 15.99 -17.56 13.98
N HIS C 99 14.85 -16.88 13.84
CA HIS C 99 14.63 -15.57 14.44
C HIS C 99 14.87 -15.48 15.94
N ALA C 100 14.59 -16.56 16.66
CA ALA C 100 14.83 -16.57 18.10
C ALA C 100 16.27 -16.16 18.41
N THR C 101 17.22 -16.59 17.57
CA THR C 101 18.62 -16.22 17.80
C THR C 101 18.83 -14.72 17.72
N SER C 102 18.05 -14.04 16.89
CA SER C 102 18.18 -12.59 16.78
C SER C 102 17.60 -11.93 18.04
N ALA C 103 16.49 -12.47 18.54
CA ALA C 103 15.86 -11.95 19.75
C ALA C 103 16.85 -12.09 20.89
N ILE C 104 17.52 -13.25 20.92
CA ILE C 104 18.52 -13.53 21.94
C ILE C 104 19.69 -12.56 21.82
N SER C 105 20.12 -12.31 20.59
CA SER C 105 21.23 -11.40 20.34
C SER C 105 20.99 -10.02 20.95
N ALA C 106 19.81 -9.45 20.69
CA ALA C 106 19.46 -8.12 21.19
C ALA C 106 19.58 -8.05 22.71
N VAL C 107 18.98 -9.03 23.39
CA VAL C 107 19.03 -9.11 24.84
C VAL C 107 20.48 -9.24 25.31
N ASP C 108 21.22 -10.17 24.68
CA ASP C 108 22.61 -10.40 25.05
C ASP C 108 23.41 -9.11 24.94
N ILE C 109 23.20 -8.37 23.87
CA ILE C 109 23.92 -7.11 23.66
C ILE C 109 23.62 -6.09 24.76
N ALA C 110 22.36 -6.01 25.18
CA ALA C 110 21.94 -5.09 26.21
C ALA C 110 22.63 -5.45 27.54
N LEU C 111 22.63 -6.73 27.87
CA LEU C 111 23.24 -7.22 29.10
C LEU C 111 24.71 -6.87 29.16
N TRP C 112 25.43 -7.08 28.07
CA TRP C 112 26.85 -6.74 28.04
C TRP C 112 27.04 -5.24 28.21
N ASP C 113 26.22 -4.47 27.51
CA ASP C 113 26.29 -3.01 27.59
C ASP C 113 26.14 -2.57 29.04
N LEU C 114 25.15 -3.17 29.70
CA LEU C 114 24.84 -2.89 31.09
C LEU C 114 26.03 -3.27 31.99
N LYS C 115 26.62 -4.44 31.73
CA LYS C 115 27.76 -4.91 32.52
C LYS C 115 28.94 -3.96 32.36
N GLY C 116 29.11 -3.42 31.16
CA GLY C 116 30.21 -2.51 30.90
C GLY C 116 29.97 -1.16 31.54
N ILE C 117 28.71 -0.79 31.66
CA ILE C 117 28.33 0.47 32.28
C ILE C 117 28.56 0.38 33.78
N ARG C 118 28.07 -0.69 34.39
CA ARG C 118 28.23 -0.88 35.83
C ARG C 118 29.70 -1.11 36.19
N ALA C 119 30.53 -1.34 35.18
CA ALA C 119 31.95 -1.55 35.39
C ALA C 119 32.74 -0.34 34.92
N ARG C 120 32.03 0.63 34.35
CA ARG C 120 32.63 1.86 33.85
C ARG C 120 33.80 1.62 32.90
N THR C 121 33.59 0.75 31.91
CA THR C 121 34.63 0.44 30.96
C THR C 121 34.06 0.08 29.59
N PRO C 122 34.76 0.43 28.51
CA PRO C 122 34.26 0.10 27.17
C PRO C 122 34.32 -1.42 26.98
N LEU C 123 33.41 -1.96 26.17
CA LEU C 123 33.36 -3.40 25.96
C LEU C 123 34.64 -4.01 25.39
N TRP C 124 35.31 -3.32 24.48
CA TRP C 124 36.53 -3.89 23.89
C TRP C 124 37.60 -4.14 24.95
N LYS C 125 37.57 -3.36 26.03
CA LYS C 125 38.54 -3.54 27.12
C LYS C 125 38.00 -4.65 28.02
N LEU C 126 36.73 -4.56 28.34
CA LEU C 126 36.06 -5.55 29.18
C LEU C 126 36.24 -6.96 28.62
N PHE C 127 36.16 -7.08 27.29
CA PHE C 127 36.31 -8.38 26.63
C PHE C 127 37.74 -8.90 26.61
N GLY C 128 38.71 -8.03 26.91
CA GLY C 128 40.09 -8.45 26.89
C GLY C 128 40.98 -7.33 26.42
N GLY C 129 40.63 -6.74 25.27
CA GLY C 129 41.40 -5.64 24.73
C GLY C 129 42.56 -5.97 23.83
N TYR C 130 42.41 -5.68 22.53
CA TYR C 130 43.47 -5.94 21.58
C TYR C 130 43.95 -4.65 20.94
N ASP C 131 43.04 -3.96 20.25
CA ASP C 131 43.37 -2.71 19.57
C ASP C 131 42.06 -2.04 19.13
N PRO C 132 41.76 -0.85 19.70
CA PRO C 132 40.54 -0.10 19.37
C PRO C 132 40.41 0.38 17.92
N VAL C 133 41.52 0.45 17.21
CA VAL C 133 41.49 0.89 15.82
C VAL C 133 41.19 -0.30 14.91
N VAL C 134 39.97 -0.35 14.39
CA VAL C 134 39.51 -1.45 13.53
C VAL C 134 39.40 -1.07 12.06
N PRO C 135 40.02 -1.85 11.16
CA PRO C 135 39.94 -1.56 9.73
C PRO C 135 38.51 -1.82 9.24
N VAL C 136 38.05 -1.05 8.27
CA VAL C 136 36.70 -1.22 7.76
C VAL C 136 36.61 -1.23 6.24
N TYR C 137 35.42 -1.56 5.74
CA TYR C 137 35.16 -1.58 4.30
C TYR C 137 33.69 -1.21 4.13
N ALA C 138 33.39 -0.52 3.03
CA ALA C 138 32.02 -0.10 2.74
C ALA C 138 31.25 -1.22 2.06
N GLY C 139 30.17 -1.67 2.70
CA GLY C 139 29.35 -2.73 2.15
C GLY C 139 28.17 -2.19 1.38
N GLY C 140 28.36 -1.95 0.09
CA GLY C 140 27.26 -1.43 -0.72
C GLY C 140 26.23 -2.48 -1.12
N ILE C 141 24.98 -2.05 -1.21
CA ILE C 141 23.87 -2.92 -1.63
C ILE C 141 23.48 -2.24 -2.93
N ASP C 142 24.25 -2.55 -3.96
CA ASP C 142 24.15 -1.93 -5.27
C ASP C 142 24.03 -2.86 -6.48
N LEU C 143 23.42 -4.01 -6.34
CA LEU C 143 23.33 -4.92 -7.48
C LEU C 143 22.68 -4.31 -8.73
N GLU C 144 21.56 -3.62 -8.55
CA GLU C 144 20.85 -3.02 -9.67
C GLU C 144 21.33 -1.62 -10.04
N LEU C 145 22.23 -1.07 -9.22
CA LEU C 145 22.76 0.26 -9.48
C LEU C 145 23.54 0.27 -10.79
N PRO C 146 23.40 1.34 -11.61
CA PRO C 146 24.09 1.47 -12.88
C PRO C 146 25.60 1.65 -12.70
N VAL C 147 26.38 1.08 -13.61
CA VAL C 147 27.84 1.15 -13.53
C VAL C 147 28.36 2.54 -13.20
N ALA C 148 27.83 3.56 -13.87
CA ALA C 148 28.26 4.93 -13.62
C ALA C 148 27.99 5.35 -12.19
N ASP C 149 26.82 4.99 -11.67
CA ASP C 149 26.44 5.33 -10.30
C ASP C 149 27.21 4.50 -9.28
N LEU C 150 27.76 3.38 -9.73
CA LEU C 150 28.52 2.50 -8.85
C LEU C 150 29.87 3.17 -8.61
N LYS C 151 30.45 3.71 -9.67
CA LYS C 151 31.73 4.40 -9.55
C LYS C 151 31.51 5.64 -8.71
N THR C 152 30.34 6.26 -8.89
CA THR C 152 29.98 7.45 -8.13
C THR C 152 29.88 7.11 -6.65
N GLN C 153 29.19 6.02 -6.36
CA GLN C 153 29.04 5.56 -4.97
C GLN C 153 30.42 5.27 -4.43
N ALA C 154 31.28 4.72 -5.26
CA ALA C 154 32.64 4.39 -4.86
C ALA C 154 33.37 5.67 -4.45
N ASP C 155 33.12 6.75 -5.19
CA ASP C 155 33.76 8.03 -4.89
C ASP C 155 33.29 8.55 -3.53
N ARG C 156 32.02 8.33 -3.22
CA ARG C 156 31.48 8.77 -1.94
C ARG C 156 32.21 8.04 -0.81
N PHE C 157 32.40 6.74 -1.01
CA PHE C 157 33.09 5.91 -0.03
C PHE C 157 34.52 6.38 0.24
N LEU C 158 35.24 6.68 -0.83
CA LEU C 158 36.62 7.14 -0.69
C LEU C 158 36.64 8.47 0.05
N ALA C 159 35.81 9.41 -0.39
CA ALA C 159 35.73 10.70 0.27
C ALA C 159 35.37 10.49 1.74
N GLY C 160 34.70 9.38 2.01
CA GLY C 160 34.29 9.06 3.37
C GLY C 160 35.39 8.48 4.22
N GLY C 161 36.52 8.17 3.62
CA GLY C 161 37.64 7.62 4.38
C GLY C 161 37.81 6.12 4.22
N PHE C 162 36.95 5.49 3.43
CA PHE C 162 37.05 4.06 3.22
C PHE C 162 38.21 3.71 2.30
N ARG C 163 38.93 2.65 2.63
CA ARG C 163 40.05 2.21 1.81
C ARG C 163 39.81 0.78 1.37
N ALA C 164 38.56 0.33 1.49
CA ALA C 164 38.15 -1.01 1.11
C ALA C 164 36.68 -0.99 0.74
N ILE C 165 36.32 -1.59 -0.39
CA ILE C 165 34.93 -1.59 -0.83
C ILE C 165 34.40 -2.96 -1.27
N LYS C 166 33.14 -3.23 -0.94
CA LYS C 166 32.51 -4.48 -1.36
C LYS C 166 31.32 -4.11 -2.24
N MSE C 167 31.15 -4.82 -3.35
CA MSE C 167 30.03 -4.57 -4.25
C MSE C 167 29.26 -5.86 -4.44
O MSE C 167 29.79 -6.95 -4.21
CB MSE C 167 30.57 -4.06 -5.61
CG MSE C 167 31.52 -5.02 -6.30
SE MSE C 167 32.05 -4.43 -8.07
CE MSE C 167 30.44 -4.95 -9.00
N LYS C 168 28.00 -5.76 -4.85
CA LYS C 168 27.18 -6.95 -5.06
C LYS C 168 27.35 -7.56 -6.44
N VAL C 169 27.20 -8.89 -6.50
CA VAL C 169 27.28 -9.63 -7.75
C VAL C 169 26.11 -10.59 -7.74
N GLY C 170 26.00 -11.42 -8.77
CA GLY C 170 24.89 -12.35 -8.84
C GLY C 170 23.83 -11.92 -9.82
N ARG C 171 24.22 -11.21 -10.88
CA ARG C 171 23.27 -10.78 -11.89
C ARG C 171 22.90 -12.05 -12.66
N PRO C 172 21.72 -12.07 -13.30
CA PRO C 172 21.30 -13.25 -14.05
C PRO C 172 22.38 -13.70 -15.05
N ASP C 173 23.11 -12.74 -15.59
CA ASP C 173 24.15 -13.03 -16.56
C ASP C 173 25.53 -12.67 -16.01
N LEU C 174 26.39 -13.67 -15.90
CA LEU C 174 27.74 -13.48 -15.37
C LEU C 174 28.50 -12.37 -16.09
N LYS C 175 28.27 -12.24 -17.40
CA LYS C 175 28.92 -11.22 -18.21
C LYS C 175 28.80 -9.83 -17.59
N GLU C 176 27.62 -9.52 -17.07
CA GLU C 176 27.36 -8.22 -16.46
C GLU C 176 28.16 -8.04 -15.17
N ASP C 177 28.29 -9.10 -14.38
CA ASP C 177 29.07 -9.00 -13.14
C ASP C 177 30.52 -8.78 -13.51
N VAL C 178 30.97 -9.53 -14.51
CA VAL C 178 32.35 -9.44 -14.99
C VAL C 178 32.64 -8.02 -15.48
N ASP C 179 31.70 -7.42 -16.20
CA ASP C 179 31.88 -6.07 -16.70
C ASP C 179 31.91 -5.07 -15.56
N ARG C 180 30.95 -5.21 -14.65
CA ARG C 180 30.85 -4.30 -13.51
C ARG C 180 32.08 -4.37 -12.60
N VAL C 181 32.57 -5.57 -12.32
CA VAL C 181 33.75 -5.73 -11.46
C VAL C 181 34.98 -5.17 -12.15
N SER C 182 35.10 -5.42 -13.45
CA SER C 182 36.24 -4.93 -14.22
C SER C 182 36.27 -3.41 -14.19
N ALA C 183 35.10 -2.79 -14.26
CA ALA C 183 34.99 -1.34 -14.25
C ALA C 183 35.53 -0.78 -12.92
N LEU C 184 34.97 -1.25 -11.81
CA LEU C 184 35.41 -0.78 -10.51
C LEU C 184 36.87 -1.08 -10.21
N ARG C 185 37.38 -2.19 -10.73
CA ARG C 185 38.78 -2.51 -10.49
C ARG C 185 39.61 -1.43 -11.16
N GLU C 186 39.27 -1.09 -12.40
CA GLU C 186 40.01 -0.06 -13.13
C GLU C 186 39.84 1.28 -12.45
N HIS C 187 38.61 1.55 -11.99
CA HIS C 187 38.29 2.81 -11.32
C HIS C 187 39.07 2.99 -10.02
N LEU C 188 39.09 1.95 -9.18
CA LEU C 188 39.76 2.01 -7.89
C LEU C 188 41.27 1.72 -7.89
N GLY C 189 41.77 1.09 -8.95
CA GLY C 189 43.19 0.78 -8.99
C GLY C 189 43.51 -0.67 -8.67
N ASP C 190 44.74 -1.07 -8.93
CA ASP C 190 45.20 -2.44 -8.70
C ASP C 190 45.34 -2.92 -7.26
N SER C 191 45.82 -2.06 -6.37
CA SER C 191 46.00 -2.46 -4.98
C SER C 191 44.81 -2.21 -4.06
N PHE C 192 43.74 -1.64 -4.60
CA PHE C 192 42.56 -1.35 -3.78
C PHE C 192 41.76 -2.60 -3.45
N PRO C 193 41.59 -2.90 -2.15
CA PRO C 193 40.83 -4.09 -1.71
C PRO C 193 39.38 -4.04 -2.18
N LEU C 194 39.05 -4.90 -3.15
CA LEU C 194 37.71 -4.97 -3.71
C LEU C 194 37.14 -6.36 -3.44
N MSE C 195 35.98 -6.40 -2.79
CA MSE C 195 35.33 -7.66 -2.49
C MSE C 195 33.95 -7.71 -3.12
O MSE C 195 33.36 -6.66 -3.40
CB MSE C 195 35.25 -7.86 -0.97
CG MSE C 195 35.24 -6.55 -0.20
SE MSE C 195 36.96 -5.87 0.43
CE MSE C 195 38.13 -6.42 -0.90
N VAL C 196 33.44 -8.91 -3.36
CA VAL C 196 32.11 -9.06 -3.95
C VAL C 196 31.23 -9.95 -3.07
N ASP C 197 29.93 -9.70 -3.12
CA ASP C 197 28.96 -10.44 -2.33
C ASP C 197 27.86 -10.98 -3.26
N ALA C 198 27.79 -12.30 -3.39
CA ALA C 198 26.79 -12.93 -4.25
C ALA C 198 25.46 -13.15 -3.56
N ASN C 199 25.44 -12.99 -2.24
CA ASN C 199 24.23 -13.17 -1.46
C ASN C 199 23.50 -14.47 -1.79
N MSE C 200 24.25 -15.55 -1.88
CA MSE C 200 23.70 -16.89 -2.14
C MSE C 200 23.09 -17.15 -3.51
O MSE C 200 22.47 -18.19 -3.73
CB MSE C 200 22.64 -17.19 -1.08
CG MSE C 200 23.05 -16.87 0.34
SE MSE C 200 21.60 -17.20 1.55
CE MSE C 200 20.72 -15.48 1.42
N LYS C 201 23.30 -16.24 -4.46
CA LYS C 201 22.69 -16.39 -5.78
C LYS C 201 23.11 -17.59 -6.62
N TRP C 202 24.41 -17.82 -6.75
CA TRP C 202 24.92 -18.90 -7.58
C TRP C 202 24.71 -20.35 -7.14
N THR C 203 24.77 -21.25 -8.11
CA THR C 203 24.67 -22.67 -7.85
C THR C 203 26.11 -23.02 -7.55
N VAL C 204 26.38 -24.25 -7.13
CA VAL C 204 27.76 -24.63 -6.83
C VAL C 204 28.61 -24.49 -8.10
N ASP C 205 28.13 -25.04 -9.23
CA ASP C 205 28.87 -24.97 -10.49
C ASP C 205 28.99 -23.52 -10.98
N GLY C 206 27.89 -22.78 -10.82
CA GLY C 206 27.88 -21.39 -11.24
C GLY C 206 28.85 -20.52 -10.45
N ALA C 207 29.04 -20.83 -9.17
CA ALA C 207 29.95 -20.07 -8.33
C ALA C 207 31.39 -20.31 -8.80
N ILE C 208 31.71 -21.56 -9.08
CA ILE C 208 33.04 -21.90 -9.54
C ILE C 208 33.29 -21.23 -10.89
N ARG C 209 32.29 -21.27 -11.77
CA ARG C 209 32.40 -20.63 -13.08
C ARG C 209 32.61 -19.12 -12.89
N ALA C 210 31.82 -18.52 -11.99
CA ALA C 210 31.94 -17.09 -11.72
C ALA C 210 33.35 -16.73 -11.22
N ALA C 211 33.85 -17.49 -10.27
CA ALA C 211 35.19 -17.23 -9.73
C ALA C 211 36.27 -17.28 -10.83
N ARG C 212 36.18 -18.23 -11.75
CA ARG C 212 37.17 -18.32 -12.82
C ARG C 212 37.16 -17.05 -13.68
N ALA C 213 35.96 -16.52 -13.88
CA ALA C 213 35.79 -15.31 -14.68
C ALA C 213 36.22 -14.04 -13.94
N LEU C 214 36.12 -14.07 -12.61
CA LEU C 214 36.48 -12.89 -11.83
C LEU C 214 37.93 -12.91 -11.35
N ALA C 215 38.60 -14.05 -11.54
CA ALA C 215 39.98 -14.22 -11.11
C ALA C 215 40.94 -13.13 -11.58
N PRO C 216 40.79 -12.67 -12.83
CA PRO C 216 41.71 -11.63 -13.31
C PRO C 216 41.72 -10.35 -12.48
N PHE C 217 40.63 -10.08 -11.76
CA PHE C 217 40.51 -8.86 -10.98
C PHE C 217 41.05 -8.87 -9.54
N ASP C 218 41.67 -9.98 -9.15
CA ASP C 218 42.25 -10.13 -7.81
C ASP C 218 41.34 -9.58 -6.71
N LEU C 219 40.18 -10.20 -6.54
CA LEU C 219 39.25 -9.77 -5.51
C LEU C 219 39.76 -10.24 -4.16
N HIS C 220 39.58 -9.43 -3.13
CA HIS C 220 40.04 -9.78 -1.79
C HIS C 220 39.27 -11.00 -1.28
N TRP C 221 38.01 -11.11 -1.67
CA TRP C 221 37.20 -12.25 -1.30
C TRP C 221 35.83 -12.26 -1.96
N ILE C 222 35.21 -13.44 -1.96
CA ILE C 222 33.88 -13.65 -2.52
C ILE C 222 33.00 -14.08 -1.35
N GLU C 223 31.90 -13.37 -1.14
CA GLU C 223 31.00 -13.63 -0.03
C GLU C 223 29.74 -14.41 -0.42
N GLU C 224 29.40 -15.41 0.40
CA GLU C 224 28.21 -16.23 0.19
C GLU C 224 27.92 -16.60 -1.27
N PRO C 225 28.79 -17.42 -1.88
CA PRO C 225 28.59 -17.82 -3.29
C PRO C 225 27.28 -18.61 -3.53
N THR C 226 26.91 -19.46 -2.59
CA THR C 226 25.67 -20.23 -2.72
C THR C 226 24.96 -20.24 -1.38
N ILE C 227 23.91 -21.04 -1.22
CA ILE C 227 23.22 -21.08 0.07
C ILE C 227 24.16 -21.62 1.14
N PRO C 228 24.00 -21.19 2.39
CA PRO C 228 24.86 -21.65 3.48
C PRO C 228 24.64 -23.06 4.01
N ASP C 229 23.45 -23.60 3.80
CA ASP C 229 23.11 -24.94 4.30
C ASP C 229 23.91 -26.07 3.63
N ASP C 230 24.43 -25.79 2.44
CA ASP C 230 25.18 -26.77 1.66
C ASP C 230 26.67 -26.84 2.03
N LEU C 231 26.99 -27.68 3.02
CA LEU C 231 28.37 -27.84 3.47
C LEU C 231 29.28 -28.45 2.40
N VAL C 232 28.79 -29.51 1.76
CA VAL C 232 29.54 -30.22 0.73
C VAL C 232 29.85 -29.31 -0.46
N GLY C 233 28.81 -28.65 -0.98
CA GLY C 233 28.96 -27.76 -2.12
C GLY C 233 29.86 -26.56 -1.84
N ASN C 234 29.72 -25.96 -0.66
CA ASN C 234 30.57 -24.82 -0.34
C ASN C 234 32.01 -25.27 -0.18
N ALA C 235 32.20 -26.47 0.35
CA ALA C 235 33.54 -27.02 0.52
C ALA C 235 34.13 -27.19 -0.88
N ARG C 236 33.29 -27.54 -1.84
CA ARG C 236 33.74 -27.72 -3.20
C ARG C 236 34.10 -26.37 -3.84
N ILE C 237 33.35 -25.32 -3.51
CA ILE C 237 33.63 -23.99 -4.04
C ILE C 237 34.97 -23.51 -3.46
N VAL C 238 35.21 -23.79 -2.19
CA VAL C 238 36.46 -23.39 -1.55
C VAL C 238 37.65 -24.07 -2.24
N ARG C 239 37.50 -25.36 -2.52
CA ARG C 239 38.57 -26.11 -3.17
C ARG C 239 38.85 -25.68 -4.61
N GLU C 240 37.84 -25.19 -5.32
CA GLU C 240 38.02 -24.82 -6.71
C GLU C 240 38.01 -23.34 -7.13
N SER C 241 37.48 -22.46 -6.29
CA SER C 241 37.38 -21.06 -6.65
C SER C 241 38.70 -20.26 -6.73
N GLY C 242 39.65 -20.61 -5.89
CA GLY C 242 40.91 -19.87 -5.89
C GLY C 242 40.70 -18.48 -5.31
N HIS C 243 39.78 -18.39 -4.36
CA HIS C 243 39.45 -17.12 -3.70
C HIS C 243 39.22 -17.33 -2.22
N THR C 244 39.32 -16.24 -1.47
CA THR C 244 39.00 -16.29 -0.06
C THR C 244 37.47 -16.38 -0.11
N ILE C 245 36.88 -17.31 0.62
CA ILE C 245 35.43 -17.44 0.62
C ILE C 245 34.89 -17.04 1.99
N ALA C 246 34.18 -15.92 2.01
CA ALA C 246 33.61 -15.39 3.26
C ALA C 246 32.16 -15.81 3.40
N GLY C 247 31.73 -16.04 4.64
CA GLY C 247 30.37 -16.44 4.89
C GLY C 247 30.07 -16.52 6.38
N GLY C 248 28.79 -16.47 6.73
CA GLY C 248 28.41 -16.56 8.13
C GLY C 248 27.29 -15.64 8.58
N GLU C 249 27.00 -14.58 7.83
CA GLU C 249 25.95 -13.65 8.22
C GLU C 249 24.61 -14.37 8.32
N ASN C 250 24.49 -15.48 7.60
CA ASN C 250 23.26 -16.26 7.62
C ASN C 250 23.31 -17.48 8.54
N LEU C 251 24.42 -17.63 9.25
CA LEU C 251 24.57 -18.74 10.19
C LEU C 251 24.10 -18.15 11.51
N HIS C 252 23.35 -18.92 12.29
CA HIS C 252 22.80 -18.38 13.53
C HIS C 252 23.08 -19.10 14.83
N THR C 253 23.94 -20.10 14.80
CA THR C 253 24.32 -20.82 16.01
C THR C 253 25.82 -21.11 15.96
N LEU C 254 26.39 -21.36 17.12
CA LEU C 254 27.80 -21.68 17.22
C LEU C 254 28.04 -22.97 16.43
N TYR C 255 27.05 -23.86 16.46
CA TYR C 255 27.14 -25.14 15.76
C TYR C 255 27.22 -24.97 14.24
N ASP C 256 26.51 -23.99 13.69
CA ASP C 256 26.56 -23.73 12.26
C ASP C 256 27.99 -23.41 11.88
N PHE C 257 28.63 -22.52 12.63
CA PHE C 257 30.00 -22.13 12.33
C PHE C 257 30.94 -23.31 12.50
N HIS C 258 30.70 -24.11 13.54
CA HIS C 258 31.50 -25.31 13.79
C HIS C 258 31.44 -26.24 12.58
N ASN C 259 30.24 -26.44 12.02
CA ASN C 259 30.08 -27.32 10.85
C ASN C 259 30.83 -26.78 9.65
N ALA C 260 30.68 -25.48 9.39
CA ALA C 260 31.33 -24.83 8.25
C ALA C 260 32.84 -24.95 8.34
N VAL C 261 33.38 -24.63 9.50
CA VAL C 261 34.83 -24.69 9.69
C VAL C 261 35.33 -26.12 9.53
N ARG C 262 34.72 -27.04 10.27
CA ARG C 262 35.13 -28.44 10.21
C ARG C 262 35.13 -28.98 8.77
N ALA C 263 34.09 -28.67 8.00
CA ALA C 263 34.00 -29.15 6.62
C ALA C 263 34.79 -28.31 5.62
N GLY C 264 35.41 -27.24 6.09
CA GLY C 264 36.15 -26.37 5.19
C GLY C 264 35.22 -25.75 4.14
N SER C 265 34.01 -25.39 4.57
CA SER C 265 32.99 -24.79 3.70
C SER C 265 33.18 -23.29 3.49
N LEU C 266 34.17 -22.71 4.16
CA LEU C 266 34.47 -21.29 4.04
C LEU C 266 35.88 -21.07 4.56
N THR C 267 36.51 -19.98 4.15
CA THR C 267 37.88 -19.69 4.60
C THR C 267 37.95 -18.46 5.51
N LEU C 268 36.87 -17.68 5.52
CA LEU C 268 36.82 -16.47 6.34
C LEU C 268 35.44 -16.36 6.97
N PRO C 269 35.34 -16.63 8.28
CA PRO C 269 34.05 -16.55 8.98
C PRO C 269 33.56 -15.09 9.11
N GLU C 270 32.27 -14.90 8.87
CA GLU C 270 31.66 -13.59 8.91
C GLU C 270 30.41 -13.54 9.78
N PRO C 271 30.57 -13.69 11.10
CA PRO C 271 29.39 -13.64 11.97
C PRO C 271 28.79 -12.23 12.09
N ASP C 272 27.52 -12.19 12.49
CA ASP C 272 26.80 -10.94 12.69
C ASP C 272 26.36 -10.96 14.16
N VAL C 273 26.94 -10.09 14.97
CA VAL C 273 26.62 -10.06 16.39
C VAL C 273 25.12 -9.94 16.67
N SER C 274 24.36 -9.37 15.75
CA SER C 274 22.93 -9.20 15.95
C SER C 274 22.08 -10.43 15.67
N ASN C 275 22.68 -11.51 15.16
CA ASN C 275 21.90 -12.72 14.93
C ASN C 275 22.60 -13.99 15.36
N ILE C 276 23.90 -13.92 15.62
CA ILE C 276 24.64 -15.10 16.03
C ILE C 276 24.42 -15.45 17.50
N GLY C 277 23.89 -14.50 18.26
CA GLY C 277 23.64 -14.74 19.67
C GLY C 277 24.20 -13.64 20.55
N GLY C 278 24.62 -12.55 19.92
CA GLY C 278 25.17 -11.43 20.67
C GLY C 278 26.67 -11.57 20.87
N TYR C 279 27.21 -10.77 21.78
CA TYR C 279 28.64 -10.82 22.08
C TYR C 279 29.05 -12.18 22.62
N THR C 280 28.19 -12.78 23.43
CA THR C 280 28.48 -14.08 24.01
C THR C 280 28.88 -15.12 22.96
N THR C 281 28.01 -15.34 21.97
CA THR C 281 28.31 -16.34 20.94
C THR C 281 29.34 -15.86 19.92
N PHE C 282 29.33 -14.56 19.62
CA PHE C 282 30.28 -13.99 18.67
C PHE C 282 31.70 -14.33 19.12
N ARG C 283 32.01 -14.04 20.38
CA ARG C 283 33.34 -14.30 20.93
C ARG C 283 33.72 -15.78 20.84
N LYS C 284 32.72 -16.65 20.93
CA LYS C 284 32.96 -18.09 20.86
C LYS C 284 33.35 -18.45 19.43
N VAL C 285 32.62 -17.89 18.47
CA VAL C 285 32.90 -18.13 17.06
C VAL C 285 34.29 -17.58 16.76
N ALA C 286 34.61 -16.44 17.36
CA ALA C 286 35.92 -15.83 17.16
C ALA C 286 37.01 -16.82 17.61
N ALA C 287 36.79 -17.48 18.74
CA ALA C 287 37.74 -18.46 19.27
C ALA C 287 37.91 -19.64 18.30
N LEU C 288 36.81 -20.05 17.67
CA LEU C 288 36.87 -21.14 16.71
C LEU C 288 37.79 -20.72 15.57
N ALA C 289 37.59 -19.50 15.07
CA ALA C 289 38.40 -18.97 13.98
C ALA C 289 39.89 -18.92 14.31
N GLU C 290 40.20 -18.43 15.51
CA GLU C 290 41.58 -18.31 15.94
C GLU C 290 42.23 -19.70 16.05
N ALA C 291 41.51 -20.66 16.61
CA ALA C 291 42.03 -22.01 16.76
C ALA C 291 42.34 -22.62 15.39
N ASN C 292 41.59 -22.21 14.39
CA ASN C 292 41.75 -22.72 13.04
C ASN C 292 42.65 -21.88 12.15
N ASN C 293 43.35 -20.93 12.75
CA ASN C 293 44.25 -20.06 12.01
C ASN C 293 43.52 -19.31 10.89
N MSE C 294 42.36 -18.76 11.22
CA MSE C 294 41.56 -17.98 10.26
C MSE C 294 41.44 -16.55 10.75
O MSE C 294 41.61 -16.28 11.93
CB MSE C 294 40.14 -18.54 10.14
CG MSE C 294 40.06 -19.96 9.60
SE MSE C 294 38.23 -20.59 9.63
CE MSE C 294 38.00 -20.83 11.51
N LEU C 295 41.14 -15.63 9.83
CA LEU C 295 40.94 -14.24 10.20
C LEU C 295 39.47 -14.17 10.57
N LEU C 296 39.01 -12.99 10.96
CA LEU C 296 37.62 -12.84 11.34
C LEU C 296 37.05 -11.52 10.87
N THR C 297 35.98 -11.58 10.10
CA THR C 297 35.33 -10.37 9.65
C THR C 297 33.94 -10.37 10.27
N SER C 298 33.09 -9.45 9.83
CA SER C 298 31.74 -9.36 10.39
C SER C 298 30.78 -8.67 9.44
N HIS C 299 29.49 -8.77 9.76
CA HIS C 299 28.44 -8.17 8.97
C HIS C 299 27.41 -7.49 9.87
N GLY C 300 27.06 -6.26 9.52
CA GLY C 300 26.04 -5.54 10.28
C GLY C 300 26.44 -4.81 11.55
N VAL C 301 25.63 -3.82 11.91
CA VAL C 301 25.80 -3.00 13.11
C VAL C 301 27.25 -2.88 13.56
N HIS C 302 28.07 -2.22 12.74
CA HIS C 302 29.47 -2.06 13.07
C HIS C 302 29.67 -1.20 14.31
N ASP C 303 28.64 -0.45 14.69
CA ASP C 303 28.71 0.41 15.87
C ASP C 303 28.84 -0.45 17.12
N LEU C 304 28.17 -1.60 17.09
CA LEU C 304 28.21 -2.54 18.21
C LEU C 304 29.37 -3.51 18.03
N THR C 305 29.51 -4.01 16.80
CA THR C 305 30.55 -4.96 16.43
C THR C 305 31.97 -4.50 16.69
N VAL C 306 32.23 -3.21 16.49
CA VAL C 306 33.57 -2.67 16.69
C VAL C 306 34.22 -3.15 17.98
N HIS C 307 33.43 -3.27 19.05
CA HIS C 307 33.97 -3.72 20.33
C HIS C 307 34.43 -5.17 20.32
N ALA C 308 33.70 -6.03 19.60
CA ALA C 308 34.07 -7.44 19.51
C ALA C 308 35.37 -7.57 18.73
N LEU C 309 35.43 -6.98 17.54
CA LEU C 309 36.63 -7.07 16.71
C LEU C 309 37.82 -6.30 17.27
N ALA C 310 37.58 -5.39 18.22
CA ALA C 310 38.68 -4.64 18.81
C ALA C 310 39.33 -5.47 19.92
N SER C 311 38.68 -6.58 20.27
CA SER C 311 39.19 -7.45 21.33
C SER C 311 39.76 -8.78 20.84
N VAL C 312 39.91 -8.94 19.52
CA VAL C 312 40.49 -10.18 19.00
C VAL C 312 41.71 -9.82 18.18
N PRO C 313 42.73 -10.68 18.18
CA PRO C 313 43.95 -10.41 17.43
C PRO C 313 43.87 -10.69 15.93
N HIS C 314 42.96 -11.57 15.52
CA HIS C 314 42.84 -11.98 14.13
C HIS C 314 41.73 -11.31 13.31
N ARG C 315 41.32 -10.10 13.68
CA ARG C 315 40.28 -9.41 12.95
C ARG C 315 40.79 -8.80 11.64
N THR C 316 39.92 -8.71 10.65
CA THR C 316 40.27 -8.09 9.37
C THR C 316 39.18 -7.07 9.05
N TYR C 317 39.17 -6.52 7.83
CA TYR C 317 38.17 -5.52 7.45
C TYR C 317 36.76 -5.79 7.98
N MSE C 318 36.23 -4.85 8.76
CA MSE C 318 34.88 -4.97 9.31
C MSE C 318 33.88 -4.25 8.40
O MSE C 318 34.18 -3.18 7.88
CB MSE C 318 34.83 -4.35 10.71
CG MSE C 318 33.44 -4.17 11.28
SE MSE C 318 33.45 -3.48 13.11
CE MSE C 318 34.23 -1.75 12.75
N GLU C 319 32.71 -4.84 8.21
CA GLU C 319 31.70 -4.24 7.34
C GLU C 319 31.00 -3.07 8.02
N ALA C 320 30.91 -1.95 7.28
CA ALA C 320 30.25 -0.75 7.78
C ALA C 320 29.32 -0.21 6.70
N HIS C 321 28.02 -0.20 6.98
CA HIS C 321 27.03 0.29 6.02
C HIS C 321 25.81 0.83 6.74
N LEU C 325 21.96 3.40 10.84
CA LEU C 325 21.20 4.03 11.91
C LEU C 325 21.95 5.23 12.49
N HIS C 326 23.04 5.63 11.82
CA HIS C 326 23.84 6.76 12.29
C HIS C 326 23.02 8.03 12.47
N ALA C 327 21.98 8.20 11.66
CA ALA C 327 21.14 9.38 11.71
C ALA C 327 20.37 9.48 13.02
N TYR C 328 20.35 8.38 13.79
CA TYR C 328 19.63 8.36 15.05
C TYR C 328 20.60 8.20 16.22
N MSE C 329 21.89 8.32 15.93
CA MSE C 329 22.92 8.17 16.95
C MSE C 329 23.52 9.49 17.39
O MSE C 329 23.75 10.39 16.58
CB MSE C 329 24.04 7.27 16.45
CG MSE C 329 23.74 5.80 16.49
SE MSE C 329 25.31 4.81 15.99
CE MSE C 329 26.37 5.12 17.56
N ALA C 330 23.81 9.58 18.68
CA ALA C 330 24.40 10.78 19.25
C ALA C 330 25.67 11.15 18.49
N GLU C 331 26.75 10.43 18.77
CA GLU C 331 28.02 10.68 18.10
C GLU C 331 28.59 9.40 17.50
N PRO C 332 28.18 9.08 16.26
CA PRO C 332 28.65 7.88 15.57
C PRO C 332 30.14 8.00 15.25
N MSE C 333 30.79 6.86 15.05
CA MSE C 333 32.22 6.85 14.74
C MSE C 333 32.52 7.41 13.36
O MSE C 333 31.72 7.29 12.43
CB MSE C 333 32.78 5.42 14.83
CG MSE C 333 32.81 4.85 16.23
SE MSE C 333 33.55 3.07 16.21
CE MSE C 333 31.96 2.15 15.59
N ALA C 334 33.69 8.01 13.24
CA ALA C 334 34.12 8.58 11.96
C ALA C 334 35.15 7.66 11.34
N VAL C 335 35.08 7.51 10.02
CA VAL C 335 36.02 6.67 9.32
C VAL C 335 37.24 7.50 8.97
N THR C 336 38.38 7.15 9.55
CA THR C 336 39.61 7.89 9.30
C THR C 336 40.72 6.94 8.85
N ASP C 337 41.31 7.24 7.69
CA ASP C 337 42.37 6.43 7.14
C ASP C 337 41.98 4.94 7.04
N GLY C 338 40.76 4.70 6.60
CA GLY C 338 40.26 3.34 6.44
C GLY C 338 39.93 2.61 7.73
N CYS C 339 39.93 3.31 8.85
CA CYS C 339 39.63 2.68 10.13
C CYS C 339 38.68 3.49 11.00
N VAL C 340 38.17 2.83 12.04
CA VAL C 340 37.28 3.47 13.00
C VAL C 340 37.84 3.08 14.36
N SER C 341 37.56 3.87 15.38
CA SER C 341 38.06 3.58 16.72
C SER C 341 36.92 3.35 17.70
N ALA C 342 36.97 2.23 18.40
CA ALA C 342 35.93 1.93 19.38
C ALA C 342 36.02 3.00 20.46
N PRO C 343 34.87 3.56 20.87
CA PRO C 343 34.84 4.60 21.91
C PRO C 343 35.19 4.05 23.29
N ASP C 344 35.76 4.89 24.14
CA ASP C 344 36.16 4.49 25.49
C ASP C 344 35.08 4.67 26.55
N ARG C 345 33.85 4.89 26.10
CA ARG C 345 32.72 5.07 27.02
C ARG C 345 32.30 3.74 27.64
N PRO C 346 31.69 3.79 28.84
CA PRO C 346 31.24 2.55 29.48
C PRO C 346 30.23 1.85 28.58
N GLY C 347 30.35 0.53 28.45
CA GLY C 347 29.43 -0.20 27.59
C GLY C 347 29.90 -0.12 26.16
N HIS C 348 28.97 -0.20 25.21
CA HIS C 348 29.35 -0.13 23.79
C HIS C 348 29.43 1.30 23.28
N GLY C 349 29.02 2.26 24.12
CA GLY C 349 29.09 3.66 23.75
C GLY C 349 28.06 4.16 22.74
N VAL C 350 27.08 3.33 22.40
CA VAL C 350 26.06 3.73 21.45
C VAL C 350 24.81 4.27 22.14
N VAL C 351 24.32 5.40 21.63
CA VAL C 351 23.12 6.03 22.18
C VAL C 351 22.22 6.43 21.02
N LEU C 352 21.00 5.92 21.02
CA LEU C 352 20.04 6.22 19.97
C LEU C 352 19.06 7.30 20.40
N ASP C 353 18.62 8.10 19.44
CA ASP C 353 17.66 9.17 19.71
C ASP C 353 16.26 8.56 19.66
N PHE C 354 15.80 8.04 20.80
CA PHE C 354 14.48 7.44 20.86
C PHE C 354 13.37 8.44 20.60
N GLU C 355 13.65 9.71 20.86
CA GLU C 355 12.67 10.76 20.62
C GLU C 355 12.31 10.69 19.15
N ARG C 356 13.35 10.73 18.33
CA ARG C 356 13.22 10.68 16.88
C ARG C 356 12.70 9.34 16.36
N LEU C 357 13.28 8.24 16.85
CA LEU C 357 12.83 6.91 16.43
C LEU C 357 11.33 6.75 16.66
N GLY C 358 10.84 7.34 17.73
CA GLY C 358 9.42 7.24 18.06
C GLY C 358 8.49 7.55 16.89
N ARG C 359 8.98 8.34 15.95
CA ARG C 359 8.21 8.72 14.77
C ARG C 359 8.09 7.58 13.78
N LEU C 360 9.03 6.65 13.81
CA LEU C 360 9.04 5.52 12.90
C LEU C 360 8.51 4.25 13.58
N ALA C 361 8.12 4.39 14.84
CA ALA C 361 7.60 3.27 15.61
C ALA C 361 6.36 2.67 14.96
N VAL C 362 6.45 1.41 14.55
CA VAL C 362 5.32 0.73 13.92
C VAL C 362 4.74 -0.27 14.91
N LEU D 3 -7.46 -18.84 -6.78
CA LEU D 3 -6.64 -17.88 -6.00
C LEU D 3 -7.09 -17.83 -4.55
N ILE D 4 -6.17 -17.42 -3.68
CA ILE D 4 -6.43 -17.34 -2.24
C ILE D 4 -7.06 -15.99 -1.90
N GLU D 5 -8.14 -16.01 -1.12
CA GLU D 5 -8.82 -14.77 -0.75
C GLU D 5 -8.81 -14.50 0.75
N ARG D 6 -8.78 -15.54 1.56
CA ARG D 6 -8.77 -15.38 3.01
C ARG D 6 -7.75 -16.27 3.73
N VAL D 7 -7.09 -15.69 4.73
CA VAL D 7 -6.11 -16.40 5.54
C VAL D 7 -6.41 -16.12 7.01
N ARG D 8 -7.03 -17.07 7.68
CA ARG D 8 -7.37 -16.91 9.09
C ARG D 8 -6.38 -17.63 10.00
N THR D 9 -5.69 -16.86 10.82
CA THR D 9 -4.71 -17.37 11.75
C THR D 9 -5.22 -17.20 13.18
N ASP D 10 -5.26 -18.30 13.93
CA ASP D 10 -5.73 -18.25 15.32
C ASP D 10 -4.72 -18.89 16.26
N LEU D 11 -4.61 -18.32 17.46
CA LEU D 11 -3.69 -18.82 18.49
C LEU D 11 -4.42 -19.23 19.76
N TYR D 12 -4.35 -20.51 20.10
CA TYR D 12 -5.01 -21.00 21.30
C TYR D 12 -4.03 -21.51 22.35
N ARG D 13 -3.98 -20.84 23.49
CA ARG D 13 -3.11 -21.25 24.59
C ARG D 13 -3.90 -22.19 25.49
N ILE D 14 -3.66 -23.48 25.31
CA ILE D 14 -4.34 -24.52 26.08
C ILE D 14 -3.44 -25.04 27.19
N PRO D 15 -3.72 -24.66 28.44
CA PRO D 15 -2.93 -25.10 29.60
C PRO D 15 -2.95 -26.60 29.85
N LEU D 16 -1.76 -27.14 30.11
CA LEU D 16 -1.56 -28.57 30.40
C LEU D 16 -2.83 -29.39 30.33
N ASP D 30 1.97 -25.32 29.08
CA ASP D 30 0.77 -25.18 28.24
C ASP D 30 1.06 -25.40 26.76
N PHE D 31 0.00 -25.69 26.00
CA PHE D 31 0.10 -25.95 24.57
C PHE D 31 -0.31 -24.73 23.75
N GLU D 32 0.61 -24.22 22.92
CA GLU D 32 0.29 -23.07 22.08
C GLU D 32 0.02 -23.53 20.65
N LEU D 33 -1.26 -23.68 20.34
CA LEU D 33 -1.68 -24.14 19.03
C LEU D 33 -1.94 -22.96 18.10
N ILE D 34 -1.46 -23.08 16.86
CA ILE D 34 -1.67 -22.05 15.85
C ILE D 34 -2.40 -22.72 14.70
N THR D 35 -3.60 -22.27 14.40
CA THR D 35 -4.38 -22.83 13.31
C THR D 35 -4.39 -21.84 12.16
N VAL D 36 -4.41 -22.35 10.94
CA VAL D 36 -4.42 -21.50 9.77
C VAL D 36 -5.50 -22.01 8.83
N ARG D 37 -6.39 -21.10 8.43
CA ARG D 37 -7.48 -21.47 7.54
C ARG D 37 -7.41 -20.63 6.27
N ILE D 38 -7.25 -21.31 5.15
CA ILE D 38 -7.15 -20.67 3.85
C ILE D 38 -8.34 -21.00 2.98
N GLU D 39 -8.98 -19.95 2.48
CA GLU D 39 -10.16 -20.08 1.62
C GLU D 39 -9.85 -19.49 0.25
N ASP D 40 -10.16 -20.22 -0.81
CA ASP D 40 -9.89 -19.73 -2.16
C ASP D 40 -11.10 -18.98 -2.73
N SER D 41 -10.92 -18.43 -3.93
CA SER D 41 -11.97 -17.67 -4.59
C SER D 41 -13.24 -18.47 -4.91
N ASP D 42 -13.25 -19.74 -4.53
CA ASP D 42 -14.39 -20.60 -4.79
C ASP D 42 -15.08 -21.10 -3.52
N GLY D 43 -14.66 -20.60 -2.36
CA GLY D 43 -15.28 -21.01 -1.12
C GLY D 43 -14.67 -22.24 -0.46
N ALA D 44 -13.74 -22.89 -1.15
CA ALA D 44 -13.08 -24.07 -0.60
C ALA D 44 -12.13 -23.60 0.50
N THR D 45 -12.12 -24.30 1.63
CA THR D 45 -11.26 -23.93 2.75
C THR D 45 -10.31 -25.04 3.17
N GLY D 46 -9.05 -24.68 3.41
CA GLY D 46 -8.06 -25.65 3.82
C GLY D 46 -7.58 -25.39 5.24
N LEU D 47 -7.42 -26.46 6.01
CA LEU D 47 -6.97 -26.33 7.40
C LEU D 47 -5.56 -26.84 7.61
N GLY D 48 -4.81 -26.10 8.43
CA GLY D 48 -3.45 -26.47 8.75
C GLY D 48 -3.13 -25.91 10.13
N TYR D 49 -2.24 -26.59 10.86
CA TYR D 49 -1.86 -26.12 12.18
C TYR D 49 -0.53 -26.66 12.66
N THR D 50 0.05 -25.94 13.63
CA THR D 50 1.31 -26.29 14.25
C THR D 50 1.18 -25.89 15.71
N TYR D 51 2.25 -26.03 16.48
CA TYR D 51 2.18 -25.72 17.90
C TYR D 51 3.57 -25.64 18.53
N THR D 52 3.61 -25.17 19.76
CA THR D 52 4.85 -25.06 20.51
C THR D 52 4.45 -25.40 21.94
N VAL D 53 5.43 -25.65 22.81
CA VAL D 53 5.09 -25.94 24.18
C VAL D 53 5.63 -24.79 25.03
N ASN D 54 4.74 -24.21 25.84
CA ASN D 54 5.10 -23.10 26.72
C ASN D 54 5.39 -21.75 26.08
N HIS D 55 6.23 -21.72 25.04
CA HIS D 55 6.56 -20.44 24.41
C HIS D 55 6.69 -20.45 22.89
N GLY D 56 6.83 -19.25 22.32
CA GLY D 56 6.99 -19.10 20.88
C GLY D 56 5.73 -19.13 20.04
N GLY D 57 4.61 -19.48 20.65
CA GLY D 57 3.34 -19.56 19.92
C GLY D 57 2.93 -18.28 19.23
N ALA D 58 3.00 -17.17 19.96
CA ALA D 58 2.61 -15.88 19.41
C ALA D 58 3.54 -15.48 18.27
N ALA D 59 4.83 -15.76 18.42
CA ALA D 59 5.79 -15.42 17.38
C ALA D 59 5.42 -16.15 16.09
N VAL D 60 5.07 -17.43 16.21
CA VAL D 60 4.69 -18.21 15.05
C VAL D 60 3.45 -17.60 14.41
N ALA D 61 2.41 -17.39 15.22
CA ALA D 61 1.17 -16.82 14.73
C ALA D 61 1.44 -15.49 13.99
N THR D 62 2.33 -14.70 14.57
CA THR D 62 2.70 -13.40 13.99
C THR D 62 3.37 -13.52 12.63
N MSE D 63 4.16 -14.57 12.44
CA MSE D 63 4.85 -14.79 11.17
C MSE D 63 3.86 -15.11 10.05
O MSE D 63 3.99 -14.62 8.94
CB MSE D 63 5.86 -15.93 11.30
CG MSE D 63 6.96 -15.62 12.29
SE MSE D 63 8.24 -17.07 12.52
CE MSE D 63 7.03 -18.48 13.01
N VAL D 64 2.85 -15.93 10.35
CA VAL D 64 1.84 -16.30 9.36
C VAL D 64 0.98 -15.07 9.03
N ASP D 65 0.46 -14.42 10.08
CA ASP D 65 -0.40 -13.26 9.91
C ASP D 65 0.28 -12.03 9.34
N LYS D 66 1.50 -11.74 9.78
CA LYS D 66 2.20 -10.56 9.32
C LYS D 66 3.20 -10.73 8.19
N ASP D 67 3.88 -11.87 8.13
CA ASP D 67 4.87 -12.06 7.08
C ASP D 67 4.45 -12.90 5.90
N LEU D 68 3.83 -14.05 6.17
CA LEU D 68 3.41 -14.95 5.11
C LEU D 68 2.12 -14.56 4.38
N ARG D 69 1.26 -13.82 5.06
CA ARG D 69 0.01 -13.36 4.47
C ARG D 69 0.23 -12.79 3.07
N GLY D 70 1.24 -11.92 2.96
CA GLY D 70 1.54 -11.31 1.68
C GLY D 70 1.87 -12.30 0.58
N CYS D 71 2.32 -13.49 0.96
CA CYS D 71 2.68 -14.53 -0.02
C CYS D 71 1.47 -15.36 -0.43
N LEU D 72 0.41 -15.31 0.36
CA LEU D 72 -0.78 -16.10 0.09
C LEU D 72 -1.91 -15.38 -0.62
N LEU D 73 -2.34 -14.24 -0.07
CA LEU D 73 -3.44 -13.50 -0.66
C LEU D 73 -3.17 -13.13 -2.12
N GLY D 74 -4.04 -13.62 -3.00
CA GLY D 74 -3.90 -13.33 -4.42
C GLY D 74 -3.09 -14.34 -5.21
N ALA D 75 -2.58 -15.36 -4.53
CA ALA D 75 -1.79 -16.39 -5.20
C ALA D 75 -2.64 -17.62 -5.46
N ASP D 76 -2.29 -18.40 -6.48
CA ASP D 76 -3.03 -19.61 -6.79
C ASP D 76 -2.59 -20.69 -5.81
N ALA D 77 -3.54 -21.18 -5.02
CA ALA D 77 -3.26 -22.21 -4.02
C ALA D 77 -2.87 -23.56 -4.61
N GLU D 78 -3.09 -23.74 -5.91
CA GLU D 78 -2.73 -25.01 -6.53
C GLU D 78 -1.23 -25.19 -6.69
N GLN D 79 -0.49 -24.08 -6.73
CA GLN D 79 0.96 -24.13 -6.88
C GLN D 79 1.63 -24.10 -5.50
N ILE D 80 1.48 -25.19 -4.76
CA ILE D 80 2.03 -25.29 -3.41
C ILE D 80 3.54 -25.15 -3.34
N GLU D 81 4.26 -25.74 -4.28
CA GLU D 81 5.72 -25.66 -4.28
C GLU D 81 6.19 -24.22 -4.47
N LYS D 82 5.52 -23.50 -5.38
CA LYS D 82 5.88 -22.10 -5.62
C LYS D 82 5.63 -21.28 -4.37
N ILE D 83 4.50 -21.54 -3.71
CA ILE D 83 4.17 -20.80 -2.50
C ILE D 83 5.21 -21.14 -1.42
N TRP D 84 5.48 -22.43 -1.26
CA TRP D 84 6.44 -22.87 -0.26
C TRP D 84 7.76 -22.12 -0.39
N GLN D 85 8.30 -22.08 -1.60
CA GLN D 85 9.57 -21.39 -1.84
C GLN D 85 9.52 -19.89 -1.53
N SER D 86 8.43 -19.23 -1.91
CA SER D 86 8.32 -17.80 -1.64
C SER D 86 8.28 -17.53 -0.14
N MSE D 87 7.61 -18.42 0.60
CA MSE D 87 7.52 -18.26 2.05
C MSE D 87 8.91 -18.51 2.67
O MSE D 87 9.34 -17.77 3.57
CB MSE D 87 6.51 -19.24 2.64
CG MSE D 87 5.07 -18.70 2.65
SE MSE D 87 3.80 -20.01 3.29
CE MSE D 87 4.46 -20.33 5.04
N TRP D 88 9.59 -19.54 2.18
CA TRP D 88 10.93 -19.86 2.66
C TRP D 88 11.82 -18.64 2.53
N TRP D 89 11.78 -18.01 1.35
CA TRP D 89 12.61 -16.83 1.13
C TRP D 89 12.15 -15.56 1.83
N ARG D 90 10.85 -15.45 2.10
CA ARG D 90 10.36 -14.28 2.78
C ARG D 90 10.87 -14.22 4.23
N LEU D 91 10.95 -15.39 4.88
CA LEU D 91 11.44 -15.43 6.25
C LEU D 91 12.88 -15.90 6.35
N HIS D 92 13.62 -15.80 5.24
CA HIS D 92 15.02 -16.26 5.20
C HIS D 92 16.03 -15.45 6.02
N TYR D 93 16.03 -14.12 5.88
CA TYR D 93 16.97 -13.33 6.67
C TYR D 93 16.60 -13.51 8.14
N ALA D 94 17.57 -13.95 8.94
CA ALA D 94 17.37 -14.19 10.37
C ALA D 94 16.57 -15.47 10.59
N GLY D 95 16.11 -16.09 9.51
CA GLY D 95 15.34 -17.31 9.62
C GLY D 95 16.11 -18.56 9.20
N ARG D 96 15.76 -19.12 8.05
CA ARG D 96 16.44 -20.31 7.53
C ARG D 96 16.56 -21.33 8.67
N GLY D 97 15.40 -21.67 9.23
CA GLY D 97 15.34 -22.60 10.34
C GLY D 97 14.52 -21.92 11.43
N GLY D 98 14.42 -22.54 12.60
CA GLY D 98 13.64 -21.95 13.68
C GLY D 98 12.14 -21.91 13.49
N HIS D 99 11.48 -21.09 14.30
CA HIS D 99 10.02 -20.95 14.29
C HIS D 99 9.41 -20.71 12.92
N ALA D 100 10.10 -19.97 12.06
CA ALA D 100 9.61 -19.69 10.72
C ALA D 100 9.23 -20.98 9.98
N THR D 101 9.93 -22.08 10.26
CA THR D 101 9.61 -23.35 9.58
C THR D 101 8.28 -23.93 10.07
N SER D 102 7.88 -23.59 11.29
CA SER D 102 6.60 -24.08 11.81
C SER D 102 5.45 -23.25 11.22
N ALA D 103 5.69 -21.95 11.03
CA ALA D 103 4.69 -21.08 10.44
C ALA D 103 4.44 -21.54 9.01
N ILE D 104 5.52 -21.99 8.37
CA ILE D 104 5.46 -22.48 7.00
C ILE D 104 4.74 -23.83 6.93
N SER D 105 5.00 -24.69 7.90
CA SER D 105 4.35 -26.01 7.93
C SER D 105 2.83 -25.87 8.03
N ALA D 106 2.37 -24.95 8.87
CA ALA D 106 0.94 -24.72 9.06
C ALA D 106 0.27 -24.35 7.75
N VAL D 107 0.84 -23.40 7.03
CA VAL D 107 0.30 -22.96 5.75
C VAL D 107 0.33 -24.10 4.75
N ASP D 108 1.48 -24.77 4.67
CA ASP D 108 1.67 -25.88 3.74
C ASP D 108 0.62 -26.95 3.97
N ILE D 109 0.36 -27.28 5.23
CA ILE D 109 -0.64 -28.30 5.57
C ILE D 109 -2.00 -27.84 5.06
N ALA D 110 -2.30 -26.56 5.26
CA ALA D 110 -3.57 -25.99 4.80
C ALA D 110 -3.71 -26.11 3.28
N LEU D 111 -2.66 -25.75 2.56
CA LEU D 111 -2.68 -25.82 1.09
C LEU D 111 -2.93 -27.22 0.58
N TRP D 112 -2.26 -28.22 1.15
CA TRP D 112 -2.47 -29.60 0.72
C TRP D 112 -3.88 -30.08 1.04
N ASP D 113 -4.38 -29.69 2.21
CA ASP D 113 -5.74 -30.07 2.62
C ASP D 113 -6.68 -29.48 1.59
N LEU D 114 -6.46 -28.20 1.28
CA LEU D 114 -7.27 -27.50 0.30
C LEU D 114 -7.19 -28.22 -1.04
N LYS D 115 -5.97 -28.53 -1.48
CA LYS D 115 -5.78 -29.23 -2.74
C LYS D 115 -6.53 -30.56 -2.75
N GLY D 116 -6.48 -31.27 -1.63
CA GLY D 116 -7.18 -32.55 -1.53
C GLY D 116 -8.69 -32.39 -1.56
N ILE D 117 -9.18 -31.30 -0.97
CA ILE D 117 -10.62 -31.03 -0.97
C ILE D 117 -11.10 -30.88 -2.41
N ARG D 118 -10.43 -30.02 -3.17
CA ARG D 118 -10.78 -29.77 -4.56
C ARG D 118 -10.70 -31.04 -5.41
N ALA D 119 -9.66 -31.84 -5.20
CA ALA D 119 -9.51 -33.09 -5.96
C ALA D 119 -10.47 -34.13 -5.42
N ARG D 120 -11.17 -33.79 -4.35
CA ARG D 120 -12.13 -34.70 -3.72
C ARG D 120 -11.50 -36.05 -3.43
N THR D 121 -10.36 -36.03 -2.75
CA THR D 121 -9.64 -37.26 -2.43
C THR D 121 -8.78 -37.11 -1.17
N PRO D 122 -8.65 -38.17 -0.36
CA PRO D 122 -7.84 -38.12 0.86
C PRO D 122 -6.36 -37.93 0.52
N LEU D 123 -5.65 -37.19 1.36
CA LEU D 123 -4.24 -36.93 1.09
C LEU D 123 -3.36 -38.15 0.90
N TRP D 124 -3.60 -39.22 1.64
CA TRP D 124 -2.76 -40.41 1.50
C TRP D 124 -2.80 -40.97 0.09
N LYS D 125 -3.94 -40.82 -0.60
CA LYS D 125 -4.07 -41.29 -1.97
C LYS D 125 -3.48 -40.26 -2.92
N LEU D 126 -3.74 -38.98 -2.61
CA LEU D 126 -3.25 -37.88 -3.42
C LEU D 126 -1.72 -37.94 -3.53
N PHE D 127 -1.06 -38.28 -2.44
CA PHE D 127 0.41 -38.37 -2.43
C PHE D 127 0.88 -39.61 -3.17
N GLY D 128 -0.02 -40.57 -3.36
CA GLY D 128 0.35 -41.82 -4.02
C GLY D 128 0.27 -42.89 -2.94
N GLY D 129 -0.95 -43.25 -2.60
CA GLY D 129 -1.19 -44.24 -1.56
C GLY D 129 -0.38 -45.52 -1.52
N TYR D 130 -0.02 -45.92 -0.32
CA TYR D 130 0.72 -47.16 -0.10
C TYR D 130 -0.20 -48.12 0.63
N ASP D 131 -0.54 -47.76 1.88
CA ASP D 131 -1.42 -48.56 2.71
C ASP D 131 -1.94 -47.65 3.82
N PRO D 132 -3.26 -47.42 3.88
CA PRO D 132 -3.88 -46.56 4.89
C PRO D 132 -3.76 -47.03 6.33
N VAL D 133 -3.51 -48.33 6.51
CA VAL D 133 -3.38 -48.89 7.85
C VAL D 133 -1.95 -48.69 8.34
N VAL D 134 -1.78 -47.75 9.27
CA VAL D 134 -0.46 -47.39 9.79
C VAL D 134 -0.21 -47.81 11.25
N PRO D 135 0.90 -48.51 11.48
CA PRO D 135 1.23 -48.94 12.85
C PRO D 135 1.50 -47.72 13.70
N VAL D 136 1.24 -47.82 15.01
CA VAL D 136 1.47 -46.70 15.89
C VAL D 136 2.03 -47.14 17.21
N TYR D 137 2.49 -46.18 17.99
CA TYR D 137 3.02 -46.46 19.30
C TYR D 137 2.58 -45.33 20.20
N ALA D 138 2.42 -45.62 21.48
CA ALA D 138 1.98 -44.62 22.44
C ALA D 138 3.17 -44.13 23.25
N GLY D 139 3.35 -42.82 23.26
CA GLY D 139 4.46 -42.23 24.00
C GLY D 139 3.96 -41.27 25.07
N GLY D 140 4.41 -41.49 26.30
CA GLY D 140 4.01 -40.62 27.38
C GLY D 140 5.13 -39.72 27.86
N ILE D 141 4.76 -38.60 28.47
CA ILE D 141 5.71 -37.65 29.02
C ILE D 141 5.67 -37.98 30.50
N ASP D 142 6.28 -39.12 30.82
CA ASP D 142 6.31 -39.72 32.14
C ASP D 142 7.66 -39.82 32.84
N LEU D 143 8.60 -38.92 32.57
CA LEU D 143 9.90 -39.04 33.21
C LEU D 143 9.80 -39.02 34.73
N GLU D 144 9.09 -38.03 35.26
CA GLU D 144 8.93 -37.92 36.71
C GLU D 144 7.67 -38.61 37.22
N LEU D 145 7.35 -39.75 36.62
CA LEU D 145 6.18 -40.52 37.01
C LEU D 145 6.62 -41.81 37.70
N PRO D 146 5.98 -42.15 38.84
CA PRO D 146 6.31 -43.36 39.59
C PRO D 146 6.16 -44.63 38.76
N VAL D 147 7.05 -45.59 38.97
CA VAL D 147 7.01 -46.84 38.23
C VAL D 147 5.65 -47.50 38.32
N ALA D 148 5.00 -47.37 39.48
CA ALA D 148 3.69 -47.95 39.68
C ALA D 148 2.70 -47.42 38.64
N ASP D 149 2.64 -46.10 38.53
CA ASP D 149 1.74 -45.46 37.59
C ASP D 149 2.19 -45.67 36.14
N LEU D 150 3.51 -45.71 35.94
CA LEU D 150 4.06 -45.93 34.60
C LEU D 150 3.48 -47.23 34.05
N LYS D 151 3.31 -48.21 34.94
CA LYS D 151 2.76 -49.50 34.54
C LYS D 151 1.25 -49.40 34.36
N THR D 152 0.63 -48.45 35.05
CA THR D 152 -0.81 -48.24 34.95
C THR D 152 -1.05 -47.64 33.57
N GLN D 153 -0.27 -46.64 33.25
CA GLN D 153 -0.35 -45.95 31.98
C GLN D 153 -0.19 -46.98 30.87
N ALA D 154 0.78 -47.86 31.05
CA ALA D 154 1.06 -48.91 30.09
C ALA D 154 -0.17 -49.78 29.86
N ASP D 155 -0.85 -50.14 30.95
CA ASP D 155 -2.04 -50.96 30.85
C ASP D 155 -3.11 -50.25 30.02
N ARG D 156 -3.25 -48.94 30.25
CA ARG D 156 -4.23 -48.16 29.50
C ARG D 156 -3.88 -48.18 28.02
N PHE D 157 -2.61 -47.94 27.71
CA PHE D 157 -2.17 -47.96 26.31
C PHE D 157 -2.52 -49.30 25.69
N LEU D 158 -2.32 -50.36 26.45
CA LEU D 158 -2.60 -51.71 25.98
C LEU D 158 -4.10 -51.87 25.73
N ALA D 159 -4.91 -51.24 26.58
CA ALA D 159 -6.36 -51.30 26.46
C ALA D 159 -6.79 -50.55 25.20
N GLY D 160 -6.12 -49.42 24.94
CA GLY D 160 -6.44 -48.63 23.79
C GLY D 160 -6.08 -49.28 22.45
N GLY D 161 -5.42 -50.43 22.52
CA GLY D 161 -5.05 -51.13 21.30
C GLY D 161 -3.58 -51.02 20.92
N PHE D 162 -2.84 -50.18 21.64
CA PHE D 162 -1.42 -49.99 21.37
C PHE D 162 -0.61 -51.26 21.64
N ARG D 163 0.25 -51.62 20.68
CA ARG D 163 1.09 -52.79 20.82
C ARG D 163 2.56 -52.37 20.71
N ALA D 164 2.82 -51.11 21.04
CA ALA D 164 4.15 -50.54 21.02
C ALA D 164 4.09 -49.32 21.93
N ILE D 165 5.06 -49.21 22.84
CA ILE D 165 5.09 -48.10 23.79
C ILE D 165 6.46 -47.44 23.97
N LYS D 166 6.45 -46.13 24.13
CA LYS D 166 7.68 -45.37 24.35
C LYS D 166 7.58 -44.66 25.70
N MSE D 167 8.63 -44.77 26.50
CA MSE D 167 8.69 -44.12 27.80
C MSE D 167 9.88 -43.17 27.83
O MSE D 167 10.82 -43.32 27.05
CB MSE D 167 8.83 -45.17 28.91
CG MSE D 167 10.09 -46.02 28.78
SE MSE D 167 10.36 -47.28 30.22
CE MSE D 167 11.15 -46.06 31.49
N LYS D 168 9.85 -42.19 28.73
CA LYS D 168 10.95 -41.22 28.84
C LYS D 168 12.08 -41.76 29.70
N VAL D 169 13.27 -41.21 29.47
CA VAL D 169 14.47 -41.57 30.22
C VAL D 169 15.26 -40.28 30.32
N GLY D 170 16.43 -40.34 30.96
CA GLY D 170 17.24 -39.15 31.10
C GLY D 170 17.25 -38.63 32.52
N ARG D 171 17.03 -39.54 33.46
CA ARG D 171 17.04 -39.20 34.88
C ARG D 171 18.47 -38.80 35.25
N PRO D 172 18.63 -37.91 36.22
CA PRO D 172 19.98 -37.50 36.63
C PRO D 172 20.81 -38.72 37.00
N ASP D 173 20.13 -39.77 37.45
CA ASP D 173 20.80 -41.01 37.85
C ASP D 173 20.42 -42.17 36.92
N LEU D 174 21.38 -42.61 36.11
CA LEU D 174 21.15 -43.70 35.18
C LEU D 174 20.50 -44.92 35.84
N LYS D 175 20.93 -45.23 37.05
CA LYS D 175 20.39 -46.38 37.78
C LYS D 175 18.86 -46.38 37.81
N GLU D 176 18.28 -45.19 37.94
CA GLU D 176 16.84 -45.07 37.97
C GLU D 176 16.22 -45.48 36.63
N ASP D 177 16.82 -45.04 35.53
CA ASP D 177 16.30 -45.41 34.21
C ASP D 177 16.37 -46.92 34.04
N VAL D 178 17.49 -47.50 34.44
CA VAL D 178 17.68 -48.93 34.33
C VAL D 178 16.57 -49.70 35.05
N ASP D 179 16.26 -49.28 36.28
CA ASP D 179 15.21 -49.94 37.03
C ASP D 179 13.84 -49.74 36.37
N ARG D 180 13.54 -48.49 36.02
CA ARG D 180 12.26 -48.17 35.39
C ARG D 180 12.05 -48.95 34.08
N VAL D 181 13.08 -49.03 33.25
CA VAL D 181 12.97 -49.76 31.99
C VAL D 181 12.87 -51.26 32.28
N SER D 182 13.66 -51.71 33.25
CA SER D 182 13.67 -53.11 33.65
C SER D 182 12.27 -53.53 34.10
N ALA D 183 11.63 -52.68 34.90
CA ALA D 183 10.30 -52.96 35.40
C ALA D 183 9.28 -53.04 34.26
N LEU D 184 9.29 -52.05 33.38
CA LEU D 184 8.34 -52.00 32.28
C LEU D 184 8.54 -53.15 31.29
N ARG D 185 9.78 -53.59 31.11
CA ARG D 185 10.08 -54.69 30.20
C ARG D 185 9.52 -55.99 30.77
N GLU D 186 9.73 -56.21 32.05
CA GLU D 186 9.23 -57.42 32.71
C GLU D 186 7.71 -57.41 32.69
N HIS D 187 7.15 -56.23 32.91
CA HIS D 187 5.70 -56.03 32.93
C HIS D 187 5.08 -56.24 31.55
N LEU D 188 5.65 -55.61 30.53
CA LEU D 188 5.13 -55.69 29.17
C LEU D 188 5.41 -57.00 28.44
N GLY D 189 6.43 -57.74 28.87
CA GLY D 189 6.72 -58.99 28.21
C GLY D 189 7.99 -58.91 27.35
N ASP D 190 8.59 -60.08 27.15
CA ASP D 190 9.83 -60.20 26.39
C ASP D 190 9.85 -59.56 25.00
N SER D 191 8.89 -59.90 24.14
CA SER D 191 8.88 -59.37 22.78
C SER D 191 7.97 -58.19 22.50
N PHE D 192 7.73 -57.34 23.50
CA PHE D 192 6.87 -56.18 23.30
C PHE D 192 7.74 -54.98 22.93
N PRO D 193 7.45 -54.31 21.80
CA PRO D 193 8.27 -53.17 21.41
C PRO D 193 8.28 -52.05 22.46
N LEU D 194 9.44 -51.86 23.08
CA LEU D 194 9.61 -50.81 24.09
C LEU D 194 10.72 -49.86 23.63
N MSE D 195 10.37 -48.59 23.51
CA MSE D 195 11.31 -47.56 23.08
C MSE D 195 11.47 -46.50 24.16
O MSE D 195 10.59 -46.34 25.01
CB MSE D 195 10.80 -46.91 21.78
CG MSE D 195 9.30 -46.99 21.63
SE MSE D 195 8.66 -48.38 20.44
CE MSE D 195 9.49 -49.90 21.10
N VAL D 196 12.58 -45.78 24.13
CA VAL D 196 12.85 -44.75 25.12
C VAL D 196 13.23 -43.43 24.45
N ASP D 197 12.89 -42.33 25.10
CA ASP D 197 13.17 -41.00 24.59
C ASP D 197 13.97 -40.25 25.65
N ALA D 198 15.18 -39.82 25.30
CA ALA D 198 16.04 -39.11 26.23
C ALA D 198 15.88 -37.59 26.13
N ASN D 199 15.16 -37.16 25.09
CA ASN D 199 14.93 -35.74 24.88
C ASN D 199 16.17 -34.86 24.99
N MSE D 200 17.29 -35.33 24.42
CA MSE D 200 18.55 -34.59 24.40
C MSE D 200 19.22 -34.41 25.76
O MSE D 200 20.10 -33.56 25.91
CB MSE D 200 18.33 -33.20 23.80
CG MSE D 200 17.55 -33.16 22.49
SE MSE D 200 17.16 -31.33 21.98
CE MSE D 200 15.59 -31.05 23.09
N LYS D 201 18.86 -35.21 26.75
CA LYS D 201 19.44 -35.05 28.08
C LYS D 201 20.89 -35.48 28.28
N TRP D 202 21.29 -36.57 27.64
CA TRP D 202 22.65 -37.09 27.83
C TRP D 202 23.76 -36.43 27.02
N THR D 203 24.98 -36.50 27.56
CA THR D 203 26.14 -35.98 26.84
C THR D 203 26.40 -37.13 25.88
N VAL D 204 27.39 -37.00 25.01
CA VAL D 204 27.69 -38.07 24.07
C VAL D 204 28.14 -39.32 24.83
N ASP D 205 29.11 -39.16 25.74
CA ASP D 205 29.61 -40.29 26.52
C ASP D 205 28.51 -40.88 27.40
N GLY D 206 27.67 -40.01 27.94
CA GLY D 206 26.59 -40.48 28.80
C GLY D 206 25.56 -41.29 28.04
N ALA D 207 25.30 -40.92 26.79
CA ALA D 207 24.34 -41.64 25.97
C ALA D 207 24.85 -43.06 25.73
N ILE D 208 26.12 -43.16 25.38
CA ILE D 208 26.74 -44.46 25.11
C ILE D 208 26.71 -45.31 26.37
N ARG D 209 27.00 -44.68 27.51
CA ARG D 209 26.98 -45.36 28.80
C ARG D 209 25.57 -45.89 29.09
N ALA D 210 24.57 -45.04 28.85
CA ALA D 210 23.18 -45.44 29.08
C ALA D 210 22.80 -46.59 28.15
N ALA D 211 23.25 -46.52 26.91
CA ALA D 211 22.94 -47.58 25.94
C ALA D 211 23.45 -48.93 26.46
N ARG D 212 24.69 -48.94 26.98
CA ARG D 212 25.29 -50.15 27.51
C ARG D 212 24.46 -50.72 28.65
N ALA D 213 24.00 -49.82 29.52
CA ALA D 213 23.21 -50.20 30.68
C ALA D 213 21.82 -50.69 30.30
N LEU D 214 21.25 -50.15 29.22
CA LEU D 214 19.91 -50.55 28.80
C LEU D 214 19.89 -51.67 27.77
N ALA D 215 21.06 -52.08 27.31
CA ALA D 215 21.15 -53.14 26.30
C ALA D 215 20.43 -54.46 26.60
N PRO D 216 20.42 -54.89 27.88
CA PRO D 216 19.75 -56.16 28.19
C PRO D 216 18.24 -56.18 28.01
N PHE D 217 17.62 -55.00 27.92
CA PHE D 217 16.17 -54.92 27.79
C PHE D 217 15.68 -54.89 26.34
N ASP D 218 16.61 -55.06 25.40
CA ASP D 218 16.29 -55.08 23.98
C ASP D 218 15.33 -53.97 23.54
N LEU D 219 15.70 -52.73 23.79
CA LEU D 219 14.87 -51.58 23.42
C LEU D 219 14.79 -51.44 21.90
N HIS D 220 13.61 -51.09 21.41
CA HIS D 220 13.36 -50.94 19.97
C HIS D 220 14.15 -49.77 19.40
N TRP D 221 14.30 -48.70 20.19
CA TRP D 221 15.10 -47.56 19.77
C TRP D 221 15.27 -46.53 20.86
N ILE D 222 16.36 -45.78 20.75
CA ILE D 222 16.67 -44.72 21.69
C ILE D 222 16.50 -43.43 20.89
N GLU D 223 15.67 -42.53 21.40
CA GLU D 223 15.36 -41.28 20.73
C GLU D 223 16.11 -40.07 21.29
N GLU D 224 16.68 -39.27 20.40
CA GLU D 224 17.40 -38.07 20.77
C GLU D 224 18.28 -38.20 22.01
N PRO D 225 19.34 -39.03 21.93
CA PRO D 225 20.22 -39.19 23.10
C PRO D 225 20.87 -37.88 23.56
N THR D 226 21.22 -37.01 22.62
CA THR D 226 21.84 -35.73 22.99
C THR D 226 21.31 -34.62 22.06
N ILE D 227 21.92 -33.43 22.07
CA ILE D 227 21.42 -32.36 21.20
C ILE D 227 21.62 -32.74 19.73
N PRO D 228 20.64 -32.43 18.87
CA PRO D 228 20.68 -32.73 17.44
C PRO D 228 21.72 -32.00 16.60
N ASP D 229 22.20 -30.87 17.12
CA ASP D 229 23.18 -30.03 16.43
C ASP D 229 24.54 -30.71 16.22
N ASP D 230 24.87 -31.61 17.14
CA ASP D 230 26.15 -32.31 17.14
C ASP D 230 26.16 -33.53 16.21
N LEU D 231 26.56 -33.31 14.96
CA LEU D 231 26.61 -34.38 13.97
C LEU D 231 27.67 -35.42 14.32
N VAL D 232 28.87 -34.96 14.70
CA VAL D 232 29.96 -35.86 15.06
C VAL D 232 29.69 -36.73 16.28
N GLY D 233 29.24 -36.11 17.35
CA GLY D 233 28.94 -36.86 18.56
C GLY D 233 27.79 -37.84 18.34
N ASN D 234 26.76 -37.41 17.61
CA ASN D 234 25.64 -38.31 17.36
C ASN D 234 26.10 -39.49 16.50
N ALA D 235 27.01 -39.23 15.56
CA ALA D 235 27.53 -40.30 14.71
C ALA D 235 28.27 -41.30 15.57
N ARG D 236 28.94 -40.80 16.60
CA ARG D 236 29.69 -41.64 17.52
C ARG D 236 28.73 -42.50 18.35
N ILE D 237 27.63 -41.90 18.78
CA ILE D 237 26.63 -42.61 19.56
C ILE D 237 26.08 -43.74 18.71
N VAL D 238 25.81 -43.43 17.43
CA VAL D 238 25.30 -44.43 16.50
C VAL D 238 26.28 -45.59 16.39
N ARG D 239 27.55 -45.28 16.18
CA ARG D 239 28.56 -46.32 16.04
C ARG D 239 28.78 -47.18 17.28
N GLU D 240 28.62 -46.61 18.47
CA GLU D 240 28.87 -47.34 19.71
C GLU D 240 27.68 -47.81 20.55
N SER D 241 26.48 -47.31 20.29
CA SER D 241 25.33 -47.68 21.13
C SER D 241 24.69 -49.04 20.95
N GLY D 242 24.85 -49.64 19.77
CA GLY D 242 24.23 -50.93 19.54
C GLY D 242 22.70 -50.82 19.54
N HIS D 243 22.19 -49.63 19.31
CA HIS D 243 20.74 -49.38 19.28
C HIS D 243 20.31 -48.59 18.06
N THR D 244 19.02 -48.65 17.75
CA THR D 244 18.47 -47.84 16.68
C THR D 244 18.46 -46.45 17.31
N ILE D 245 18.92 -45.44 16.58
CA ILE D 245 18.93 -44.09 17.12
C ILE D 245 17.96 -43.27 16.28
N ALA D 246 16.84 -42.90 16.90
CA ALA D 246 15.81 -42.11 16.24
C ALA D 246 15.98 -40.64 16.59
N GLY D 247 15.75 -39.78 15.62
CA GLY D 247 15.87 -38.34 15.84
C GLY D 247 15.31 -37.57 14.67
N GLY D 248 15.03 -36.28 14.89
CA GLY D 248 14.49 -35.47 13.82
C GLY D 248 13.38 -34.50 14.21
N GLU D 249 12.76 -34.70 15.37
CA GLU D 249 11.69 -33.80 15.77
C GLU D 249 12.20 -32.38 15.95
N ASN D 250 13.49 -32.25 16.22
CA ASN D 250 14.09 -30.94 16.41
C ASN D 250 14.86 -30.45 15.18
N LEU D 251 14.79 -31.22 14.09
CA LEU D 251 15.45 -30.82 12.86
C LEU D 251 14.36 -30.05 12.13
N HIS D 252 14.70 -28.90 11.55
CA HIS D 252 13.68 -28.08 10.90
C HIS D 252 13.81 -27.80 9.43
N THR D 253 14.83 -28.37 8.78
CA THR D 253 14.99 -28.14 7.34
C THR D 253 15.37 -29.44 6.65
N LEU D 254 15.16 -29.49 5.34
CA LEU D 254 15.52 -30.66 4.56
C LEU D 254 17.02 -30.87 4.71
N TYR D 255 17.75 -29.75 4.77
CA TYR D 255 19.21 -29.78 4.89
C TYR D 255 19.65 -30.38 6.21
N ASP D 256 18.89 -30.12 7.27
CA ASP D 256 19.18 -30.68 8.58
C ASP D 256 19.20 -32.20 8.47
N PHE D 257 18.18 -32.75 7.82
CA PHE D 257 18.05 -34.20 7.66
C PHE D 257 19.12 -34.75 6.73
N HIS D 258 19.45 -33.97 5.71
CA HIS D 258 20.48 -34.36 4.76
C HIS D 258 21.83 -34.51 5.52
N ASN D 259 22.15 -33.50 6.33
CA ASN D 259 23.39 -33.52 7.11
C ASN D 259 23.46 -34.74 8.02
N ALA D 260 22.36 -35.00 8.73
CA ALA D 260 22.28 -36.12 9.67
C ALA D 260 22.45 -37.48 9.00
N VAL D 261 21.77 -37.66 7.88
CA VAL D 261 21.85 -38.91 7.15
C VAL D 261 23.24 -39.09 6.56
N ARG D 262 23.77 -38.04 5.95
CA ARG D 262 25.08 -38.10 5.34
C ARG D 262 26.17 -38.44 6.37
N ALA D 263 26.11 -37.81 7.52
CA ALA D 263 27.09 -38.04 8.58
C ALA D 263 26.82 -39.33 9.35
N GLY D 264 25.68 -39.96 9.09
CA GLY D 264 25.33 -41.17 9.82
C GLY D 264 25.10 -40.87 11.31
N SER D 265 24.51 -39.72 11.61
CA SER D 265 24.26 -39.34 13.01
C SER D 265 22.92 -39.79 13.60
N LEU D 266 22.17 -40.56 12.81
CA LEU D 266 20.91 -41.16 13.26
C LEU D 266 20.66 -42.36 12.35
N THR D 267 19.89 -43.35 12.81
CA THR D 267 19.61 -44.51 11.99
C THR D 267 18.13 -44.58 11.60
N LEU D 268 17.31 -43.78 12.27
CA LEU D 268 15.88 -43.72 12.00
C LEU D 268 15.38 -42.29 12.07
N PRO D 269 15.11 -41.68 10.91
CA PRO D 269 14.61 -40.30 10.85
C PRO D 269 13.18 -40.13 11.37
N GLU D 270 12.99 -39.09 12.17
CA GLU D 270 11.69 -38.76 12.78
C GLU D 270 11.24 -37.34 12.50
N PRO D 271 10.85 -37.02 11.26
CA PRO D 271 10.41 -35.64 11.04
C PRO D 271 9.03 -35.38 11.65
N ASP D 272 8.75 -34.11 11.92
CA ASP D 272 7.47 -33.68 12.48
C ASP D 272 6.87 -32.80 11.38
N VAL D 273 5.82 -33.28 10.74
CA VAL D 273 5.19 -32.54 9.65
C VAL D 273 4.84 -31.09 10.03
N SER D 274 4.54 -30.85 11.30
CA SER D 274 4.17 -29.49 11.71
C SER D 274 5.35 -28.53 11.94
N ASN D 275 6.58 -29.00 11.72
CA ASN D 275 7.71 -28.08 11.86
C ASN D 275 8.78 -28.28 10.78
N ILE D 276 8.75 -29.41 10.09
CA ILE D 276 9.75 -29.68 9.06
C ILE D 276 9.45 -28.94 7.75
N GLY D 277 8.26 -28.34 7.67
CA GLY D 277 7.89 -27.61 6.48
C GLY D 277 6.62 -28.10 5.82
N GLY D 278 5.80 -28.84 6.57
CA GLY D 278 4.56 -29.36 6.04
C GLY D 278 4.74 -30.69 5.33
N TYR D 279 3.72 -31.09 4.57
CA TYR D 279 3.75 -32.34 3.80
C TYR D 279 4.80 -32.22 2.70
N THR D 280 4.93 -31.02 2.14
CA THR D 280 5.89 -30.77 1.08
C THR D 280 7.30 -31.23 1.46
N THR D 281 7.82 -30.72 2.57
CA THR D 281 9.16 -31.08 2.99
C THR D 281 9.21 -32.46 3.61
N PHE D 282 8.13 -32.86 4.25
CA PHE D 282 8.07 -34.17 4.87
C PHE D 282 8.30 -35.27 3.84
N ARG D 283 7.70 -35.11 2.67
CA ARG D 283 7.84 -36.11 1.62
C ARG D 283 9.26 -36.15 1.08
N LYS D 284 9.94 -35.01 1.07
CA LYS D 284 11.31 -34.95 0.58
C LYS D 284 12.22 -35.69 1.56
N VAL D 285 12.01 -35.49 2.86
CA VAL D 285 12.80 -36.16 3.86
C VAL D 285 12.54 -37.65 3.72
N ALA D 286 11.29 -38.01 3.44
CA ALA D 286 10.94 -39.42 3.25
C ALA D 286 11.70 -40.04 2.07
N ALA D 287 11.84 -39.29 0.99
CA ALA D 287 12.57 -39.81 -0.18
C ALA D 287 14.03 -40.08 0.21
N LEU D 288 14.57 -39.19 1.03
CA LEU D 288 15.93 -39.29 1.52
C LEU D 288 16.11 -40.57 2.32
N ALA D 289 15.17 -40.84 3.21
CA ALA D 289 15.23 -42.03 4.03
C ALA D 289 15.15 -43.29 3.17
N GLU D 290 14.25 -43.28 2.20
CA GLU D 290 14.07 -44.42 1.30
C GLU D 290 15.35 -44.68 0.51
N ALA D 291 15.97 -43.63 0.00
CA ALA D 291 17.20 -43.76 -0.78
C ALA D 291 18.34 -44.35 0.04
N ASN D 292 18.29 -44.11 1.35
CA ASN D 292 19.32 -44.61 2.27
C ASN D 292 18.94 -45.89 2.97
N ASN D 293 17.92 -46.56 2.46
CA ASN D 293 17.47 -47.81 3.05
C ASN D 293 17.20 -47.65 4.56
N MSE D 294 16.42 -46.64 4.90
CA MSE D 294 16.06 -46.39 6.29
C MSE D 294 14.55 -46.48 6.40
O MSE D 294 13.85 -46.31 5.40
CB MSE D 294 16.49 -44.98 6.72
CG MSE D 294 17.99 -44.73 6.75
SE MSE D 294 18.37 -42.91 7.25
CE MSE D 294 18.07 -42.04 5.58
N LEU D 295 14.05 -46.76 7.59
CA LEU D 295 12.61 -46.77 7.80
C LEU D 295 12.28 -45.32 8.12
N LEU D 296 11.00 -45.02 8.33
CA LEU D 296 10.60 -43.65 8.62
C LEU D 296 9.51 -43.60 9.67
N THR D 297 9.78 -42.90 10.78
CA THR D 297 8.78 -42.77 11.82
C THR D 297 8.43 -41.30 11.86
N SER D 298 7.70 -40.87 12.88
CA SER D 298 7.29 -39.48 12.95
C SER D 298 7.04 -39.00 14.37
N HIS D 299 6.88 -37.69 14.48
CA HIS D 299 6.62 -37.05 15.76
C HIS D 299 5.51 -36.02 15.62
N GLY D 300 4.58 -36.02 16.56
CA GLY D 300 3.49 -35.06 16.56
C GLY D 300 2.35 -35.20 15.57
N VAL D 301 1.23 -34.56 15.92
CA VAL D 301 0.01 -34.52 15.11
C VAL D 301 -0.22 -35.73 14.21
N HIS D 302 -0.43 -36.90 14.80
CA HIS D 302 -0.63 -38.11 14.02
C HIS D 302 -1.88 -38.08 13.14
N ASP D 303 -2.82 -37.18 13.45
CA ASP D 303 -4.04 -37.04 12.65
C ASP D 303 -3.67 -36.54 11.27
N LEU D 304 -2.71 -35.63 11.22
CA LEU D 304 -2.24 -35.06 9.96
C LEU D 304 -1.19 -35.97 9.34
N THR D 305 -0.29 -36.47 10.19
CA THR D 305 0.81 -37.32 9.77
C THR D 305 0.40 -38.66 9.16
N VAL D 306 -0.72 -39.20 9.61
CA VAL D 306 -1.18 -40.49 9.12
C VAL D 306 -1.18 -40.56 7.59
N HIS D 307 -1.58 -39.48 6.94
CA HIS D 307 -1.60 -39.43 5.50
C HIS D 307 -0.21 -39.56 4.89
N ALA D 308 0.76 -38.91 5.50
CA ALA D 308 2.14 -38.98 5.01
C ALA D 308 2.69 -40.41 5.09
N LEU D 309 2.63 -41.00 6.27
CA LEU D 309 3.15 -42.35 6.45
C LEU D 309 2.37 -43.42 5.70
N ALA D 310 1.13 -43.10 5.35
CA ALA D 310 0.29 -44.04 4.62
C ALA D 310 0.65 -44.03 3.13
N SER D 311 1.41 -43.04 2.70
CA SER D 311 1.82 -42.92 1.29
C SER D 311 3.26 -43.35 1.01
N VAL D 312 3.97 -43.84 2.01
CA VAL D 312 5.33 -44.28 1.82
C VAL D 312 5.45 -45.74 2.22
N PRO D 313 6.30 -46.51 1.52
CA PRO D 313 6.50 -47.93 1.79
C PRO D 313 7.37 -48.28 2.99
N HIS D 314 8.22 -47.34 3.42
CA HIS D 314 9.13 -47.62 4.53
C HIS D 314 8.73 -47.10 5.91
N ARG D 315 7.46 -46.78 6.09
CA ARG D 315 7.02 -46.27 7.38
C ARG D 315 7.13 -47.34 8.47
N THR D 316 7.28 -46.89 9.71
CA THR D 316 7.34 -47.79 10.84
C THR D 316 6.47 -47.14 11.90
N TYR D 317 6.44 -47.69 13.11
CA TYR D 317 5.61 -47.15 14.20
C TYR D 317 5.51 -45.63 14.26
N MSE D 318 4.29 -45.11 14.05
CA MSE D 318 4.05 -43.67 14.11
C MSE D 318 3.62 -43.30 15.54
O MSE D 318 2.88 -44.03 16.19
CB MSE D 318 2.95 -43.29 13.12
CG MSE D 318 2.42 -41.87 13.28
SE MSE D 318 1.06 -41.41 11.99
CE MSE D 318 -0.36 -42.59 12.58
N GLU D 319 4.10 -42.16 16.01
CA GLU D 319 3.76 -41.73 17.36
C GLU D 319 2.34 -41.19 17.52
N ALA D 320 1.68 -41.60 18.61
CA ALA D 320 0.33 -41.16 18.92
C ALA D 320 0.25 -40.75 20.40
N HIS D 321 0.57 -39.50 20.69
CA HIS D 321 0.54 -38.99 22.06
C HIS D 321 -0.86 -38.53 22.46
N MSE D 333 -8.52 -40.68 16.50
CA MSE D 333 -8.66 -41.88 15.70
C MSE D 333 -8.83 -43.12 16.58
O MSE D 333 -8.68 -43.03 17.79
CB MSE D 333 -7.45 -42.08 14.80
CG MSE D 333 -7.36 -41.11 13.64
SE MSE D 333 -5.77 -41.39 12.59
CE MSE D 333 -4.65 -40.09 13.44
N ALA D 334 -9.12 -44.24 15.96
CA ALA D 334 -9.31 -45.48 16.68
C ALA D 334 -8.15 -46.46 16.46
N VAL D 335 -7.45 -46.76 17.54
CA VAL D 335 -6.33 -47.69 17.48
C VAL D 335 -6.87 -49.11 17.60
N THR D 336 -6.64 -49.91 16.56
CA THR D 336 -7.12 -51.28 16.55
C THR D 336 -6.01 -52.25 16.15
N ASP D 337 -5.65 -53.13 17.07
CA ASP D 337 -4.60 -54.12 16.81
C ASP D 337 -3.28 -53.46 16.46
N GLY D 338 -2.96 -52.39 17.19
CA GLY D 338 -1.71 -51.67 16.98
C GLY D 338 -1.65 -50.68 15.84
N CYS D 339 -2.73 -50.57 15.07
CA CYS D 339 -2.76 -49.65 13.95
C CYS D 339 -3.92 -48.67 13.94
N VAL D 340 -3.81 -47.67 13.07
CA VAL D 340 -4.84 -46.66 12.87
C VAL D 340 -5.04 -46.62 11.36
N SER D 341 -6.12 -46.00 10.91
CA SER D 341 -6.39 -45.92 9.48
C SER D 341 -6.65 -44.51 8.99
N ALA D 342 -5.91 -44.11 7.96
CA ALA D 342 -6.08 -42.78 7.39
C ALA D 342 -7.51 -42.75 6.82
N PRO D 343 -8.26 -41.69 7.10
CA PRO D 343 -9.64 -41.60 6.58
C PRO D 343 -9.63 -41.38 5.06
N ASP D 344 -10.74 -41.73 4.41
CA ASP D 344 -10.84 -41.55 2.96
C ASP D 344 -11.57 -40.27 2.60
N ARG D 345 -11.67 -39.35 3.55
CA ARG D 345 -12.35 -38.08 3.32
C ARG D 345 -11.41 -37.15 2.56
N PRO D 346 -11.97 -36.20 1.80
CA PRO D 346 -11.15 -35.27 1.04
C PRO D 346 -10.22 -34.49 1.98
N GLY D 347 -8.98 -34.27 1.54
CA GLY D 347 -8.03 -33.55 2.39
C GLY D 347 -7.50 -34.48 3.48
N HIS D 348 -7.03 -33.92 4.59
CA HIS D 348 -6.51 -34.75 5.68
C HIS D 348 -7.64 -35.30 6.54
N GLY D 349 -8.86 -34.83 6.27
CA GLY D 349 -10.04 -35.30 7.00
C GLY D 349 -10.11 -34.96 8.47
N VAL D 350 -9.37 -33.94 8.90
CA VAL D 350 -9.38 -33.54 10.30
C VAL D 350 -10.28 -32.31 10.47
N VAL D 351 -11.20 -32.39 11.42
CA VAL D 351 -12.10 -31.29 11.69
C VAL D 351 -11.88 -30.85 13.13
N LEU D 352 -11.56 -29.57 13.32
CA LEU D 352 -11.32 -29.04 14.65
C LEU D 352 -12.54 -28.31 15.21
N ASP D 353 -12.99 -28.73 16.38
CA ASP D 353 -14.13 -28.11 17.04
C ASP D 353 -13.61 -26.78 17.56
N PHE D 354 -13.66 -25.74 16.72
CA PHE D 354 -13.17 -24.44 17.13
C PHE D 354 -13.89 -23.91 18.35
N GLU D 355 -15.13 -24.38 18.56
CA GLU D 355 -15.90 -23.96 19.72
C GLU D 355 -15.23 -24.52 20.96
N ARG D 356 -14.79 -25.77 20.86
CA ARG D 356 -14.12 -26.44 21.96
C ARG D 356 -12.73 -25.86 22.18
N LEU D 357 -12.06 -25.49 21.08
CA LEU D 357 -10.73 -24.90 21.17
C LEU D 357 -10.81 -23.59 21.94
N GLY D 358 -11.86 -22.82 21.67
CA GLY D 358 -12.04 -21.55 22.36
C GLY D 358 -12.17 -21.72 23.86
N ARG D 359 -12.82 -22.80 24.28
CA ARG D 359 -13.01 -23.06 25.70
C ARG D 359 -11.73 -23.54 26.37
N LEU D 360 -11.00 -24.40 25.66
CA LEU D 360 -9.74 -24.92 26.17
C LEU D 360 -8.76 -23.78 26.39
NA NA E . -13.37 7.40 -23.27
NA NA F . -22.73 36.75 -8.37
NA NA G . 26.78 -8.39 3.66
NA NA H . 12.71 -36.59 21.71
#